data_5QHM
# 
_entry.id   5QHM 
# 
_audit_conform.dict_name       mmcif_pdbx.dic 
_audit_conform.dict_version    5.397 
_audit_conform.dict_location   http://mmcif.pdb.org/dictionaries/ascii/mmcif_pdbx.dic 
# 
loop_
_database_2.database_id 
_database_2.database_code 
_database_2.pdbx_database_accession 
_database_2.pdbx_DOI 
PDB   5QHM         pdb_00005qhm 10.2210/pdb5qhm/pdb 
WWPDB D_1001401959 ?            ?                   
# 
loop_
_pdbx_audit_revision_history.ordinal 
_pdbx_audit_revision_history.data_content_type 
_pdbx_audit_revision_history.major_revision 
_pdbx_audit_revision_history.minor_revision 
_pdbx_audit_revision_history.revision_date 
1 'Structure model' 1 0 2018-12-19 
2 'Structure model' 1 1 2024-10-16 
# 
_pdbx_audit_revision_details.ordinal             1 
_pdbx_audit_revision_details.revision_ordinal    1 
_pdbx_audit_revision_details.data_content_type   'Structure model' 
_pdbx_audit_revision_details.provider            repository 
_pdbx_audit_revision_details.type                'Initial release' 
_pdbx_audit_revision_details.description         ? 
_pdbx_audit_revision_details.details             ? 
# 
loop_
_pdbx_audit_revision_group.ordinal 
_pdbx_audit_revision_group.revision_ordinal 
_pdbx_audit_revision_group.data_content_type 
_pdbx_audit_revision_group.group 
1 2 'Structure model' 'Data collection'     
2 2 'Structure model' 'Database references' 
3 2 'Structure model' 'Structure summary'   
# 
loop_
_pdbx_audit_revision_category.ordinal 
_pdbx_audit_revision_category.revision_ordinal 
_pdbx_audit_revision_category.data_content_type 
_pdbx_audit_revision_category.category 
1 2 'Structure model' chem_comp_atom            
2 2 'Structure model' chem_comp_bond            
3 2 'Structure model' database_2                
4 2 'Structure model' pdbx_entry_details        
5 2 'Structure model' pdbx_modification_feature 
# 
loop_
_pdbx_audit_revision_item.ordinal 
_pdbx_audit_revision_item.revision_ordinal 
_pdbx_audit_revision_item.data_content_type 
_pdbx_audit_revision_item.item 
1 2 'Structure model' '_database_2.pdbx_DOI'                
2 2 'Structure model' '_database_2.pdbx_database_accession' 
# 
_pdbx_database_status.entry_id                        5QHM 
_pdbx_database_status.status_code                     REL 
_pdbx_database_status.status_code_sf                  REL 
_pdbx_database_status.status_code_mr                  ? 
_pdbx_database_status.status_code_cs                  ? 
_pdbx_database_status.recvd_initial_deposition_date   2018-05-18 
_pdbx_database_status.deposit_site                    RCSB 
_pdbx_database_status.process_site                    RCSB 
_pdbx_database_status.SG_entry                        ? 
_pdbx_database_status.pdb_format_compatible           Y 
_pdbx_database_status.methods_development_category    ? 
_pdbx_database_status.status_code_nmr_data            ? 
# 
loop_
_audit_author.name 
_audit_author.pdbx_ordinal 
_audit_author.identifier_ORCID 
'Pinkas, D.M.'     1  ? 
'Bufton, J.C.'     2  ? 
'Fox, A.E.'        3  ? 
'Talon, R.'        4  ? 
'Krojer, T.'       5  ? 
'Douangamath, A.'  6  ? 
'Collins, P.'      7  ? 
'Zhang, R.'        8  ? 
'von Delft, F.'    9  ? 
'Bountra, C.'      10 ? 
'Arrowsmith, C.H.' 11 ? 
'Edwards, A.'      12 ? 
'Bullock, A.N.'    13 ? 
# 
_citation.id                        primary 
_citation.title                     'PanDDA analysis group deposition of models with modelled events (e.g. bound ligands)' 
_citation.journal_abbrev            'To Be Published' 
_citation.journal_volume            ? 
_citation.page_first                ? 
_citation.page_last                 ? 
_citation.year                      ? 
_citation.journal_id_ASTM           ? 
_citation.country                   ? 
_citation.journal_id_ISSN           ? 
_citation.journal_id_CSD            0353 
_citation.book_publisher            ? 
_citation.pdbx_database_id_PubMed   ? 
_citation.pdbx_database_id_DOI      ? 
# 
loop_
_citation_author.citation_id 
_citation_author.name 
_citation_author.ordinal 
_citation_author.identifier_ORCID 
primary 'Pinkas, D.M.'     1  ? 
primary 'Bufton, J.C.'     2  ? 
primary 'Fox, A.E.'        3  ? 
primary 'Talon, R.'        4  ? 
primary 'Krojer, T.'       5  ? 
primary 'Douangamath, A.'  6  ? 
primary 'Collins, P.'      7  ? 
primary 'Zhang, R.'        8  ? 
primary 'von Delft, F.'    9  ? 
primary 'Bountra, C.'      10 ? 
primary 'Arrowsmith, C.H.' 11 ? 
primary 'Edwards, A.'      12 ? 
primary 'Bullock, A.N.'    13 ? 
# 
loop_
_entity.id 
_entity.type 
_entity.src_method 
_entity.pdbx_description 
_entity.formula_weight 
_entity.pdbx_number_of_molecules 
_entity.pdbx_ec 
_entity.pdbx_mutation 
_entity.pdbx_fragment 
_entity.details 
1 polymer     man 'Protein FAM83B'                      20783.109 1  ? ? ? ? 
2 non-polymer syn 1,2-ETHANEDIOL                        62.068    2  ? ? ? ? 
3 non-polymer syn 1-methyl-3-oxidanyl-pyridine-2-thione 141.191   1  ? ? ? ? 
4 water       nat water                                 18.015    90 ? ? ? ? 
# 
_entity_poly.entity_id                      1 
_entity_poly.type                           'polypeptide(L)' 
_entity_poly.nstd_linkage                   no 
_entity_poly.nstd_monomer                   no 
_entity_poly.pdbx_seq_one_letter_code       
;SMGGTHIDLLFHPPRAHLLTIKETIRKMIKEARKVIALVMDIFTDVDIFKEIVEASTRGVSVYILLDESNFNHFLNMTEK
QGCSVQRLRNIRVRTVKGQDYLSKTGAKFHGKMEQKFLLVDCQKVMYGSYSYMWSFEKAHLSMVQIITGQLVESFDEEFR
TLYARSCVPSSFAQEESARV
;
_entity_poly.pdbx_seq_one_letter_code_can   
;SMGGTHIDLLFHPPRAHLLTIKETIRKMIKEARKVIALVMDIFTDVDIFKEIVEASTRGVSVYILLDESNFNHFLNMTEK
QGCSVQRLRNIRVRTVKGQDYLSKTGAKFHGKMEQKFLLVDCQKVMYGSYSYMWSFEKAHLSMVQIITGQLVESFDEEFR
TLYARSCVPSSFAQEESARV
;
_entity_poly.pdbx_strand_id                 A 
_entity_poly.pdbx_target_identifier         ? 
# 
loop_
_pdbx_entity_nonpoly.entity_id 
_pdbx_entity_nonpoly.name 
_pdbx_entity_nonpoly.comp_id 
2 1,2-ETHANEDIOL                        EDO 
3 1-methyl-3-oxidanyl-pyridine-2-thione GQA 
4 water                                 HOH 
# 
loop_
_entity_poly_seq.entity_id 
_entity_poly_seq.num 
_entity_poly_seq.mon_id 
_entity_poly_seq.hetero 
1 1   SER n 
1 2   MET n 
1 3   GLY n 
1 4   GLY n 
1 5   THR n 
1 6   HIS n 
1 7   ILE n 
1 8   ASP n 
1 9   LEU n 
1 10  LEU n 
1 11  PHE n 
1 12  HIS n 
1 13  PRO n 
1 14  PRO n 
1 15  ARG n 
1 16  ALA n 
1 17  HIS n 
1 18  LEU n 
1 19  LEU n 
1 20  THR n 
1 21  ILE n 
1 22  LYS n 
1 23  GLU n 
1 24  THR n 
1 25  ILE n 
1 26  ARG n 
1 27  LYS n 
1 28  MET n 
1 29  ILE n 
1 30  LYS n 
1 31  GLU n 
1 32  ALA n 
1 33  ARG n 
1 34  LYS n 
1 35  VAL n 
1 36  ILE n 
1 37  ALA n 
1 38  LEU n 
1 39  VAL n 
1 40  MET n 
1 41  ASP n 
1 42  ILE n 
1 43  PHE n 
1 44  THR n 
1 45  ASP n 
1 46  VAL n 
1 47  ASP n 
1 48  ILE n 
1 49  PHE n 
1 50  LYS n 
1 51  GLU n 
1 52  ILE n 
1 53  VAL n 
1 54  GLU n 
1 55  ALA n 
1 56  SER n 
1 57  THR n 
1 58  ARG n 
1 59  GLY n 
1 60  VAL n 
1 61  SER n 
1 62  VAL n 
1 63  TYR n 
1 64  ILE n 
1 65  LEU n 
1 66  LEU n 
1 67  ASP n 
1 68  GLU n 
1 69  SER n 
1 70  ASN n 
1 71  PHE n 
1 72  ASN n 
1 73  HIS n 
1 74  PHE n 
1 75  LEU n 
1 76  ASN n 
1 77  MET n 
1 78  THR n 
1 79  GLU n 
1 80  LYS n 
1 81  GLN n 
1 82  GLY n 
1 83  CYS n 
1 84  SER n 
1 85  VAL n 
1 86  GLN n 
1 87  ARG n 
1 88  LEU n 
1 89  ARG n 
1 90  ASN n 
1 91  ILE n 
1 92  ARG n 
1 93  VAL n 
1 94  ARG n 
1 95  THR n 
1 96  VAL n 
1 97  LYS n 
1 98  GLY n 
1 99  GLN n 
1 100 ASP n 
1 101 TYR n 
1 102 LEU n 
1 103 SER n 
1 104 LYS n 
1 105 THR n 
1 106 GLY n 
1 107 ALA n 
1 108 LYS n 
1 109 PHE n 
1 110 HIS n 
1 111 GLY n 
1 112 LYS n 
1 113 MET n 
1 114 GLU n 
1 115 GLN n 
1 116 LYS n 
1 117 PHE n 
1 118 LEU n 
1 119 LEU n 
1 120 VAL n 
1 121 ASP n 
1 122 CYS n 
1 123 GLN n 
1 124 LYS n 
1 125 VAL n 
1 126 MET n 
1 127 TYR n 
1 128 GLY n 
1 129 SER n 
1 130 TYR n 
1 131 SER n 
1 132 TYR n 
1 133 MET n 
1 134 TRP n 
1 135 SER n 
1 136 PHE n 
1 137 GLU n 
1 138 LYS n 
1 139 ALA n 
1 140 HIS n 
1 141 LEU n 
1 142 SER n 
1 143 MET n 
1 144 VAL n 
1 145 GLN n 
1 146 ILE n 
1 147 ILE n 
1 148 THR n 
1 149 GLY n 
1 150 GLN n 
1 151 LEU n 
1 152 VAL n 
1 153 GLU n 
1 154 SER n 
1 155 PHE n 
1 156 ASP n 
1 157 GLU n 
1 158 GLU n 
1 159 PHE n 
1 160 ARG n 
1 161 THR n 
1 162 LEU n 
1 163 TYR n 
1 164 ALA n 
1 165 ARG n 
1 166 SER n 
1 167 CYS n 
1 168 VAL n 
1 169 PRO n 
1 170 SER n 
1 171 SER n 
1 172 PHE n 
1 173 ALA n 
1 174 GLN n 
1 175 GLU n 
1 176 GLU n 
1 177 SER n 
1 178 ALA n 
1 179 ARG n 
1 180 VAL n 
# 
_entity_src_gen.entity_id                          1 
_entity_src_gen.pdbx_src_id                        1 
_entity_src_gen.pdbx_alt_source_flag               sample 
_entity_src_gen.pdbx_seq_type                      'Biological sequence' 
_entity_src_gen.pdbx_beg_seq_num                   1 
_entity_src_gen.pdbx_end_seq_num                   180 
_entity_src_gen.gene_src_common_name               Human 
_entity_src_gen.gene_src_genus                     ? 
_entity_src_gen.pdbx_gene_src_gene                 'FAM83B, C6orf143' 
_entity_src_gen.gene_src_species                   ? 
_entity_src_gen.gene_src_strain                    ? 
_entity_src_gen.gene_src_tissue                    ? 
_entity_src_gen.gene_src_tissue_fraction           ? 
_entity_src_gen.gene_src_details                   ? 
_entity_src_gen.pdbx_gene_src_fragment             ? 
_entity_src_gen.pdbx_gene_src_scientific_name      'Homo sapiens' 
_entity_src_gen.pdbx_gene_src_ncbi_taxonomy_id     9606 
_entity_src_gen.pdbx_gene_src_variant              ? 
_entity_src_gen.pdbx_gene_src_cell_line            ? 
_entity_src_gen.pdbx_gene_src_atcc                 ? 
_entity_src_gen.pdbx_gene_src_organ                ? 
_entity_src_gen.pdbx_gene_src_organelle            ? 
_entity_src_gen.pdbx_gene_src_cell                 ? 
_entity_src_gen.pdbx_gene_src_cellular_location    ? 
_entity_src_gen.host_org_common_name               ? 
_entity_src_gen.pdbx_host_org_scientific_name      'Escherichia coli' 
_entity_src_gen.pdbx_host_org_ncbi_taxonomy_id     562 
_entity_src_gen.host_org_genus                     ? 
_entity_src_gen.pdbx_host_org_gene                 ? 
_entity_src_gen.pdbx_host_org_organ                ? 
_entity_src_gen.host_org_species                   ? 
_entity_src_gen.pdbx_host_org_tissue               ? 
_entity_src_gen.pdbx_host_org_tissue_fraction      ? 
_entity_src_gen.pdbx_host_org_strain               ? 
_entity_src_gen.pdbx_host_org_variant              ? 
_entity_src_gen.pdbx_host_org_cell_line            ? 
_entity_src_gen.pdbx_host_org_atcc                 ? 
_entity_src_gen.pdbx_host_org_culture_collection   ? 
_entity_src_gen.pdbx_host_org_cell                 ? 
_entity_src_gen.pdbx_host_org_organelle            ? 
_entity_src_gen.pdbx_host_org_cellular_location    ? 
_entity_src_gen.pdbx_host_org_vector_type          ? 
_entity_src_gen.pdbx_host_org_vector               ? 
_entity_src_gen.host_org_details                   ? 
_entity_src_gen.expression_system_id               ? 
_entity_src_gen.plasmid_name                       ? 
_entity_src_gen.plasmid_details                    ? 
_entity_src_gen.pdbx_description                   ? 
# 
loop_
_chem_comp.id 
_chem_comp.type 
_chem_comp.mon_nstd_flag 
_chem_comp.name 
_chem_comp.pdbx_synonyms 
_chem_comp.formula 
_chem_comp.formula_weight 
ALA 'L-peptide linking' y ALANINE                               ?                 'C3 H7 N O2'     89.093  
ARG 'L-peptide linking' y ARGININE                              ?                 'C6 H15 N4 O2 1' 175.209 
ASN 'L-peptide linking' y ASPARAGINE                            ?                 'C4 H8 N2 O3'    132.118 
ASP 'L-peptide linking' y 'ASPARTIC ACID'                       ?                 'C4 H7 N O4'     133.103 
CYS 'L-peptide linking' y CYSTEINE                              ?                 'C3 H7 N O2 S'   121.158 
EDO non-polymer         . 1,2-ETHANEDIOL                        'ETHYLENE GLYCOL' 'C2 H6 O2'       62.068  
GLN 'L-peptide linking' y GLUTAMINE                             ?                 'C5 H10 N2 O3'   146.144 
GLU 'L-peptide linking' y 'GLUTAMIC ACID'                       ?                 'C5 H9 N O4'     147.129 
GLY 'peptide linking'   y GLYCINE                               ?                 'C2 H5 N O2'     75.067  
GQA non-polymer         . 1-methyl-3-oxidanyl-pyridine-2-thione ?                 'C6 H7 N O S'    141.191 
HIS 'L-peptide linking' y HISTIDINE                             ?                 'C6 H10 N3 O2 1' 156.162 
HOH non-polymer         . WATER                                 ?                 'H2 O'           18.015  
ILE 'L-peptide linking' y ISOLEUCINE                            ?                 'C6 H13 N O2'    131.173 
LEU 'L-peptide linking' y LEUCINE                               ?                 'C6 H13 N O2'    131.173 
LYS 'L-peptide linking' y LYSINE                                ?                 'C6 H15 N2 O2 1' 147.195 
MET 'L-peptide linking' y METHIONINE                            ?                 'C5 H11 N O2 S'  149.211 
PHE 'L-peptide linking' y PHENYLALANINE                         ?                 'C9 H11 N O2'    165.189 
PRO 'L-peptide linking' y PROLINE                               ?                 'C5 H9 N O2'     115.130 
SER 'L-peptide linking' y SERINE                                ?                 'C3 H7 N O3'     105.093 
THR 'L-peptide linking' y THREONINE                             ?                 'C4 H9 N O3'     119.119 
TRP 'L-peptide linking' y TRYPTOPHAN                            ?                 'C11 H12 N2 O2'  204.225 
TYR 'L-peptide linking' y TYROSINE                              ?                 'C9 H11 N O3'    181.189 
VAL 'L-peptide linking' y VALINE                                ?                 'C5 H11 N O2'    117.146 
# 
loop_
_pdbx_poly_seq_scheme.asym_id 
_pdbx_poly_seq_scheme.entity_id 
_pdbx_poly_seq_scheme.seq_id 
_pdbx_poly_seq_scheme.mon_id 
_pdbx_poly_seq_scheme.ndb_seq_num 
_pdbx_poly_seq_scheme.pdb_seq_num 
_pdbx_poly_seq_scheme.auth_seq_num 
_pdbx_poly_seq_scheme.pdb_mon_id 
_pdbx_poly_seq_scheme.auth_mon_id 
_pdbx_poly_seq_scheme.pdb_strand_id 
_pdbx_poly_seq_scheme.pdb_ins_code 
_pdbx_poly_seq_scheme.hetero 
A 1 1   SER 1   1   ?   ?   ?   A . n 
A 1 2   MET 2   2   ?   ?   ?   A . n 
A 1 3   GLY 3   3   3   GLY GLY A . n 
A 1 4   GLY 4   4   4   GLY GLY A . n 
A 1 5   THR 5   5   5   THR THR A . n 
A 1 6   HIS 6   6   6   HIS HIS A . n 
A 1 7   ILE 7   7   7   ILE ILE A . n 
A 1 8   ASP 8   8   8   ASP ASP A . n 
A 1 9   LEU 9   9   9   LEU LEU A . n 
A 1 10  LEU 10  10  10  LEU LEU A . n 
A 1 11  PHE 11  11  11  PHE PHE A . n 
A 1 12  HIS 12  12  12  HIS HIS A . n 
A 1 13  PRO 13  13  13  PRO PRO A . n 
A 1 14  PRO 14  14  14  PRO PRO A . n 
A 1 15  ARG 15  15  15  ARG ARG A . n 
A 1 16  ALA 16  16  16  ALA ALA A . n 
A 1 17  HIS 17  17  17  HIS HIS A . n 
A 1 18  LEU 18  18  18  LEU LEU A . n 
A 1 19  LEU 19  19  19  LEU LEU A . n 
A 1 20  THR 20  20  20  THR THR A . n 
A 1 21  ILE 21  21  21  ILE ILE A . n 
A 1 22  LYS 22  22  22  LYS LYS A . n 
A 1 23  GLU 23  23  23  GLU GLU A . n 
A 1 24  THR 24  24  24  THR THR A . n 
A 1 25  ILE 25  25  25  ILE ILE A . n 
A 1 26  ARG 26  26  26  ARG ARG A . n 
A 1 27  LYS 27  27  27  LYS LYS A . n 
A 1 28  MET 28  28  28  MET MET A . n 
A 1 29  ILE 29  29  29  ILE ILE A . n 
A 1 30  LYS 30  30  30  LYS LYS A . n 
A 1 31  GLU 31  31  31  GLU GLU A . n 
A 1 32  ALA 32  32  32  ALA ALA A . n 
A 1 33  ARG 33  33  33  ARG ARG A . n 
A 1 34  LYS 34  34  34  LYS LYS A . n 
A 1 35  VAL 35  35  35  VAL VAL A . n 
A 1 36  ILE 36  36  36  ILE ILE A . n 
A 1 37  ALA 37  37  37  ALA ALA A . n 
A 1 38  LEU 38  38  38  LEU LEU A . n 
A 1 39  VAL 39  39  39  VAL VAL A . n 
A 1 40  MET 40  40  40  MET MET A . n 
A 1 41  ASP 41  41  41  ASP ASP A . n 
A 1 42  ILE 42  42  42  ILE ILE A . n 
A 1 43  PHE 43  43  43  PHE PHE A . n 
A 1 44  THR 44  44  44  THR THR A . n 
A 1 45  ASP 45  45  45  ASP ASP A . n 
A 1 46  VAL 46  46  46  VAL VAL A . n 
A 1 47  ASP 47  47  47  ASP ASP A . n 
A 1 48  ILE 48  48  48  ILE ILE A . n 
A 1 49  PHE 49  49  49  PHE PHE A . n 
A 1 50  LYS 50  50  50  LYS LYS A . n 
A 1 51  GLU 51  51  51  GLU GLU A . n 
A 1 52  ILE 52  52  52  ILE ILE A . n 
A 1 53  VAL 53  53  53  VAL VAL A . n 
A 1 54  GLU 54  54  54  GLU GLU A . n 
A 1 55  ALA 55  55  55  ALA ALA A . n 
A 1 56  SER 56  56  56  SER SER A . n 
A 1 57  THR 57  57  57  THR THR A . n 
A 1 58  ARG 58  58  58  ARG ARG A . n 
A 1 59  GLY 59  59  59  GLY GLY A . n 
A 1 60  VAL 60  60  60  VAL VAL A . n 
A 1 61  SER 61  61  61  SER SER A . n 
A 1 62  VAL 62  62  62  VAL VAL A . n 
A 1 63  TYR 63  63  63  TYR TYR A . n 
A 1 64  ILE 64  64  64  ILE ILE A . n 
A 1 65  LEU 65  65  65  LEU LEU A . n 
A 1 66  LEU 66  66  66  LEU LEU A . n 
A 1 67  ASP 67  67  67  ASP ASP A . n 
A 1 68  GLU 68  68  68  GLU GLU A . n 
A 1 69  SER 69  69  69  SER SER A . n 
A 1 70  ASN 70  70  70  ASN ASN A . n 
A 1 71  PHE 71  71  71  PHE PHE A . n 
A 1 72  ASN 72  72  72  ASN ASN A . n 
A 1 73  HIS 73  73  73  HIS HIS A . n 
A 1 74  PHE 74  74  74  PHE PHE A . n 
A 1 75  LEU 75  75  75  LEU LEU A . n 
A 1 76  ASN 76  76  76  ASN ASN A . n 
A 1 77  MET 77  77  77  MET MET A . n 
A 1 78  THR 78  78  78  THR THR A . n 
A 1 79  GLU 79  79  79  GLU GLU A . n 
A 1 80  LYS 80  80  80  LYS LYS A . n 
A 1 81  GLN 81  81  81  GLN GLN A . n 
A 1 82  GLY 82  82  82  GLY GLY A . n 
A 1 83  CYS 83  83  83  CYS CYS A . n 
A 1 84  SER 84  84  84  SER SER A . n 
A 1 85  VAL 85  85  85  VAL VAL A . n 
A 1 86  GLN 86  86  86  GLN GLN A . n 
A 1 87  ARG 87  87  87  ARG ARG A . n 
A 1 88  LEU 88  88  88  LEU LEU A . n 
A 1 89  ARG 89  89  89  ARG ARG A . n 
A 1 90  ASN 90  90  90  ASN ASN A . n 
A 1 91  ILE 91  91  91  ILE ILE A . n 
A 1 92  ARG 92  92  92  ARG ARG A . n 
A 1 93  VAL 93  93  93  VAL VAL A . n 
A 1 94  ARG 94  94  94  ARG ARG A . n 
A 1 95  THR 95  95  95  THR THR A . n 
A 1 96  VAL 96  96  96  VAL VAL A . n 
A 1 97  LYS 97  97  97  LYS LYS A . n 
A 1 98  GLY 98  98  98  GLY GLY A . n 
A 1 99  GLN 99  99  99  GLN GLN A . n 
A 1 100 ASP 100 100 100 ASP ASP A . n 
A 1 101 TYR 101 101 101 TYR TYR A . n 
A 1 102 LEU 102 102 ?   ?   ?   A . n 
A 1 103 SER 103 103 ?   ?   ?   A . n 
A 1 104 LYS 104 104 ?   ?   ?   A . n 
A 1 105 THR 105 105 ?   ?   ?   A . n 
A 1 106 GLY 106 106 ?   ?   ?   A . n 
A 1 107 ALA 107 107 ?   ?   ?   A . n 
A 1 108 LYS 108 108 ?   ?   ?   A . n 
A 1 109 PHE 109 109 109 PHE PHE A . n 
A 1 110 HIS 110 110 110 HIS HIS A . n 
A 1 111 GLY 111 111 111 GLY GLY A . n 
A 1 112 LYS 112 112 112 LYS LYS A . n 
A 1 113 MET 113 113 113 MET MET A . n 
A 1 114 GLU 114 114 114 GLU GLU A . n 
A 1 115 GLN 115 115 115 GLN GLN A . n 
A 1 116 LYS 116 116 116 LYS LYS A . n 
A 1 117 PHE 117 117 117 PHE PHE A . n 
A 1 118 LEU 118 118 118 LEU LEU A . n 
A 1 119 LEU 119 119 119 LEU LEU A . n 
A 1 120 VAL 120 120 120 VAL VAL A . n 
A 1 121 ASP 121 121 121 ASP ASP A . n 
A 1 122 CYS 122 122 122 CYS CYS A . n 
A 1 123 GLN 123 123 123 GLN GLN A . n 
A 1 124 LYS 124 124 124 LYS LYS A . n 
A 1 125 VAL 125 125 125 VAL VAL A . n 
A 1 126 MET 126 126 126 MET MET A . n 
A 1 127 TYR 127 127 127 TYR TYR A . n 
A 1 128 GLY 128 128 128 GLY GLY A . n 
A 1 129 SER 129 129 129 SER SER A . n 
A 1 130 TYR 130 130 130 TYR TYR A . n 
A 1 131 SER 131 131 131 SER SER A . n 
A 1 132 TYR 132 132 132 TYR TYR A . n 
A 1 133 MET 133 133 133 MET MET A . n 
A 1 134 TRP 134 134 134 TRP TRP A . n 
A 1 135 SER 135 135 135 SER SER A . n 
A 1 136 PHE 136 136 136 PHE PHE A . n 
A 1 137 GLU 137 137 137 GLU GLU A . n 
A 1 138 LYS 138 138 138 LYS LYS A . n 
A 1 139 ALA 139 139 139 ALA ALA A . n 
A 1 140 HIS 140 140 140 HIS HIS A . n 
A 1 141 LEU 141 141 141 LEU LEU A . n 
A 1 142 SER 142 142 142 SER SER A . n 
A 1 143 MET 143 143 143 MET MET A . n 
A 1 144 VAL 144 144 144 VAL VAL A . n 
A 1 145 GLN 145 145 145 GLN GLN A . n 
A 1 146 ILE 146 146 146 ILE ILE A . n 
A 1 147 ILE 147 147 147 ILE ILE A . n 
A 1 148 THR 148 148 148 THR THR A . n 
A 1 149 GLY 149 149 149 GLY GLY A . n 
A 1 150 GLN 150 150 150 GLN GLN A . n 
A 1 151 LEU 151 151 151 LEU LEU A . n 
A 1 152 VAL 152 152 152 VAL VAL A . n 
A 1 153 GLU 153 153 153 GLU GLU A . n 
A 1 154 SER 154 154 154 SER SER A . n 
A 1 155 PHE 155 155 155 PHE PHE A . n 
A 1 156 ASP 156 156 156 ASP ASP A . n 
A 1 157 GLU 157 157 157 GLU GLU A . n 
A 1 158 GLU 158 158 158 GLU GLU A . n 
A 1 159 PHE 159 159 159 PHE PHE A . n 
A 1 160 ARG 160 160 160 ARG ARG A . n 
A 1 161 THR 161 161 161 THR THR A . n 
A 1 162 LEU 162 162 162 LEU LEU A . n 
A 1 163 TYR 163 163 163 TYR TYR A . n 
A 1 164 ALA 164 164 164 ALA ALA A . n 
A 1 165 ARG 165 165 165 ARG ARG A . n 
A 1 166 SER 166 166 166 SER SER A . n 
A 1 167 CYS 167 167 167 CYS CYS A . n 
A 1 168 VAL 168 168 168 VAL VAL A . n 
A 1 169 PRO 169 169 169 PRO PRO A . n 
A 1 170 SER 170 170 170 SER SER A . n 
A 1 171 SER 171 171 171 SER SER A . n 
A 1 172 PHE 172 172 172 PHE PHE A . n 
A 1 173 ALA 173 173 173 ALA ALA A . n 
A 1 174 GLN 174 174 ?   ?   ?   A . n 
A 1 175 GLU 175 175 ?   ?   ?   A . n 
A 1 176 GLU 176 176 ?   ?   ?   A . n 
A 1 177 SER 177 177 ?   ?   ?   A . n 
A 1 178 ALA 178 178 ?   ?   ?   A . n 
A 1 179 ARG 179 179 ?   ?   ?   A . n 
A 1 180 VAL 180 180 ?   ?   ?   A . n 
# 
loop_
_pdbx_nonpoly_scheme.asym_id 
_pdbx_nonpoly_scheme.entity_id 
_pdbx_nonpoly_scheme.mon_id 
_pdbx_nonpoly_scheme.ndb_seq_num 
_pdbx_nonpoly_scheme.pdb_seq_num 
_pdbx_nonpoly_scheme.auth_seq_num 
_pdbx_nonpoly_scheme.pdb_mon_id 
_pdbx_nonpoly_scheme.auth_mon_id 
_pdbx_nonpoly_scheme.pdb_strand_id 
_pdbx_nonpoly_scheme.pdb_ins_code 
B 2 EDO 1  201 1  EDO EDO A . 
C 2 EDO 1  202 2  EDO EDO A . 
D 3 GQA 1  203 1  GQA LIG A . 
E 4 HOH 1  301 97 HOH HOH A . 
E 4 HOH 2  302 64 HOH HOH A . 
E 4 HOH 3  303 79 HOH HOH A . 
E 4 HOH 4  304 21 HOH HOH A . 
E 4 HOH 5  305 83 HOH HOH A . 
E 4 HOH 6  306 61 HOH HOH A . 
E 4 HOH 7  307 30 HOH HOH A . 
E 4 HOH 8  308 49 HOH HOH A . 
E 4 HOH 9  309 42 HOH HOH A . 
E 4 HOH 10 310 39 HOH HOH A . 
E 4 HOH 11 311 12 HOH HOH A . 
E 4 HOH 12 312 19 HOH HOH A . 
E 4 HOH 13 313 94 HOH HOH A . 
E 4 HOH 14 314 3  HOH HOH A . 
E 4 HOH 15 315 59 HOH HOH A . 
E 4 HOH 16 316 29 HOH HOH A . 
E 4 HOH 17 317 46 HOH HOH A . 
E 4 HOH 18 318 26 HOH HOH A . 
E 4 HOH 19 319 95 HOH HOH A . 
E 4 HOH 20 320 91 HOH HOH A . 
E 4 HOH 21 321 86 HOH HOH A . 
E 4 HOH 22 322 88 HOH HOH A . 
E 4 HOH 23 323 50 HOH HOH A . 
E 4 HOH 24 324 69 HOH HOH A . 
E 4 HOH 25 325 2  HOH HOH A . 
E 4 HOH 26 326 51 HOH HOH A . 
E 4 HOH 27 327 36 HOH HOH A . 
E 4 HOH 28 328 6  HOH HOH A . 
E 4 HOH 29 329 4  HOH HOH A . 
E 4 HOH 30 330 55 HOH HOH A . 
E 4 HOH 31 331 7  HOH HOH A . 
E 4 HOH 32 332 9  HOH HOH A . 
E 4 HOH 33 333 37 HOH HOH A . 
E 4 HOH 34 334 13 HOH HOH A . 
E 4 HOH 35 335 87 HOH HOH A . 
E 4 HOH 36 336 58 HOH HOH A . 
E 4 HOH 37 337 56 HOH HOH A . 
E 4 HOH 38 338 1  HOH HOH A . 
E 4 HOH 39 339 22 HOH HOH A . 
E 4 HOH 40 340 10 HOH HOH A . 
E 4 HOH 41 341 8  HOH HOH A . 
E 4 HOH 42 342 17 HOH HOH A . 
E 4 HOH 43 343 82 HOH HOH A . 
E 4 HOH 44 344 23 HOH HOH A . 
E 4 HOH 45 345 68 HOH HOH A . 
E 4 HOH 46 346 96 HOH HOH A . 
E 4 HOH 47 347 77 HOH HOH A . 
E 4 HOH 48 348 40 HOH HOH A . 
E 4 HOH 49 349 11 HOH HOH A . 
E 4 HOH 50 350 20 HOH HOH A . 
E 4 HOH 51 351 66 HOH HOH A . 
E 4 HOH 52 352 44 HOH HOH A . 
E 4 HOH 53 353 81 HOH HOH A . 
E 4 HOH 54 354 15 HOH HOH A . 
E 4 HOH 55 355 90 HOH HOH A . 
E 4 HOH 56 356 5  HOH HOH A . 
E 4 HOH 57 357 24 HOH HOH A . 
E 4 HOH 58 358 71 HOH HOH A . 
E 4 HOH 59 359 60 HOH HOH A . 
E 4 HOH 60 360 93 HOH HOH A . 
E 4 HOH 61 361 48 HOH HOH A . 
E 4 HOH 62 362 80 HOH HOH A . 
E 4 HOH 63 363 62 HOH HOH A . 
E 4 HOH 64 364 63 HOH HOH A . 
E 4 HOH 65 365 31 HOH HOH A . 
E 4 HOH 66 366 72 HOH HOH A . 
E 4 HOH 67 367 33 HOH HOH A . 
E 4 HOH 68 368 14 HOH HOH A . 
E 4 HOH 69 369 78 HOH HOH A . 
E 4 HOH 70 370 18 HOH HOH A . 
E 4 HOH 71 371 16 HOH HOH A . 
E 4 HOH 72 372 65 HOH HOH A . 
E 4 HOH 73 373 98 HOH HOH A . 
E 4 HOH 74 374 45 HOH HOH A . 
E 4 HOH 75 375 84 HOH HOH A . 
E 4 HOH 76 376 53 HOH HOH A . 
E 4 HOH 77 377 35 HOH HOH A . 
E 4 HOH 78 378 28 HOH HOH A . 
E 4 HOH 79 379 34 HOH HOH A . 
E 4 HOH 80 380 41 HOH HOH A . 
E 4 HOH 81 381 67 HOH HOH A . 
E 4 HOH 82 382 38 HOH HOH A . 
E 4 HOH 83 383 32 HOH HOH A . 
E 4 HOH 84 384 73 HOH HOH A . 
E 4 HOH 85 385 70 HOH HOH A . 
E 4 HOH 86 386 89 HOH HOH A . 
E 4 HOH 87 387 52 HOH HOH A . 
E 4 HOH 88 388 85 HOH HOH A . 
E 4 HOH 89 389 92 HOH HOH A . 
E 4 HOH 90 390 76 HOH HOH A . 
# 
loop_
_pdbx_unobs_or_zero_occ_atoms.id 
_pdbx_unobs_or_zero_occ_atoms.PDB_model_num 
_pdbx_unobs_or_zero_occ_atoms.polymer_flag 
_pdbx_unobs_or_zero_occ_atoms.occupancy_flag 
_pdbx_unobs_or_zero_occ_atoms.auth_asym_id 
_pdbx_unobs_or_zero_occ_atoms.auth_comp_id 
_pdbx_unobs_or_zero_occ_atoms.auth_seq_id 
_pdbx_unobs_or_zero_occ_atoms.PDB_ins_code 
_pdbx_unobs_or_zero_occ_atoms.auth_atom_id 
_pdbx_unobs_or_zero_occ_atoms.label_alt_id 
_pdbx_unobs_or_zero_occ_atoms.label_asym_id 
_pdbx_unobs_or_zero_occ_atoms.label_comp_id 
_pdbx_unobs_or_zero_occ_atoms.label_seq_id 
_pdbx_unobs_or_zero_occ_atoms.label_atom_id 
1 1 Y 1 A ARG 89 ? CG  ? A ARG 89 CG  
2 1 Y 1 A ARG 89 ? CD  ? A ARG 89 CD  
3 1 Y 1 A ARG 89 ? NE  ? A ARG 89 NE  
4 1 Y 1 A ARG 89 ? CZ  ? A ARG 89 CZ  
5 1 Y 1 A ARG 89 ? NH1 ? A ARG 89 NH1 
6 1 Y 1 A ARG 89 ? NH2 ? A ARG 89 NH2 
# 
loop_
_software.pdbx_ordinal 
_software.name 
_software.version 
_software.date 
_software.type 
_software.contact_author 
_software.contact_author_email 
_software.classification 
_software.location 
_software.language 
_software.citation_id 
1 REFMAC      5.8.0189 ?               program 'Garib N. Murshudov' garib@ysbl.york.ac.uk    refinement        
http://www.ccp4.ac.uk/dist/html/refmac5.html        Fortran_77 ? 
2 Aimless     0.5.32   29/03/17        program 'Phil Evans'         ?                        'data scaling'    
http://www.mrc-lmb.cam.ac.uk/harry/pre/aimless.html ?          ? 
3 PDB_EXTRACT 3.23     'SEP. 23, 2016' package PDB                  deposit@deposit.rcsb.org 'data extraction' 
http://sw-tools.pdb.org/apps/PDB_EXTRACT/           C++        ? 
4 XDS         .        ?               program ?                    ?                        'data reduction'  ? ?          ? 
5 REFMAC      .        ?               program ?                    ?                        phasing           ? ?          ? 
# 
_cell.entry_id           5QHM 
_cell.length_a           50.600 
_cell.length_b           50.600 
_cell.length_c           153.268 
_cell.angle_alpha        90.000 
_cell.angle_beta         90.000 
_cell.angle_gamma        90.000 
_cell.Z_PDB              8 
_cell.pdbx_unique_axis   ? 
# 
_symmetry.entry_id                         5QHM 
_symmetry.Int_Tables_number                91 
_symmetry.space_group_name_H-M             'P 41 2 2' 
_symmetry.pdbx_full_space_group_name_H-M   ? 
_symmetry.cell_setting                     ? 
# 
_exptl.crystals_number   1 
_exptl.entry_id          5QHM 
_exptl.method            'X-RAY DIFFRACTION' 
# 
_exptl_crystal.id                    1 
_exptl_crystal.pdbx_mosaicity        0.000 
_exptl_crystal.pdbx_mosaicity_esd    ? 
_exptl_crystal.density_Matthews      2.36 
_exptl_crystal.density_diffrn        ? 
_exptl_crystal.density_meas          ? 
_exptl_crystal.density_meas_temp     ? 
_exptl_crystal.density_percent_sol   47.89 
_exptl_crystal.size_max              ? 
_exptl_crystal.size_mid              ? 
_exptl_crystal.size_min              ? 
_exptl_crystal.size_rad              ? 
_exptl_crystal.description           ? 
# 
_exptl_crystal_grow.crystal_id      1 
_exptl_crystal_grow.method          'VAPOR DIFFUSION, SITTING DROP' 
_exptl_crystal_grow.pH              7.0 
_exptl_crystal_grow.temp            293 
_exptl_crystal_grow.pdbx_details    '27.3% Tacsimate pH 7.0, 0.15 M NaCl' 
_exptl_crystal_grow.temp_details    ? 
_exptl_crystal_grow.pdbx_pH_range   ? 
# 
_diffrn.id                     1 
_diffrn.ambient_temp           100 
_diffrn.crystal_id             1 
_diffrn.ambient_temp_details   ? 
# 
_diffrn_detector.detector               PIXEL 
_diffrn_detector.type                   'DECTRIS PILATUS 6M' 
_diffrn_detector.pdbx_collection_date   2017-08-03 
_diffrn_detector.diffrn_id              1 
_diffrn_detector.details                ? 
# 
_diffrn_radiation.diffrn_id                        1 
_diffrn_radiation.wavelength_id                    1 
_diffrn_radiation.pdbx_diffrn_protocol             'SINGLE WAVELENGTH' 
_diffrn_radiation.pdbx_monochromatic_or_laue_m_l   ? 
_diffrn_radiation.monochromator                    ? 
_diffrn_radiation.pdbx_scattering_type             x-ray 
# 
_diffrn_radiation_wavelength.id           1 
_diffrn_radiation_wavelength.wavelength   0.91587 
_diffrn_radiation_wavelength.wt           1.0 
# 
_diffrn_source.diffrn_id                   1 
_diffrn_source.source                      SYNCHROTRON 
_diffrn_source.type                        'DIAMOND BEAMLINE I04-1' 
_diffrn_source.pdbx_wavelength_list        0.91587 
_diffrn_source.pdbx_synchrotron_site       Diamond 
_diffrn_source.pdbx_synchrotron_beamline   I04-1 
_diffrn_source.pdbx_wavelength             ? 
# 
_reflns.entry_id                     5QHM 
_reflns.pdbx_diffrn_id               1 
_reflns.pdbx_ordinal                 1 
_reflns.observed_criterion_sigma_I   ? 
_reflns.observed_criterion_sigma_F   ? 
_reflns.d_resolution_low             51.090 
_reflns.d_resolution_high            1.790 
_reflns.number_obs                   19704 
_reflns.number_all                   ? 
_reflns.percent_possible_obs         100.000 
_reflns.pdbx_Rmerge_I_obs            0.080 
_reflns.pdbx_Rsym_value              ? 
_reflns.pdbx_netI_over_sigmaI        12.300 
_reflns.B_iso_Wilson_estimate        ? 
_reflns.pdbx_redundancy              8.300 
_reflns.pdbx_Rrim_I_all              0.086 
_reflns.pdbx_Rpim_I_all              0.029 
_reflns.pdbx_CC_half                 0.999 
_reflns.pdbx_netI_over_av_sigmaI     ? 
_reflns.pdbx_number_measured_all     163131 
_reflns.pdbx_scaling_rejects         8 
_reflns.pdbx_chi_squared             ? 
_reflns.Rmerge_F_all                 ? 
_reflns.Rmerge_F_obs                 ? 
_reflns.observed_criterion_F_max     ? 
_reflns.observed_criterion_F_min     ? 
_reflns.observed_criterion_I_max     ? 
_reflns.observed_criterion_I_min     ? 
_reflns.pdbx_d_res_high_opt          ? 
_reflns.pdbx_d_res_low_opt           ? 
_reflns.details                      ? 
# 
loop_
_reflns_shell.pdbx_diffrn_id 
_reflns_shell.pdbx_ordinal 
_reflns_shell.d_res_high 
_reflns_shell.d_res_low 
_reflns_shell.number_measured_obs 
_reflns_shell.number_measured_all 
_reflns_shell.number_unique_obs 
_reflns_shell.pdbx_rejects 
_reflns_shell.Rmerge_I_obs 
_reflns_shell.meanI_over_sigI_obs 
_reflns_shell.pdbx_Rsym_value 
_reflns_shell.pdbx_chi_squared 
_reflns_shell.pdbx_redundancy 
_reflns_shell.percent_possible_obs 
_reflns_shell.pdbx_netI_over_sigmaI_obs 
_reflns_shell.number_possible 
_reflns_shell.number_unique_all 
_reflns_shell.Rmerge_F_all 
_reflns_shell.Rmerge_F_obs 
_reflns_shell.Rmerge_I_all 
_reflns_shell.meanI_over_sigI_all 
_reflns_shell.percent_possible_all 
_reflns_shell.pdbx_Rrim_I_all 
_reflns_shell.pdbx_Rpim_I_all 
_reflns_shell.pdbx_CC_half 
1 1 1.790 1.840  ? 11399 ? ? 2.219 ? ? ? 8.100 ? 1.200  ? 1412 ? ? ? ? 100.000 2.370 0.818 0.575 
1 2 8.010 51.090 ? 2000  ? ? 0.028 ? ? ? 6.800 ? 45.100 ? 296  ? ? ? ? 99.900  0.030 0.011 0.999 
# 
_refine.entry_id                                 5QHM 
_refine.pdbx_refine_id                           'X-RAY DIFFRACTION' 
_refine.ls_d_res_high                            1.7900 
_refine.ls_d_res_low                             50.6000 
_refine.pdbx_ls_sigma_F                          0.000 
_refine.pdbx_data_cutoff_high_absF               ? 
_refine.pdbx_data_cutoff_low_absF                ? 
_refine.ls_percent_reflns_obs                    99.0000 
_refine.ls_number_reflns_obs                     18451 
_refine.ls_number_reflns_all                     ? 
_refine.pdbx_ls_cross_valid_method               THROUGHOUT 
_refine.ls_matrix_type                           ? 
_refine.pdbx_R_Free_selection_details            RANDOM 
_refine.details                                  
'HYDROGENS HAVE BEEN ADDED IN THE RIDING POSITIONS U VALUES      : REFINED INDIVIDUALLY' 
_refine.ls_R_factor_all                          ? 
_refine.ls_R_factor_obs                          0.2033 
_refine.ls_R_factor_R_work                       0.2016 
_refine.ls_wR_factor_R_work                      ? 
_refine.ls_R_factor_R_free                       0.2345 
_refine.ls_wR_factor_R_free                      ? 
_refine.ls_percent_reflns_R_free                 5.2000 
_refine.ls_number_reflns_R_free                  1016 
_refine.ls_number_reflns_R_work                  ? 
_refine.ls_R_factor_R_free_error                 ? 
_refine.B_iso_mean                               35.2830 
_refine.solvent_model_param_bsol                 ? 
_refine.solvent_model_param_ksol                 ? 
_refine.pdbx_isotropic_thermal_model             ? 
_refine.aniso_B[1][1]                            0.7600 
_refine.aniso_B[2][2]                            0.7600 
_refine.aniso_B[3][3]                            -1.5200 
_refine.aniso_B[1][2]                            0.0000 
_refine.aniso_B[1][3]                            -0.0000 
_refine.aniso_B[2][3]                            -0.0000 
_refine.correlation_coeff_Fo_to_Fc               0.9630 
_refine.correlation_coeff_Fo_to_Fc_free          0.9480 
_refine.overall_SU_R_Cruickshank_DPI             ? 
_refine.pdbx_overall_SU_R_free_Cruickshank_DPI   ? 
_refine.pdbx_overall_SU_R_Blow_DPI               ? 
_refine.pdbx_overall_SU_R_free_Blow_DPI          ? 
_refine.overall_SU_R_free                        ? 
_refine.pdbx_overall_ESU_R                       0.1260 
_refine.pdbx_overall_ESU_R_Free                  0.1210 
_refine.overall_SU_ML                            0.1050 
_refine.overall_SU_B                             3.6590 
_refine.solvent_model_details                    MASK 
_refine.pdbx_solvent_vdw_probe_radii             1.2000 
_refine.pdbx_solvent_ion_probe_radii             0.8000 
_refine.pdbx_solvent_shrinkage_radii             0.8000 
_refine.ls_number_parameters                     ? 
_refine.ls_number_restraints                     ? 
_refine.pdbx_starting_model                      5LZK 
_refine.pdbx_method_to_determine_struct          'FOURIER SYNTHESIS' 
_refine.pdbx_stereochemistry_target_values       'MAXIMUM LIKELIHOOD' 
_refine.pdbx_stereochem_target_val_spec_case     ? 
_refine.overall_FOM_work_R_set                   ? 
_refine.B_iso_max                                93.570 
_refine.B_iso_min                                18.740 
_refine.pdbx_overall_phase_error                 ? 
_refine.occupancy_max                            ? 
_refine.occupancy_min                            ? 
_refine.pdbx_diffrn_id                           1 
_refine.pdbx_TLS_residual_ADP_flag               ? 
_refine.pdbx_ls_sigma_I                          ? 
_refine.pdbx_data_cutoff_high_rms_absF           ? 
_refine.ls_R_factor_R_free_error_details         ? 
# 
_refine_hist.cycle_id                         final 
_refine_hist.pdbx_refine_id                   'X-RAY DIFFRACTION' 
_refine_hist.d_res_high                       1.7900 
_refine_hist.d_res_low                        50.6000 
_refine_hist.pdbx_number_atoms_ligand         17 
_refine_hist.number_atoms_solvent             90 
_refine_hist.number_atoms_total               1438 
_refine_hist.pdbx_number_residues_total       164 
_refine_hist.pdbx_B_iso_mean_ligand           44.85 
_refine_hist.pdbx_B_iso_mean_solvent          45.14 
_refine_hist.pdbx_number_atoms_protein        1331 
_refine_hist.pdbx_number_atoms_nucleic_acid   0 
# 
loop_
_refine_ls_restr.pdbx_refine_id 
_refine_ls_restr.type 
_refine_ls_restr.number 
_refine_ls_restr.dev_ideal 
_refine_ls_restr.dev_ideal_target 
_refine_ls_restr.weight 
_refine_ls_restr.pdbx_restraint_function 
'X-RAY DIFFRACTION' r_bond_refined_d       1409 0.013  0.019  ? ? 
'X-RAY DIFFRACTION' r_bond_other_d         1331 0.002  0.020  ? ? 
'X-RAY DIFFRACTION' r_angle_refined_deg    1892 1.536  1.947  ? ? 
'X-RAY DIFFRACTION' r_angle_other_deg      3080 0.949  2.994  ? ? 
'X-RAY DIFFRACTION' r_dihedral_angle_1_deg 169  6.767  5.000  ? ? 
'X-RAY DIFFRACTION' r_dihedral_angle_2_deg 67   39.018 23.134 ? ? 
'X-RAY DIFFRACTION' r_dihedral_angle_3_deg 264  15.138 15.000 ? ? 
'X-RAY DIFFRACTION' r_dihedral_angle_4_deg 9    20.634 15.000 ? ? 
'X-RAY DIFFRACTION' r_chiral_restr         209  0.092  0.200  ? ? 
'X-RAY DIFFRACTION' r_gen_planes_refined   1547 0.007  0.020  ? ? 
'X-RAY DIFFRACTION' r_gen_planes_other     302  0.002  0.020  ? ? 
'X-RAY DIFFRACTION' r_mcbond_it            673  2.523  3.244  ? ? 
'X-RAY DIFFRACTION' r_mcbond_other         672  2.523  3.236  ? ? 
'X-RAY DIFFRACTION' r_mcangle_it           843  3.796  4.828  ? ? 
# 
_refine_ls_shell.d_res_high                       1.7900 
_refine_ls_shell.d_res_low                        1.8370 
_refine_ls_shell.pdbx_total_number_of_bins_used   20 
_refine_ls_shell.percent_reflns_obs               96.5300 
_refine_ls_shell.number_reflns_R_work             1293 
_refine_ls_shell.R_factor_all                     ? 
_refine_ls_shell.R_factor_R_work                  0.3760 
_refine_ls_shell.R_factor_R_free                  0.3480 
_refine_ls_shell.percent_reflns_R_free            ? 
_refine_ls_shell.number_reflns_R_free             69 
_refine_ls_shell.R_factor_R_free_error            ? 
_refine_ls_shell.number_reflns_all                1362 
_refine_ls_shell.number_reflns_obs                ? 
_refine_ls_shell.pdbx_refine_id                   'X-RAY DIFFRACTION' 
_refine_ls_shell.R_factor_obs                     ? 
# 
_struct.entry_id                  5QHM 
_struct.title                     
;PanDDA analysis group deposition of models with modelled events (e.g. bound ligands) -- Crystal Structure of human FAM83B in complex with OX-145
;
_struct.pdbx_model_details        ? 
_struct.pdbx_CASP_flag            ? 
_struct.pdbx_model_type_details   ? 
# 
_struct_keywords.entry_id        5QHM 
_struct_keywords.text            'PanDDA, SGC - Diamond I04-1 fragment screening, DUF1669 domain, XChemExplorer, PROTEIN BINDING' 
_struct_keywords.pdbx_keywords   'PROTEIN BINDING' 
# 
loop_
_struct_asym.id 
_struct_asym.pdbx_blank_PDB_chainid_flag 
_struct_asym.pdbx_modified 
_struct_asym.entity_id 
_struct_asym.details 
A N N 1 ? 
B N N 2 ? 
C N N 2 ? 
D N N 3 ? 
E N N 4 ? 
# 
_struct_ref.id                         1 
_struct_ref.db_name                    UNP 
_struct_ref.db_code                    FA83B_HUMAN 
_struct_ref.pdbx_db_accession          Q5T0W9 
_struct_ref.pdbx_db_isoform            ? 
_struct_ref.entity_id                  1 
_struct_ref.pdbx_seq_one_letter_code   
;GGTHIDLLFHPPRAHLLTIKETIRKMIKEARKVIALVMDIFTDVDIFKEIVEASTRGVSVYILLDESNFNHFLNMTEKQG
CSVQRLRNIRVRTVKGQDYLSKTGAKFHGKMEQKFLLVDCQKVMYGSYSYMWSFEKAHLSMVQIITGQLVESFDEEFRTL
YARSCVPSSFAQEESARV
;
_struct_ref.pdbx_align_begin           117 
# 
_struct_ref_seq.align_id                      1 
_struct_ref_seq.ref_id                        1 
_struct_ref_seq.pdbx_PDB_id_code              5QHM 
_struct_ref_seq.pdbx_strand_id                A 
_struct_ref_seq.seq_align_beg                 3 
_struct_ref_seq.pdbx_seq_align_beg_ins_code   ? 
_struct_ref_seq.seq_align_end                 180 
_struct_ref_seq.pdbx_seq_align_end_ins_code   ? 
_struct_ref_seq.pdbx_db_accession             Q5T0W9 
_struct_ref_seq.db_align_beg                  117 
_struct_ref_seq.pdbx_db_align_beg_ins_code    ? 
_struct_ref_seq.db_align_end                  294 
_struct_ref_seq.pdbx_db_align_end_ins_code    ? 
_struct_ref_seq.pdbx_auth_seq_align_beg       3 
_struct_ref_seq.pdbx_auth_seq_align_end       180 
# 
loop_
_struct_ref_seq_dif.align_id 
_struct_ref_seq_dif.pdbx_pdb_id_code 
_struct_ref_seq_dif.mon_id 
_struct_ref_seq_dif.pdbx_pdb_strand_id 
_struct_ref_seq_dif.seq_num 
_struct_ref_seq_dif.pdbx_pdb_ins_code 
_struct_ref_seq_dif.pdbx_seq_db_name 
_struct_ref_seq_dif.pdbx_seq_db_accession_code 
_struct_ref_seq_dif.db_mon_id 
_struct_ref_seq_dif.pdbx_seq_db_seq_num 
_struct_ref_seq_dif.details 
_struct_ref_seq_dif.pdbx_auth_seq_num 
_struct_ref_seq_dif.pdbx_ordinal 
1 5QHM SER A 1 ? UNP Q5T0W9 ? ? 'expression tag' 1 1 
1 5QHM MET A 2 ? UNP Q5T0W9 ? ? 'expression tag' 2 2 
# 
_pdbx_struct_assembly.id                   1 
_pdbx_struct_assembly.details              author_and_software_defined_assembly 
_pdbx_struct_assembly.method_details       PISA 
_pdbx_struct_assembly.oligomeric_details   dimeric 
_pdbx_struct_assembly.oligomeric_count     2 
# 
loop_
_pdbx_struct_assembly_prop.biol_id 
_pdbx_struct_assembly_prop.type 
_pdbx_struct_assembly_prop.value 
_pdbx_struct_assembly_prop.details 
1 'ABSA (A^2)' 3850  ? 
1 MORE         -5    ? 
1 'SSA (A^2)'  14830 ? 
# 
_pdbx_struct_assembly_gen.assembly_id       1 
_pdbx_struct_assembly_gen.oper_expression   1,2 
_pdbx_struct_assembly_gen.asym_id_list      A,B,C,D,E 
# 
loop_
_pdbx_struct_oper_list.id 
_pdbx_struct_oper_list.type 
_pdbx_struct_oper_list.name 
_pdbx_struct_oper_list.symmetry_operation 
_pdbx_struct_oper_list.matrix[1][1] 
_pdbx_struct_oper_list.matrix[1][2] 
_pdbx_struct_oper_list.matrix[1][3] 
_pdbx_struct_oper_list.vector[1] 
_pdbx_struct_oper_list.matrix[2][1] 
_pdbx_struct_oper_list.matrix[2][2] 
_pdbx_struct_oper_list.matrix[2][3] 
_pdbx_struct_oper_list.vector[2] 
_pdbx_struct_oper_list.matrix[3][1] 
_pdbx_struct_oper_list.matrix[3][2] 
_pdbx_struct_oper_list.matrix[3][3] 
_pdbx_struct_oper_list.vector[3] 
1 'identity operation'         1_555 x,y,z          1.0000000000  0.0000000000 0.0000000000 0.0000000000  0.0000000000 1.0000000000 0.0000000000 0.0000000000   0.0000000000 0.0000000000 1.0000000000  0.0000000000  
2 'crystal symmetry operation' 7_465 y-1,x+1,-z+3/4 -0.9502664627 0.2316991943 0.2081084650 10.2308090399 0.2316991943 0.0794429588 0.9695381889 -16.4005469625 0.2081084650 0.9695381889 -0.1291764961 15.8147300476 
# 
loop_
_struct_conf.conf_type_id 
_struct_conf.id 
_struct_conf.pdbx_PDB_helix_id 
_struct_conf.beg_label_comp_id 
_struct_conf.beg_label_asym_id 
_struct_conf.beg_label_seq_id 
_struct_conf.pdbx_beg_PDB_ins_code 
_struct_conf.end_label_comp_id 
_struct_conf.end_label_asym_id 
_struct_conf.end_label_seq_id 
_struct_conf.pdbx_end_PDB_ins_code 
_struct_conf.beg_auth_comp_id 
_struct_conf.beg_auth_asym_id 
_struct_conf.beg_auth_seq_id 
_struct_conf.end_auth_comp_id 
_struct_conf.end_auth_asym_id 
_struct_conf.end_auth_seq_id 
_struct_conf.pdbx_PDB_helix_class 
_struct_conf.details 
_struct_conf.pdbx_PDB_helix_length 
HELX_P HELX_P1 AA1 THR A 20  ? GLU A 31  ? THR A 20  GLU A 31  1 ? 12 
HELX_P HELX_P2 AA2 ASP A 45  ? ARG A 58  ? ASP A 45  ARG A 58  1 ? 14 
HELX_P HELX_P3 AA3 ASN A 70  ? GLN A 81  ? ASN A 70  GLN A 81  1 ? 12 
HELX_P HELX_P4 AA4 SER A 84  ? LEU A 88  ? SER A 84  LEU A 88  5 ? 5  
HELX_P HELX_P5 AA5 MET A 133 ? ALA A 139 ? MET A 133 ALA A 139 1 ? 7  
HELX_P HELX_P6 AA6 GLN A 150 ? ARG A 165 ? GLN A 150 ARG A 165 1 ? 16 
# 
_struct_conf_type.id          HELX_P 
_struct_conf_type.criteria    ? 
_struct_conf_type.reference   ? 
# 
_struct_conn.id                            disulf1 
_struct_conn.conn_type_id                  disulf 
_struct_conn.pdbx_leaving_atom_flag        ? 
_struct_conn.pdbx_PDB_id                   ? 
_struct_conn.ptnr1_label_asym_id           A 
_struct_conn.ptnr1_label_comp_id           CYS 
_struct_conn.ptnr1_label_seq_id            167 
_struct_conn.ptnr1_label_atom_id           SG 
_struct_conn.pdbx_ptnr1_label_alt_id       ? 
_struct_conn.pdbx_ptnr1_PDB_ins_code       ? 
_struct_conn.pdbx_ptnr1_standard_comp_id   ? 
_struct_conn.ptnr1_symmetry                1_555 
_struct_conn.ptnr2_label_asym_id           A 
_struct_conn.ptnr2_label_comp_id           CYS 
_struct_conn.ptnr2_label_seq_id            167 
_struct_conn.ptnr2_label_atom_id           SG 
_struct_conn.pdbx_ptnr2_label_alt_id       ? 
_struct_conn.pdbx_ptnr2_PDB_ins_code       ? 
_struct_conn.ptnr1_auth_asym_id            A 
_struct_conn.ptnr1_auth_comp_id            CYS 
_struct_conn.ptnr1_auth_seq_id             167 
_struct_conn.ptnr2_auth_asym_id            A 
_struct_conn.ptnr2_auth_comp_id            CYS 
_struct_conn.ptnr2_auth_seq_id             167 
_struct_conn.ptnr2_symmetry                5_556 
_struct_conn.pdbx_ptnr3_label_atom_id      ? 
_struct_conn.pdbx_ptnr3_label_seq_id       ? 
_struct_conn.pdbx_ptnr3_label_comp_id      ? 
_struct_conn.pdbx_ptnr3_label_asym_id      ? 
_struct_conn.pdbx_ptnr3_label_alt_id       ? 
_struct_conn.pdbx_ptnr3_PDB_ins_code       ? 
_struct_conn.details                       ? 
_struct_conn.pdbx_dist_value               2.134 
_struct_conn.pdbx_value_order              ? 
_struct_conn.pdbx_role                     ? 
# 
_struct_conn_type.id          disulf 
_struct_conn_type.criteria    ? 
_struct_conn_type.reference   ? 
# 
_pdbx_modification_feature.ordinal                            1 
_pdbx_modification_feature.label_comp_id                      CYS 
_pdbx_modification_feature.label_asym_id                      A 
_pdbx_modification_feature.label_seq_id                       167 
_pdbx_modification_feature.label_alt_id                       ? 
_pdbx_modification_feature.modified_residue_label_comp_id     CYS 
_pdbx_modification_feature.modified_residue_label_asym_id     A 
_pdbx_modification_feature.modified_residue_label_seq_id      167 
_pdbx_modification_feature.modified_residue_label_alt_id      ? 
_pdbx_modification_feature.auth_comp_id                       CYS 
_pdbx_modification_feature.auth_asym_id                       A 
_pdbx_modification_feature.auth_seq_id                        167 
_pdbx_modification_feature.PDB_ins_code                       ? 
_pdbx_modification_feature.symmetry                           1_555 
_pdbx_modification_feature.modified_residue_auth_comp_id      CYS 
_pdbx_modification_feature.modified_residue_auth_asym_id      A 
_pdbx_modification_feature.modified_residue_auth_seq_id       167 
_pdbx_modification_feature.modified_residue_PDB_ins_code      ? 
_pdbx_modification_feature.modified_residue_symmetry          5_556 
_pdbx_modification_feature.comp_id_linking_atom               SG 
_pdbx_modification_feature.modified_residue_id_linking_atom   SG 
_pdbx_modification_feature.modified_residue_id                . 
_pdbx_modification_feature.ref_pcm_id                         . 
_pdbx_modification_feature.ref_comp_id                        . 
_pdbx_modification_feature.type                               None 
_pdbx_modification_feature.category                           'Disulfide bridge' 
# 
_struct_mon_prot_cis.pdbx_id                1 
_struct_mon_prot_cis.label_comp_id          HIS 
_struct_mon_prot_cis.label_seq_id           12 
_struct_mon_prot_cis.label_asym_id          A 
_struct_mon_prot_cis.label_alt_id           . 
_struct_mon_prot_cis.pdbx_PDB_ins_code      ? 
_struct_mon_prot_cis.auth_comp_id           HIS 
_struct_mon_prot_cis.auth_seq_id            12 
_struct_mon_prot_cis.auth_asym_id           A 
_struct_mon_prot_cis.pdbx_label_comp_id_2   PRO 
_struct_mon_prot_cis.pdbx_label_seq_id_2    13 
_struct_mon_prot_cis.pdbx_label_asym_id_2   A 
_struct_mon_prot_cis.pdbx_PDB_ins_code_2    ? 
_struct_mon_prot_cis.pdbx_auth_comp_id_2    PRO 
_struct_mon_prot_cis.pdbx_auth_seq_id_2     13 
_struct_mon_prot_cis.pdbx_auth_asym_id_2    A 
_struct_mon_prot_cis.pdbx_PDB_model_num     1 
_struct_mon_prot_cis.pdbx_omega_angle       -0.43 
# 
_struct_sheet.id               AA1 
_struct_sheet.type             ? 
_struct_sheet.number_strands   7 
_struct_sheet.details          ? 
# 
loop_
_struct_sheet_order.sheet_id 
_struct_sheet_order.range_id_1 
_struct_sheet_order.range_id_2 
_struct_sheet_order.offset 
_struct_sheet_order.sense 
AA1 1 2 ? anti-parallel 
AA1 2 3 ? anti-parallel 
AA1 3 4 ? anti-parallel 
AA1 4 5 ? anti-parallel 
AA1 5 6 ? parallel      
AA1 6 7 ? parallel      
# 
loop_
_struct_sheet_range.sheet_id 
_struct_sheet_range.id 
_struct_sheet_range.beg_label_comp_id 
_struct_sheet_range.beg_label_asym_id 
_struct_sheet_range.beg_label_seq_id 
_struct_sheet_range.pdbx_beg_PDB_ins_code 
_struct_sheet_range.end_label_comp_id 
_struct_sheet_range.end_label_asym_id 
_struct_sheet_range.end_label_seq_id 
_struct_sheet_range.pdbx_end_PDB_ins_code 
_struct_sheet_range.beg_auth_comp_id 
_struct_sheet_range.beg_auth_asym_id 
_struct_sheet_range.beg_auth_seq_id 
_struct_sheet_range.end_auth_comp_id 
_struct_sheet_range.end_auth_asym_id 
_struct_sheet_range.end_auth_seq_id 
AA1 1 THR A 5   ? HIS A 12  ? THR A 5   HIS A 12  
AA1 2 SER A 142 ? GLY A 149 ? SER A 142 GLY A 149 
AA1 3 LYS A 124 ? GLY A 128 ? LYS A 124 GLY A 128 
AA1 4 PHE A 117 ? VAL A 120 ? PHE A 117 VAL A 120 
AA1 5 VAL A 35  ? MET A 40  ? VAL A 35  MET A 40  
AA1 6 SER A 61  ? ASP A 67  ? SER A 61  ASP A 67  
AA1 7 ILE A 91  ? VAL A 96  ? ILE A 91  VAL A 96  
# 
loop_
_pdbx_struct_sheet_hbond.sheet_id 
_pdbx_struct_sheet_hbond.range_id_1 
_pdbx_struct_sheet_hbond.range_id_2 
_pdbx_struct_sheet_hbond.range_1_label_atom_id 
_pdbx_struct_sheet_hbond.range_1_label_comp_id 
_pdbx_struct_sheet_hbond.range_1_label_asym_id 
_pdbx_struct_sheet_hbond.range_1_label_seq_id 
_pdbx_struct_sheet_hbond.range_1_PDB_ins_code 
_pdbx_struct_sheet_hbond.range_1_auth_atom_id 
_pdbx_struct_sheet_hbond.range_1_auth_comp_id 
_pdbx_struct_sheet_hbond.range_1_auth_asym_id 
_pdbx_struct_sheet_hbond.range_1_auth_seq_id 
_pdbx_struct_sheet_hbond.range_2_label_atom_id 
_pdbx_struct_sheet_hbond.range_2_label_comp_id 
_pdbx_struct_sheet_hbond.range_2_label_asym_id 
_pdbx_struct_sheet_hbond.range_2_label_seq_id 
_pdbx_struct_sheet_hbond.range_2_PDB_ins_code 
_pdbx_struct_sheet_hbond.range_2_auth_atom_id 
_pdbx_struct_sheet_hbond.range_2_auth_comp_id 
_pdbx_struct_sheet_hbond.range_2_auth_asym_id 
_pdbx_struct_sheet_hbond.range_2_auth_seq_id 
AA1 1 2 N ASP A 8   ? N ASP A 8   O ILE A 146 ? O ILE A 146 
AA1 2 3 O ILE A 147 ? O ILE A 147 N VAL A 125 ? N VAL A 125 
AA1 3 4 O LYS A 124 ? O LYS A 124 N VAL A 120 ? N VAL A 120 
AA1 4 5 O LEU A 119 ? O LEU A 119 N ALA A 37  ? N ALA A 37  
AA1 5 6 N LEU A 38  ? N LEU A 38  O LEU A 65  ? O LEU A 65  
AA1 6 7 N ILE A 64  ? N ILE A 64  O ARG A 92  ? O ARG A 92  
# 
loop_
_struct_site.id 
_struct_site.pdbx_evidence_code 
_struct_site.pdbx_auth_asym_id 
_struct_site.pdbx_auth_comp_id 
_struct_site.pdbx_auth_seq_id 
_struct_site.pdbx_auth_ins_code 
_struct_site.pdbx_num_residues 
_struct_site.details 
AC1 Software A EDO 201 ? 4 'binding site for residue EDO A 201' 
AC2 Software A EDO 202 ? 5 'binding site for residue EDO A 202' 
AC3 Software A GQA 203 ? 8 'binding site for residue GQA A 203' 
# 
loop_
_struct_site_gen.id 
_struct_site_gen.site_id 
_struct_site_gen.pdbx_num_res 
_struct_site_gen.label_comp_id 
_struct_site_gen.label_asym_id 
_struct_site_gen.label_seq_id 
_struct_site_gen.pdbx_auth_ins_code 
_struct_site_gen.auth_comp_id 
_struct_site_gen.auth_asym_id 
_struct_site_gen.auth_seq_id 
_struct_site_gen.label_atom_id 
_struct_site_gen.label_alt_id 
_struct_site_gen.symmetry 
_struct_site_gen.details 
1  AC1 4 ILE A 7   ? ILE A 7   . ? 1_555 ? 
2  AC1 4 ASP A 8   ? ASP A 8   . ? 1_555 ? 
3  AC1 4 LEU A 9   ? LEU A 9   . ? 1_555 ? 
4  AC1 4 SER A 154 ? SER A 154 . ? 7_465 ? 
5  AC2 5 THR A 24  ? THR A 24  . ? 1_555 ? 
6  AC2 5 LYS A 27  ? LYS A 27  . ? 1_555 ? 
7  AC2 5 LYS A 124 ? LYS A 124 . ? 1_555 ? 
8  AC2 5 HOH E .   ? HOH A 308 . ? 1_555 ? 
9  AC2 5 HOH E .   ? HOH A 361 . ? 1_555 ? 
10 AC3 8 LYS A 116 ? LYS A 116 . ? 7_465 ? 
11 AC3 8 LYS A 116 ? LYS A 116 . ? 1_555 ? 
12 AC3 8 TYR A 127 ? TYR A 127 . ? 7_465 ? 
13 AC3 8 TYR A 127 ? TYR A 127 . ? 1_555 ? 
14 AC3 8 GLY A 128 ? GLY A 128 . ? 7_465 ? 
15 AC3 8 GLY A 128 ? GLY A 128 . ? 1_555 ? 
16 AC3 8 SER A 129 ? SER A 129 . ? 7_465 ? 
17 AC3 8 SER A 129 ? SER A 129 . ? 1_555 ? 
# 
_pdbx_entry_details.entry_id                   5QHM 
_pdbx_entry_details.compound_details           ? 
_pdbx_entry_details.source_details             ? 
_pdbx_entry_details.nonpolymer_details         ? 
_pdbx_entry_details.sequence_details           ? 
_pdbx_entry_details.has_ligand_of_interest     ? 
_pdbx_entry_details.has_protein_modification   Y 
# 
_pdbx_validate_close_contact.id               1 
_pdbx_validate_close_contact.PDB_model_num    1 
_pdbx_validate_close_contact.auth_atom_id_1   O 
_pdbx_validate_close_contact.auth_asym_id_1   A 
_pdbx_validate_close_contact.auth_comp_id_1   HOH 
_pdbx_validate_close_contact.auth_seq_id_1    324 
_pdbx_validate_close_contact.PDB_ins_code_1   ? 
_pdbx_validate_close_contact.label_alt_id_1   ? 
_pdbx_validate_close_contact.auth_atom_id_2   O 
_pdbx_validate_close_contact.auth_asym_id_2   A 
_pdbx_validate_close_contact.auth_comp_id_2   HOH 
_pdbx_validate_close_contact.auth_seq_id_2    385 
_pdbx_validate_close_contact.PDB_ins_code_2   ? 
_pdbx_validate_close_contact.label_alt_id_2   ? 
_pdbx_validate_close_contact.dist             1.94 
# 
_pdbx_validate_symm_contact.id                1 
_pdbx_validate_symm_contact.PDB_model_num     1 
_pdbx_validate_symm_contact.auth_atom_id_1    NH2 
_pdbx_validate_symm_contact.auth_asym_id_1    A 
_pdbx_validate_symm_contact.auth_comp_id_1    ARG 
_pdbx_validate_symm_contact.auth_seq_id_1     15 
_pdbx_validate_symm_contact.PDB_ins_code_1    ? 
_pdbx_validate_symm_contact.label_alt_id_1    ? 
_pdbx_validate_symm_contact.site_symmetry_1   1_555 
_pdbx_validate_symm_contact.auth_atom_id_2    OE1 
_pdbx_validate_symm_contact.auth_asym_id_2    A 
_pdbx_validate_symm_contact.auth_comp_id_2    GLU 
_pdbx_validate_symm_contact.auth_seq_id_2     158 
_pdbx_validate_symm_contact.PDB_ins_code_2    ? 
_pdbx_validate_symm_contact.label_alt_id_2    ? 
_pdbx_validate_symm_contact.site_symmetry_2   7_465 
_pdbx_validate_symm_contact.dist              2.11 
# 
loop_
_pdbx_validate_rmsd_angle.id 
_pdbx_validate_rmsd_angle.PDB_model_num 
_pdbx_validate_rmsd_angle.auth_atom_id_1 
_pdbx_validate_rmsd_angle.auth_asym_id_1 
_pdbx_validate_rmsd_angle.auth_comp_id_1 
_pdbx_validate_rmsd_angle.auth_seq_id_1 
_pdbx_validate_rmsd_angle.PDB_ins_code_1 
_pdbx_validate_rmsd_angle.label_alt_id_1 
_pdbx_validate_rmsd_angle.auth_atom_id_2 
_pdbx_validate_rmsd_angle.auth_asym_id_2 
_pdbx_validate_rmsd_angle.auth_comp_id_2 
_pdbx_validate_rmsd_angle.auth_seq_id_2 
_pdbx_validate_rmsd_angle.PDB_ins_code_2 
_pdbx_validate_rmsd_angle.label_alt_id_2 
_pdbx_validate_rmsd_angle.auth_atom_id_3 
_pdbx_validate_rmsd_angle.auth_asym_id_3 
_pdbx_validate_rmsd_angle.auth_comp_id_3 
_pdbx_validate_rmsd_angle.auth_seq_id_3 
_pdbx_validate_rmsd_angle.PDB_ins_code_3 
_pdbx_validate_rmsd_angle.label_alt_id_3 
_pdbx_validate_rmsd_angle.angle_value 
_pdbx_validate_rmsd_angle.angle_target_value 
_pdbx_validate_rmsd_angle.angle_deviation 
_pdbx_validate_rmsd_angle.angle_standard_deviation 
_pdbx_validate_rmsd_angle.linker_flag 
1 1 NE A ARG 165 ? ? CZ A ARG 165 ? ? NH1 A ARG 165 ? ? 123.81 120.30 3.51  0.50 N 
2 1 NE A ARG 165 ? ? CZ A ARG 165 ? ? NH2 A ARG 165 ? ? 117.10 120.30 -3.20 0.50 N 
# 
_pdbx_validate_torsion.id              1 
_pdbx_validate_torsion.PDB_model_num   1 
_pdbx_validate_torsion.auth_comp_id    LYS 
_pdbx_validate_torsion.auth_asym_id    A 
_pdbx_validate_torsion.auth_seq_id     34 
_pdbx_validate_torsion.PDB_ins_code    ? 
_pdbx_validate_torsion.label_alt_id    ? 
_pdbx_validate_torsion.phi             -134.33 
_pdbx_validate_torsion.psi             -59.62 
# 
loop_
_pdbx_struct_special_symmetry.id 
_pdbx_struct_special_symmetry.PDB_model_num 
_pdbx_struct_special_symmetry.auth_asym_id 
_pdbx_struct_special_symmetry.auth_comp_id 
_pdbx_struct_special_symmetry.auth_seq_id 
_pdbx_struct_special_symmetry.PDB_ins_code 
_pdbx_struct_special_symmetry.label_asym_id 
_pdbx_struct_special_symmetry.label_comp_id 
_pdbx_struct_special_symmetry.label_seq_id 
1 1 A GQA 203 ? D GQA . 
2 1 A GQA 203 ? D GQA . 
3 1 A GQA 203 ? D GQA . 
# 
_phasing.method   MR 
# 
loop_
_pdbx_unobs_or_zero_occ_residues.id 
_pdbx_unobs_or_zero_occ_residues.PDB_model_num 
_pdbx_unobs_or_zero_occ_residues.polymer_flag 
_pdbx_unobs_or_zero_occ_residues.occupancy_flag 
_pdbx_unobs_or_zero_occ_residues.auth_asym_id 
_pdbx_unobs_or_zero_occ_residues.auth_comp_id 
_pdbx_unobs_or_zero_occ_residues.auth_seq_id 
_pdbx_unobs_or_zero_occ_residues.PDB_ins_code 
_pdbx_unobs_or_zero_occ_residues.label_asym_id 
_pdbx_unobs_or_zero_occ_residues.label_comp_id 
_pdbx_unobs_or_zero_occ_residues.label_seq_id 
1  1 Y 1 A SER 1   ? A SER 1   
2  1 Y 1 A MET 2   ? A MET 2   
3  1 Y 1 A LEU 102 ? A LEU 102 
4  1 Y 1 A SER 103 ? A SER 103 
5  1 Y 1 A LYS 104 ? A LYS 104 
6  1 Y 1 A THR 105 ? A THR 105 
7  1 Y 1 A GLY 106 ? A GLY 106 
8  1 Y 1 A ALA 107 ? A ALA 107 
9  1 Y 1 A LYS 108 ? A LYS 108 
10 1 Y 1 A GLN 174 ? A GLN 174 
11 1 Y 1 A GLU 175 ? A GLU 175 
12 1 Y 1 A GLU 176 ? A GLU 176 
13 1 Y 1 A SER 177 ? A SER 177 
14 1 Y 1 A ALA 178 ? A ALA 178 
15 1 Y 1 A ARG 179 ? A ARG 179 
16 1 Y 1 A VAL 180 ? A VAL 180 
# 
loop_
_chem_comp_atom.comp_id 
_chem_comp_atom.atom_id 
_chem_comp_atom.type_symbol 
_chem_comp_atom.pdbx_aromatic_flag 
_chem_comp_atom.pdbx_stereo_config 
_chem_comp_atom.pdbx_ordinal 
ALA N    N N N 1   
ALA CA   C N S 2   
ALA C    C N N 3   
ALA O    O N N 4   
ALA CB   C N N 5   
ALA OXT  O N N 6   
ALA H    H N N 7   
ALA H2   H N N 8   
ALA HA   H N N 9   
ALA HB1  H N N 10  
ALA HB2  H N N 11  
ALA HB3  H N N 12  
ALA HXT  H N N 13  
ARG N    N N N 14  
ARG CA   C N S 15  
ARG C    C N N 16  
ARG O    O N N 17  
ARG CB   C N N 18  
ARG CG   C N N 19  
ARG CD   C N N 20  
ARG NE   N N N 21  
ARG CZ   C N N 22  
ARG NH1  N N N 23  
ARG NH2  N N N 24  
ARG OXT  O N N 25  
ARG H    H N N 26  
ARG H2   H N N 27  
ARG HA   H N N 28  
ARG HB2  H N N 29  
ARG HB3  H N N 30  
ARG HG2  H N N 31  
ARG HG3  H N N 32  
ARG HD2  H N N 33  
ARG HD3  H N N 34  
ARG HE   H N N 35  
ARG HH11 H N N 36  
ARG HH12 H N N 37  
ARG HH21 H N N 38  
ARG HH22 H N N 39  
ARG HXT  H N N 40  
ASN N    N N N 41  
ASN CA   C N S 42  
ASN C    C N N 43  
ASN O    O N N 44  
ASN CB   C N N 45  
ASN CG   C N N 46  
ASN OD1  O N N 47  
ASN ND2  N N N 48  
ASN OXT  O N N 49  
ASN H    H N N 50  
ASN H2   H N N 51  
ASN HA   H N N 52  
ASN HB2  H N N 53  
ASN HB3  H N N 54  
ASN HD21 H N N 55  
ASN HD22 H N N 56  
ASN HXT  H N N 57  
ASP N    N N N 58  
ASP CA   C N S 59  
ASP C    C N N 60  
ASP O    O N N 61  
ASP CB   C N N 62  
ASP CG   C N N 63  
ASP OD1  O N N 64  
ASP OD2  O N N 65  
ASP OXT  O N N 66  
ASP H    H N N 67  
ASP H2   H N N 68  
ASP HA   H N N 69  
ASP HB2  H N N 70  
ASP HB3  H N N 71  
ASP HD2  H N N 72  
ASP HXT  H N N 73  
CYS N    N N N 74  
CYS CA   C N R 75  
CYS C    C N N 76  
CYS O    O N N 77  
CYS CB   C N N 78  
CYS SG   S N N 79  
CYS OXT  O N N 80  
CYS H    H N N 81  
CYS H2   H N N 82  
CYS HA   H N N 83  
CYS HB2  H N N 84  
CYS HB3  H N N 85  
CYS HG   H N N 86  
CYS HXT  H N N 87  
EDO C1   C N N 88  
EDO O1   O N N 89  
EDO C2   C N N 90  
EDO O2   O N N 91  
EDO H11  H N N 92  
EDO H12  H N N 93  
EDO HO1  H N N 94  
EDO H21  H N N 95  
EDO H22  H N N 96  
EDO HO2  H N N 97  
GLN N    N N N 98  
GLN CA   C N S 99  
GLN C    C N N 100 
GLN O    O N N 101 
GLN CB   C N N 102 
GLN CG   C N N 103 
GLN CD   C N N 104 
GLN OE1  O N N 105 
GLN NE2  N N N 106 
GLN OXT  O N N 107 
GLN H    H N N 108 
GLN H2   H N N 109 
GLN HA   H N N 110 
GLN HB2  H N N 111 
GLN HB3  H N N 112 
GLN HG2  H N N 113 
GLN HG3  H N N 114 
GLN HE21 H N N 115 
GLN HE22 H N N 116 
GLN HXT  H N N 117 
GLU N    N N N 118 
GLU CA   C N S 119 
GLU C    C N N 120 
GLU O    O N N 121 
GLU CB   C N N 122 
GLU CG   C N N 123 
GLU CD   C N N 124 
GLU OE1  O N N 125 
GLU OE2  O N N 126 
GLU OXT  O N N 127 
GLU H    H N N 128 
GLU H2   H N N 129 
GLU HA   H N N 130 
GLU HB2  H N N 131 
GLU HB3  H N N 132 
GLU HG2  H N N 133 
GLU HG3  H N N 134 
GLU HE2  H N N 135 
GLU HXT  H N N 136 
GLY N    N N N 137 
GLY CA   C N N 138 
GLY C    C N N 139 
GLY O    O N N 140 
GLY OXT  O N N 141 
GLY H    H N N 142 
GLY H2   H N N 143 
GLY HA2  H N N 144 
GLY HA3  H N N 145 
GLY HXT  H N N 146 
GQA N1   N N N 147 
GQA C4   C N N 148 
GQA C5   C N N 149 
GQA C6   C N N 150 
GQA S1   S N N 151 
GQA C1   C N N 152 
GQA C2   C N N 153 
GQA O1   O N N 154 
GQA C3   C N N 155 
GQA H1   H N N 156 
GQA H2   H N N 157 
GQA H3   H N N 158 
GQA H4   H N N 159 
GQA H5   H N N 160 
GQA H6   H N N 161 
GQA H7   H N N 162 
HIS N    N N N 163 
HIS CA   C N S 164 
HIS C    C N N 165 
HIS O    O N N 166 
HIS CB   C N N 167 
HIS CG   C Y N 168 
HIS ND1  N Y N 169 
HIS CD2  C Y N 170 
HIS CE1  C Y N 171 
HIS NE2  N Y N 172 
HIS OXT  O N N 173 
HIS H    H N N 174 
HIS H2   H N N 175 
HIS HA   H N N 176 
HIS HB2  H N N 177 
HIS HB3  H N N 178 
HIS HD1  H N N 179 
HIS HD2  H N N 180 
HIS HE1  H N N 181 
HIS HE2  H N N 182 
HIS HXT  H N N 183 
HOH O    O N N 184 
HOH H1   H N N 185 
HOH H2   H N N 186 
ILE N    N N N 187 
ILE CA   C N S 188 
ILE C    C N N 189 
ILE O    O N N 190 
ILE CB   C N S 191 
ILE CG1  C N N 192 
ILE CG2  C N N 193 
ILE CD1  C N N 194 
ILE OXT  O N N 195 
ILE H    H N N 196 
ILE H2   H N N 197 
ILE HA   H N N 198 
ILE HB   H N N 199 
ILE HG12 H N N 200 
ILE HG13 H N N 201 
ILE HG21 H N N 202 
ILE HG22 H N N 203 
ILE HG23 H N N 204 
ILE HD11 H N N 205 
ILE HD12 H N N 206 
ILE HD13 H N N 207 
ILE HXT  H N N 208 
LEU N    N N N 209 
LEU CA   C N S 210 
LEU C    C N N 211 
LEU O    O N N 212 
LEU CB   C N N 213 
LEU CG   C N N 214 
LEU CD1  C N N 215 
LEU CD2  C N N 216 
LEU OXT  O N N 217 
LEU H    H N N 218 
LEU H2   H N N 219 
LEU HA   H N N 220 
LEU HB2  H N N 221 
LEU HB3  H N N 222 
LEU HG   H N N 223 
LEU HD11 H N N 224 
LEU HD12 H N N 225 
LEU HD13 H N N 226 
LEU HD21 H N N 227 
LEU HD22 H N N 228 
LEU HD23 H N N 229 
LEU HXT  H N N 230 
LYS N    N N N 231 
LYS CA   C N S 232 
LYS C    C N N 233 
LYS O    O N N 234 
LYS CB   C N N 235 
LYS CG   C N N 236 
LYS CD   C N N 237 
LYS CE   C N N 238 
LYS NZ   N N N 239 
LYS OXT  O N N 240 
LYS H    H N N 241 
LYS H2   H N N 242 
LYS HA   H N N 243 
LYS HB2  H N N 244 
LYS HB3  H N N 245 
LYS HG2  H N N 246 
LYS HG3  H N N 247 
LYS HD2  H N N 248 
LYS HD3  H N N 249 
LYS HE2  H N N 250 
LYS HE3  H N N 251 
LYS HZ1  H N N 252 
LYS HZ2  H N N 253 
LYS HZ3  H N N 254 
LYS HXT  H N N 255 
MET N    N N N 256 
MET CA   C N S 257 
MET C    C N N 258 
MET O    O N N 259 
MET CB   C N N 260 
MET CG   C N N 261 
MET SD   S N N 262 
MET CE   C N N 263 
MET OXT  O N N 264 
MET H    H N N 265 
MET H2   H N N 266 
MET HA   H N N 267 
MET HB2  H N N 268 
MET HB3  H N N 269 
MET HG2  H N N 270 
MET HG3  H N N 271 
MET HE1  H N N 272 
MET HE2  H N N 273 
MET HE3  H N N 274 
MET HXT  H N N 275 
PHE N    N N N 276 
PHE CA   C N S 277 
PHE C    C N N 278 
PHE O    O N N 279 
PHE CB   C N N 280 
PHE CG   C Y N 281 
PHE CD1  C Y N 282 
PHE CD2  C Y N 283 
PHE CE1  C Y N 284 
PHE CE2  C Y N 285 
PHE CZ   C Y N 286 
PHE OXT  O N N 287 
PHE H    H N N 288 
PHE H2   H N N 289 
PHE HA   H N N 290 
PHE HB2  H N N 291 
PHE HB3  H N N 292 
PHE HD1  H N N 293 
PHE HD2  H N N 294 
PHE HE1  H N N 295 
PHE HE2  H N N 296 
PHE HZ   H N N 297 
PHE HXT  H N N 298 
PRO N    N N N 299 
PRO CA   C N S 300 
PRO C    C N N 301 
PRO O    O N N 302 
PRO CB   C N N 303 
PRO CG   C N N 304 
PRO CD   C N N 305 
PRO OXT  O N N 306 
PRO H    H N N 307 
PRO HA   H N N 308 
PRO HB2  H N N 309 
PRO HB3  H N N 310 
PRO HG2  H N N 311 
PRO HG3  H N N 312 
PRO HD2  H N N 313 
PRO HD3  H N N 314 
PRO HXT  H N N 315 
SER N    N N N 316 
SER CA   C N S 317 
SER C    C N N 318 
SER O    O N N 319 
SER CB   C N N 320 
SER OG   O N N 321 
SER OXT  O N N 322 
SER H    H N N 323 
SER H2   H N N 324 
SER HA   H N N 325 
SER HB2  H N N 326 
SER HB3  H N N 327 
SER HG   H N N 328 
SER HXT  H N N 329 
THR N    N N N 330 
THR CA   C N S 331 
THR C    C N N 332 
THR O    O N N 333 
THR CB   C N R 334 
THR OG1  O N N 335 
THR CG2  C N N 336 
THR OXT  O N N 337 
THR H    H N N 338 
THR H2   H N N 339 
THR HA   H N N 340 
THR HB   H N N 341 
THR HG1  H N N 342 
THR HG21 H N N 343 
THR HG22 H N N 344 
THR HG23 H N N 345 
THR HXT  H N N 346 
TRP N    N N N 347 
TRP CA   C N S 348 
TRP C    C N N 349 
TRP O    O N N 350 
TRP CB   C N N 351 
TRP CG   C Y N 352 
TRP CD1  C Y N 353 
TRP CD2  C Y N 354 
TRP NE1  N Y N 355 
TRP CE2  C Y N 356 
TRP CE3  C Y N 357 
TRP CZ2  C Y N 358 
TRP CZ3  C Y N 359 
TRP CH2  C Y N 360 
TRP OXT  O N N 361 
TRP H    H N N 362 
TRP H2   H N N 363 
TRP HA   H N N 364 
TRP HB2  H N N 365 
TRP HB3  H N N 366 
TRP HD1  H N N 367 
TRP HE1  H N N 368 
TRP HE3  H N N 369 
TRP HZ2  H N N 370 
TRP HZ3  H N N 371 
TRP HH2  H N N 372 
TRP HXT  H N N 373 
TYR N    N N N 374 
TYR CA   C N S 375 
TYR C    C N N 376 
TYR O    O N N 377 
TYR CB   C N N 378 
TYR CG   C Y N 379 
TYR CD1  C Y N 380 
TYR CD2  C Y N 381 
TYR CE1  C Y N 382 
TYR CE2  C Y N 383 
TYR CZ   C Y N 384 
TYR OH   O N N 385 
TYR OXT  O N N 386 
TYR H    H N N 387 
TYR H2   H N N 388 
TYR HA   H N N 389 
TYR HB2  H N N 390 
TYR HB3  H N N 391 
TYR HD1  H N N 392 
TYR HD2  H N N 393 
TYR HE1  H N N 394 
TYR HE2  H N N 395 
TYR HH   H N N 396 
TYR HXT  H N N 397 
VAL N    N N N 398 
VAL CA   C N S 399 
VAL C    C N N 400 
VAL O    O N N 401 
VAL CB   C N N 402 
VAL CG1  C N N 403 
VAL CG2  C N N 404 
VAL OXT  O N N 405 
VAL H    H N N 406 
VAL H2   H N N 407 
VAL HA   H N N 408 
VAL HB   H N N 409 
VAL HG11 H N N 410 
VAL HG12 H N N 411 
VAL HG13 H N N 412 
VAL HG21 H N N 413 
VAL HG22 H N N 414 
VAL HG23 H N N 415 
VAL HXT  H N N 416 
# 
loop_
_chem_comp_bond.comp_id 
_chem_comp_bond.atom_id_1 
_chem_comp_bond.atom_id_2 
_chem_comp_bond.value_order 
_chem_comp_bond.pdbx_aromatic_flag 
_chem_comp_bond.pdbx_stereo_config 
_chem_comp_bond.pdbx_ordinal 
ALA N   CA   sing N N 1   
ALA N   H    sing N N 2   
ALA N   H2   sing N N 3   
ALA CA  C    sing N N 4   
ALA CA  CB   sing N N 5   
ALA CA  HA   sing N N 6   
ALA C   O    doub N N 7   
ALA C   OXT  sing N N 8   
ALA CB  HB1  sing N N 9   
ALA CB  HB2  sing N N 10  
ALA CB  HB3  sing N N 11  
ALA OXT HXT  sing N N 12  
ARG N   CA   sing N N 13  
ARG N   H    sing N N 14  
ARG N   H2   sing N N 15  
ARG CA  C    sing N N 16  
ARG CA  CB   sing N N 17  
ARG CA  HA   sing N N 18  
ARG C   O    doub N N 19  
ARG C   OXT  sing N N 20  
ARG CB  CG   sing N N 21  
ARG CB  HB2  sing N N 22  
ARG CB  HB3  sing N N 23  
ARG CG  CD   sing N N 24  
ARG CG  HG2  sing N N 25  
ARG CG  HG3  sing N N 26  
ARG CD  NE   sing N N 27  
ARG CD  HD2  sing N N 28  
ARG CD  HD3  sing N N 29  
ARG NE  CZ   sing N N 30  
ARG NE  HE   sing N N 31  
ARG CZ  NH1  sing N N 32  
ARG CZ  NH2  doub N N 33  
ARG NH1 HH11 sing N N 34  
ARG NH1 HH12 sing N N 35  
ARG NH2 HH21 sing N N 36  
ARG NH2 HH22 sing N N 37  
ARG OXT HXT  sing N N 38  
ASN N   CA   sing N N 39  
ASN N   H    sing N N 40  
ASN N   H2   sing N N 41  
ASN CA  C    sing N N 42  
ASN CA  CB   sing N N 43  
ASN CA  HA   sing N N 44  
ASN C   O    doub N N 45  
ASN C   OXT  sing N N 46  
ASN CB  CG   sing N N 47  
ASN CB  HB2  sing N N 48  
ASN CB  HB3  sing N N 49  
ASN CG  OD1  doub N N 50  
ASN CG  ND2  sing N N 51  
ASN ND2 HD21 sing N N 52  
ASN ND2 HD22 sing N N 53  
ASN OXT HXT  sing N N 54  
ASP N   CA   sing N N 55  
ASP N   H    sing N N 56  
ASP N   H2   sing N N 57  
ASP CA  C    sing N N 58  
ASP CA  CB   sing N N 59  
ASP CA  HA   sing N N 60  
ASP C   O    doub N N 61  
ASP C   OXT  sing N N 62  
ASP CB  CG   sing N N 63  
ASP CB  HB2  sing N N 64  
ASP CB  HB3  sing N N 65  
ASP CG  OD1  doub N N 66  
ASP CG  OD2  sing N N 67  
ASP OD2 HD2  sing N N 68  
ASP OXT HXT  sing N N 69  
CYS N   CA   sing N N 70  
CYS N   H    sing N N 71  
CYS N   H2   sing N N 72  
CYS CA  C    sing N N 73  
CYS CA  CB   sing N N 74  
CYS CA  HA   sing N N 75  
CYS C   O    doub N N 76  
CYS C   OXT  sing N N 77  
CYS CB  SG   sing N N 78  
CYS CB  HB2  sing N N 79  
CYS CB  HB3  sing N N 80  
CYS SG  HG   sing N N 81  
CYS OXT HXT  sing N N 82  
EDO C1  O1   sing N N 83  
EDO C1  C2   sing N N 84  
EDO C1  H11  sing N N 85  
EDO C1  H12  sing N N 86  
EDO O1  HO1  sing N N 87  
EDO C2  O2   sing N N 88  
EDO C2  H21  sing N N 89  
EDO C2  H22  sing N N 90  
EDO O2  HO2  sing N N 91  
GLN N   CA   sing N N 92  
GLN N   H    sing N N 93  
GLN N   H2   sing N N 94  
GLN CA  C    sing N N 95  
GLN CA  CB   sing N N 96  
GLN CA  HA   sing N N 97  
GLN C   O    doub N N 98  
GLN C   OXT  sing N N 99  
GLN CB  CG   sing N N 100 
GLN CB  HB2  sing N N 101 
GLN CB  HB3  sing N N 102 
GLN CG  CD   sing N N 103 
GLN CG  HG2  sing N N 104 
GLN CG  HG3  sing N N 105 
GLN CD  OE1  doub N N 106 
GLN CD  NE2  sing N N 107 
GLN NE2 HE21 sing N N 108 
GLN NE2 HE22 sing N N 109 
GLN OXT HXT  sing N N 110 
GLU N   CA   sing N N 111 
GLU N   H    sing N N 112 
GLU N   H2   sing N N 113 
GLU CA  C    sing N N 114 
GLU CA  CB   sing N N 115 
GLU CA  HA   sing N N 116 
GLU C   O    doub N N 117 
GLU C   OXT  sing N N 118 
GLU CB  CG   sing N N 119 
GLU CB  HB2  sing N N 120 
GLU CB  HB3  sing N N 121 
GLU CG  CD   sing N N 122 
GLU CG  HG2  sing N N 123 
GLU CG  HG3  sing N N 124 
GLU CD  OE1  doub N N 125 
GLU CD  OE2  sing N N 126 
GLU OE2 HE2  sing N N 127 
GLU OXT HXT  sing N N 128 
GLY N   CA   sing N N 129 
GLY N   H    sing N N 130 
GLY N   H2   sing N N 131 
GLY CA  C    sing N N 132 
GLY CA  HA2  sing N N 133 
GLY CA  HA3  sing N N 134 
GLY C   O    doub N N 135 
GLY C   OXT  sing N N 136 
GLY OXT HXT  sing N N 137 
GQA C6  N1   sing N N 138 
GQA C5  N1   sing N N 139 
GQA C5  C4   doub N N 140 
GQA N1  C1   sing N N 141 
GQA C4  C3   sing N N 142 
GQA S1  C1   doub N N 143 
GQA C1  C2   sing N N 144 
GQA C2  C3   doub N N 145 
GQA C2  O1   sing N N 146 
GQA C4  H1   sing N N 147 
GQA C5  H2   sing N N 148 
GQA C6  H3   sing N N 149 
GQA C6  H4   sing N N 150 
GQA C6  H5   sing N N 151 
GQA O1  H6   sing N N 152 
GQA C3  H7   sing N N 153 
HIS N   CA   sing N N 154 
HIS N   H    sing N N 155 
HIS N   H2   sing N N 156 
HIS CA  C    sing N N 157 
HIS CA  CB   sing N N 158 
HIS CA  HA   sing N N 159 
HIS C   O    doub N N 160 
HIS C   OXT  sing N N 161 
HIS CB  CG   sing N N 162 
HIS CB  HB2  sing N N 163 
HIS CB  HB3  sing N N 164 
HIS CG  ND1  sing Y N 165 
HIS CG  CD2  doub Y N 166 
HIS ND1 CE1  doub Y N 167 
HIS ND1 HD1  sing N N 168 
HIS CD2 NE2  sing Y N 169 
HIS CD2 HD2  sing N N 170 
HIS CE1 NE2  sing Y N 171 
HIS CE1 HE1  sing N N 172 
HIS NE2 HE2  sing N N 173 
HIS OXT HXT  sing N N 174 
HOH O   H1   sing N N 175 
HOH O   H2   sing N N 176 
ILE N   CA   sing N N 177 
ILE N   H    sing N N 178 
ILE N   H2   sing N N 179 
ILE CA  C    sing N N 180 
ILE CA  CB   sing N N 181 
ILE CA  HA   sing N N 182 
ILE C   O    doub N N 183 
ILE C   OXT  sing N N 184 
ILE CB  CG1  sing N N 185 
ILE CB  CG2  sing N N 186 
ILE CB  HB   sing N N 187 
ILE CG1 CD1  sing N N 188 
ILE CG1 HG12 sing N N 189 
ILE CG1 HG13 sing N N 190 
ILE CG2 HG21 sing N N 191 
ILE CG2 HG22 sing N N 192 
ILE CG2 HG23 sing N N 193 
ILE CD1 HD11 sing N N 194 
ILE CD1 HD12 sing N N 195 
ILE CD1 HD13 sing N N 196 
ILE OXT HXT  sing N N 197 
LEU N   CA   sing N N 198 
LEU N   H    sing N N 199 
LEU N   H2   sing N N 200 
LEU CA  C    sing N N 201 
LEU CA  CB   sing N N 202 
LEU CA  HA   sing N N 203 
LEU C   O    doub N N 204 
LEU C   OXT  sing N N 205 
LEU CB  CG   sing N N 206 
LEU CB  HB2  sing N N 207 
LEU CB  HB3  sing N N 208 
LEU CG  CD1  sing N N 209 
LEU CG  CD2  sing N N 210 
LEU CG  HG   sing N N 211 
LEU CD1 HD11 sing N N 212 
LEU CD1 HD12 sing N N 213 
LEU CD1 HD13 sing N N 214 
LEU CD2 HD21 sing N N 215 
LEU CD2 HD22 sing N N 216 
LEU CD2 HD23 sing N N 217 
LEU OXT HXT  sing N N 218 
LYS N   CA   sing N N 219 
LYS N   H    sing N N 220 
LYS N   H2   sing N N 221 
LYS CA  C    sing N N 222 
LYS CA  CB   sing N N 223 
LYS CA  HA   sing N N 224 
LYS C   O    doub N N 225 
LYS C   OXT  sing N N 226 
LYS CB  CG   sing N N 227 
LYS CB  HB2  sing N N 228 
LYS CB  HB3  sing N N 229 
LYS CG  CD   sing N N 230 
LYS CG  HG2  sing N N 231 
LYS CG  HG3  sing N N 232 
LYS CD  CE   sing N N 233 
LYS CD  HD2  sing N N 234 
LYS CD  HD3  sing N N 235 
LYS CE  NZ   sing N N 236 
LYS CE  HE2  sing N N 237 
LYS CE  HE3  sing N N 238 
LYS NZ  HZ1  sing N N 239 
LYS NZ  HZ2  sing N N 240 
LYS NZ  HZ3  sing N N 241 
LYS OXT HXT  sing N N 242 
MET N   CA   sing N N 243 
MET N   H    sing N N 244 
MET N   H2   sing N N 245 
MET CA  C    sing N N 246 
MET CA  CB   sing N N 247 
MET CA  HA   sing N N 248 
MET C   O    doub N N 249 
MET C   OXT  sing N N 250 
MET CB  CG   sing N N 251 
MET CB  HB2  sing N N 252 
MET CB  HB3  sing N N 253 
MET CG  SD   sing N N 254 
MET CG  HG2  sing N N 255 
MET CG  HG3  sing N N 256 
MET SD  CE   sing N N 257 
MET CE  HE1  sing N N 258 
MET CE  HE2  sing N N 259 
MET CE  HE3  sing N N 260 
MET OXT HXT  sing N N 261 
PHE N   CA   sing N N 262 
PHE N   H    sing N N 263 
PHE N   H2   sing N N 264 
PHE CA  C    sing N N 265 
PHE CA  CB   sing N N 266 
PHE CA  HA   sing N N 267 
PHE C   O    doub N N 268 
PHE C   OXT  sing N N 269 
PHE CB  CG   sing N N 270 
PHE CB  HB2  sing N N 271 
PHE CB  HB3  sing N N 272 
PHE CG  CD1  doub Y N 273 
PHE CG  CD2  sing Y N 274 
PHE CD1 CE1  sing Y N 275 
PHE CD1 HD1  sing N N 276 
PHE CD2 CE2  doub Y N 277 
PHE CD2 HD2  sing N N 278 
PHE CE1 CZ   doub Y N 279 
PHE CE1 HE1  sing N N 280 
PHE CE2 CZ   sing Y N 281 
PHE CE2 HE2  sing N N 282 
PHE CZ  HZ   sing N N 283 
PHE OXT HXT  sing N N 284 
PRO N   CA   sing N N 285 
PRO N   CD   sing N N 286 
PRO N   H    sing N N 287 
PRO CA  C    sing N N 288 
PRO CA  CB   sing N N 289 
PRO CA  HA   sing N N 290 
PRO C   O    doub N N 291 
PRO C   OXT  sing N N 292 
PRO CB  CG   sing N N 293 
PRO CB  HB2  sing N N 294 
PRO CB  HB3  sing N N 295 
PRO CG  CD   sing N N 296 
PRO CG  HG2  sing N N 297 
PRO CG  HG3  sing N N 298 
PRO CD  HD2  sing N N 299 
PRO CD  HD3  sing N N 300 
PRO OXT HXT  sing N N 301 
SER N   CA   sing N N 302 
SER N   H    sing N N 303 
SER N   H2   sing N N 304 
SER CA  C    sing N N 305 
SER CA  CB   sing N N 306 
SER CA  HA   sing N N 307 
SER C   O    doub N N 308 
SER C   OXT  sing N N 309 
SER CB  OG   sing N N 310 
SER CB  HB2  sing N N 311 
SER CB  HB3  sing N N 312 
SER OG  HG   sing N N 313 
SER OXT HXT  sing N N 314 
THR N   CA   sing N N 315 
THR N   H    sing N N 316 
THR N   H2   sing N N 317 
THR CA  C    sing N N 318 
THR CA  CB   sing N N 319 
THR CA  HA   sing N N 320 
THR C   O    doub N N 321 
THR C   OXT  sing N N 322 
THR CB  OG1  sing N N 323 
THR CB  CG2  sing N N 324 
THR CB  HB   sing N N 325 
THR OG1 HG1  sing N N 326 
THR CG2 HG21 sing N N 327 
THR CG2 HG22 sing N N 328 
THR CG2 HG23 sing N N 329 
THR OXT HXT  sing N N 330 
TRP N   CA   sing N N 331 
TRP N   H    sing N N 332 
TRP N   H2   sing N N 333 
TRP CA  C    sing N N 334 
TRP CA  CB   sing N N 335 
TRP CA  HA   sing N N 336 
TRP C   O    doub N N 337 
TRP C   OXT  sing N N 338 
TRP CB  CG   sing N N 339 
TRP CB  HB2  sing N N 340 
TRP CB  HB3  sing N N 341 
TRP CG  CD1  doub Y N 342 
TRP CG  CD2  sing Y N 343 
TRP CD1 NE1  sing Y N 344 
TRP CD1 HD1  sing N N 345 
TRP CD2 CE2  doub Y N 346 
TRP CD2 CE3  sing Y N 347 
TRP NE1 CE2  sing Y N 348 
TRP NE1 HE1  sing N N 349 
TRP CE2 CZ2  sing Y N 350 
TRP CE3 CZ3  doub Y N 351 
TRP CE3 HE3  sing N N 352 
TRP CZ2 CH2  doub Y N 353 
TRP CZ2 HZ2  sing N N 354 
TRP CZ3 CH2  sing Y N 355 
TRP CZ3 HZ3  sing N N 356 
TRP CH2 HH2  sing N N 357 
TRP OXT HXT  sing N N 358 
TYR N   CA   sing N N 359 
TYR N   H    sing N N 360 
TYR N   H2   sing N N 361 
TYR CA  C    sing N N 362 
TYR CA  CB   sing N N 363 
TYR CA  HA   sing N N 364 
TYR C   O    doub N N 365 
TYR C   OXT  sing N N 366 
TYR CB  CG   sing N N 367 
TYR CB  HB2  sing N N 368 
TYR CB  HB3  sing N N 369 
TYR CG  CD1  doub Y N 370 
TYR CG  CD2  sing Y N 371 
TYR CD1 CE1  sing Y N 372 
TYR CD1 HD1  sing N N 373 
TYR CD2 CE2  doub Y N 374 
TYR CD2 HD2  sing N N 375 
TYR CE1 CZ   doub Y N 376 
TYR CE1 HE1  sing N N 377 
TYR CE2 CZ   sing Y N 378 
TYR CE2 HE2  sing N N 379 
TYR CZ  OH   sing N N 380 
TYR OH  HH   sing N N 381 
TYR OXT HXT  sing N N 382 
VAL N   CA   sing N N 383 
VAL N   H    sing N N 384 
VAL N   H2   sing N N 385 
VAL CA  C    sing N N 386 
VAL CA  CB   sing N N 387 
VAL CA  HA   sing N N 388 
VAL C   O    doub N N 389 
VAL C   OXT  sing N N 390 
VAL CB  CG1  sing N N 391 
VAL CB  CG2  sing N N 392 
VAL CB  HB   sing N N 393 
VAL CG1 HG11 sing N N 394 
VAL CG1 HG12 sing N N 395 
VAL CG1 HG13 sing N N 396 
VAL CG2 HG21 sing N N 397 
VAL CG2 HG22 sing N N 398 
VAL CG2 HG23 sing N N 399 
VAL OXT HXT  sing N N 400 
# 
_pdbx_deposit_group.group_id            G_1002046 
_pdbx_deposit_group.group_description   
;Human FAM83B DUF1669 domain screened against DSPL and OxXChem Libraries by X-ray Crystallography at the XChem facility of Diamond Light Source beamline I04-1
;
_pdbx_deposit_group.group_title         'PanDDA analysis group deposition of models with modelled events (e.g. bound ligands)' 
_pdbx_deposit_group.group_type          'changed state' 
# 
_pdbx_related_exp_data_set.ordinal              1 
_pdbx_related_exp_data_set.data_reference       . 
_pdbx_related_exp_data_set.metadata_reference   10.5281/zenodo.1247291 
_pdbx_related_exp_data_set.data_set_type        'other data' 
_pdbx_related_exp_data_set.details              'Complete PanDDA analysis' 
# 
_atom_sites.entry_id                    5QHM 
_atom_sites.fract_transf_matrix[1][1]   -0.00522085 
_atom_sites.fract_transf_matrix[1][2]   0.01901991 
_atom_sites.fract_transf_matrix[1][3]   0.00124985 
_atom_sites.fract_transf_matrix[2][1]   0.00962820 
_atom_sites.fract_transf_matrix[2][2]   0.00151311 
_atom_sites.fract_transf_matrix[2][3]   0.01719257 
_atom_sites.fract_transf_matrix[3][1]   0.00543131 
_atom_sites.fract_transf_matrix[3][2]   0.00170057 
_atom_sites.fract_transf_matrix[3][3]   -0.00319132 
_atom_sites.fract_transf_vector[1]      0.123594 
_atom_sites.fract_transf_vector[2]      0.778017 
_atom_sites.fract_transf_vector[3]      0.386424 
# 
loop_
_atom_type.symbol 
C 
N 
O 
S 
# 
loop_
_atom_site.group_PDB 
_atom_site.id 
_atom_site.type_symbol 
_atom_site.label_atom_id 
_atom_site.label_alt_id 
_atom_site.label_comp_id 
_atom_site.label_asym_id 
_atom_site.label_entity_id 
_atom_site.label_seq_id 
_atom_site.pdbx_PDB_ins_code 
_atom_site.Cartn_x 
_atom_site.Cartn_y 
_atom_site.Cartn_z 
_atom_site.occupancy 
_atom_site.B_iso_or_equiv 
_atom_site.pdbx_formal_charge 
_atom_site.auth_seq_id 
_atom_site.auth_comp_id 
_atom_site.auth_asym_id 
_atom_site.auth_atom_id 
_atom_site.pdbx_PDB_model_num 
ATOM   1    N N   . GLY A 1 3   ? 9.881   16.287  19.399  1.00 58.01 ? 3   GLY A N   1 
ATOM   2    C CA  . GLY A 1 3   ? 8.919   15.345  18.729  1.00 57.48 ? 3   GLY A CA  1 
ATOM   3    C C   . GLY A 1 3   ? 9.320   13.859  18.745  1.00 53.32 ? 3   GLY A C   1 
ATOM   4    O O   . GLY A 1 3   ? 10.279  13.458  18.076  1.00 59.51 ? 3   GLY A O   1 
ATOM   5    N N   . GLY A 1 4   ? 8.600   13.055  19.527  1.00 44.32 ? 4   GLY A N   1 
ATOM   6    C CA  . GLY A 1 4   ? 8.781   11.602  19.543  1.00 43.72 ? 4   GLY A CA  1 
ATOM   7    C C   . GLY A 1 4   ? 7.971   10.845  18.478  1.00 38.60 ? 4   GLY A C   1 
ATOM   8    O O   . GLY A 1 4   ? 7.601   11.401  17.446  1.00 39.43 ? 4   GLY A O   1 
ATOM   9    N N   . THR A 1 5   ? 7.737   9.565   18.748  1.00 38.61 ? 5   THR A N   1 
ATOM   10   C CA  . THR A 1 5   ? 6.952   8.675   17.896  1.00 35.67 ? 5   THR A CA  1 
ATOM   11   C C   . THR A 1 5   ? 5.814   8.103   18.706  1.00 34.06 ? 5   THR A C   1 
ATOM   12   O O   . THR A 1 5   ? 6.000   7.685   19.831  1.00 33.42 ? 5   THR A O   1 
ATOM   13   C CB  . THR A 1 5   ? 7.842   7.568   17.334  1.00 35.52 ? 5   THR A CB  1 
ATOM   14   O OG1 . THR A 1 5   ? 8.725   8.171   16.417  1.00 33.78 ? 5   THR A OG1 1 
ATOM   15   C CG2 . THR A 1 5   ? 7.064   6.475   16.604  1.00 35.02 ? 5   THR A CG2 1 
ATOM   16   N N   . HIS A 1 6   ? 4.631   8.057   18.107  1.00 31.11 ? 6   HIS A N   1 
ATOM   17   C CA  . HIS A 1 6   ? 3.496   7.414   18.724  1.00 31.94 ? 6   HIS A CA  1 
ATOM   18   C C   . HIS A 1 6   ? 3.072   6.183   17.885  1.00 30.97 ? 6   HIS A C   1 
ATOM   19   O O   . HIS A 1 6   ? 3.031   6.277   16.659  1.00 27.94 ? 6   HIS A O   1 
ATOM   20   C CB  . HIS A 1 6   ? 2.344   8.394   18.869  1.00 34.15 ? 6   HIS A CB  1 
ATOM   21   C CG  . HIS A 1 6   ? 1.184   7.809   19.603  1.00 41.70 ? 6   HIS A CG  1 
ATOM   22   N ND1 . HIS A 1 6   ? 1.151   7.703   20.979  1.00 45.39 ? 6   HIS A ND1 1 
ATOM   23   C CD2 . HIS A 1 6   ? 0.062   7.203   19.150  1.00 45.91 ? 6   HIS A CD2 1 
ATOM   24   C CE1 . HIS A 1 6   ? 0.029   7.108   21.343  1.00 48.11 ? 6   HIS A CE1 1 
ATOM   25   N NE2 . HIS A 1 6   ? -0.648  6.791   20.251  1.00 48.97 ? 6   HIS A NE2 1 
ATOM   26   N N   . ILE A 1 7   ? 2.786   5.056   18.549  1.00 29.69 ? 7   ILE A N   1 
ATOM   27   C CA  . ILE A 1 7   ? 2.320   3.804   17.877  1.00 29.30 ? 7   ILE A CA  1 
ATOM   28   C C   . ILE A 1 7   ? 1.094   3.239   18.562  1.00 28.32 ? 7   ILE A C   1 
ATOM   29   O O   . ILE A 1 7   ? 1.086   3.058   19.774  1.00 29.05 ? 7   ILE A O   1 
ATOM   30   C CB  . ILE A 1 7   ? 3.439   2.745   17.803  1.00 32.04 ? 7   ILE A CB  1 
ATOM   31   C CG1 . ILE A 1 7   ? 4.613   3.323   17.027  1.00 34.34 ? 7   ILE A CG1 1 
ATOM   32   C CG2 . ILE A 1 7   ? 2.927   1.439   17.147  1.00 31.44 ? 7   ILE A CG2 1 
ATOM   33   C CD1 . ILE A 1 7   ? 5.813   2.430   16.921  1.00 37.07 ? 7   ILE A CD1 1 
ATOM   34   N N   . ASP A 1 8   ? 0.050   2.962   17.798  1.00 26.29 ? 8   ASP A N   1 
ATOM   35   C CA  . ASP A 1 8   ? -1.081  2.172   18.242  1.00 28.19 ? 8   ASP A CA  1 
ATOM   36   C C   . ASP A 1 8   ? -1.061  0.873   17.437  1.00 26.72 ? 8   ASP A C   1 
ATOM   37   O O   . ASP A 1 8   ? -0.680  0.883   16.276  1.00 25.77 ? 8   ASP A O   1 
ATOM   38   C CB  . ASP A 1 8   ? -2.381  2.892   17.972  1.00 32.12 ? 8   ASP A CB  1 
ATOM   39   C CG  . ASP A 1 8   ? -2.553  4.129   18.842  1.00 37.12 ? 8   ASP A CG  1 
ATOM   40   O OD1 . ASP A 1 8   ? -2.423  4.013   20.070  1.00 41.80 ? 8   ASP A OD1 1 
ATOM   41   O OD2 . ASP A 1 8   ? -2.754  5.216   18.292  1.00 41.08 ? 8   ASP A OD2 1 
ATOM   42   N N   . LEU A 1 9   ? -1.483  -0.220  18.057  1.00 25.25 ? 9   LEU A N   1 
ATOM   43   C CA  . LEU A 1 9   ? -1.641  -1.484  17.393  1.00 26.47 ? 9   LEU A CA  1 
ATOM   44   C C   . LEU A 1 9   ? -3.085  -1.717  17.036  1.00 25.06 ? 9   LEU A C   1 
ATOM   45   O O   . LEU A 1 9   ? -4.011  -1.370  17.778  1.00 25.42 ? 9   LEU A O   1 
ATOM   46   C CB  . LEU A 1 9   ? -1.087  -2.624  18.247  1.00 27.98 ? 9   LEU A CB  1 
ATOM   47   C CG  . LEU A 1 9   ? 0.384   -2.502  18.666  1.00 30.69 ? 9   LEU A CG  1 
ATOM   48   C CD1 . LEU A 1 9   ? 0.768   -3.628  19.611  1.00 32.96 ? 9   LEU A CD1 1 
ATOM   49   C CD2 . LEU A 1 9   ? 1.297   -2.527  17.436  1.00 32.75 ? 9   LEU A CD2 1 
ATOM   50   N N   . LEU A 1 10  ? -3.292  -2.273  15.851  1.00 23.26 ? 10  LEU A N   1 
ATOM   51   C CA  . LEU A 1 10  ? -4.599  -2.796  15.421  1.00 22.94 ? 10  LEU A CA  1 
ATOM   52   C C   . LEU A 1 10  ? -4.419  -4.250  15.012  1.00 23.96 ? 10  LEU A C   1 
ATOM   53   O O   . LEU A 1 10  ? -3.388  -4.625  14.443  1.00 23.60 ? 10  LEU A O   1 
ATOM   54   C CB  . LEU A 1 10  ? -5.116  -2.029  14.215  1.00 24.08 ? 10  LEU A CB  1 
ATOM   55   C CG  . LEU A 1 10  ? -5.310  -0.504  14.381  1.00 24.69 ? 10  LEU A CG  1 
ATOM   56   C CD1 . LEU A 1 10  ? -5.646  0.118   13.058  1.00 26.76 ? 10  LEU A CD1 1 
ATOM   57   C CD2 . LEU A 1 10  ? -6.430  -0.223  15.371  1.00 26.05 ? 10  LEU A CD2 1 
ATOM   58   N N   . PHE A 1 11  ? -5.446  -5.036  15.231  1.00 24.82 ? 11  PHE A N   1 
ATOM   59   C CA  . PHE A 1 11  ? -5.449  -6.460  14.961  1.00 25.26 ? 11  PHE A CA  1 
ATOM   60   C C   . PHE A 1 11  ? -6.590  -6.801  14.047  1.00 25.61 ? 11  PHE A C   1 
ATOM   61   O O   . PHE A 1 11  ? -7.578  -6.071  13.975  1.00 26.05 ? 11  PHE A O   1 
ATOM   62   C CB  . PHE A 1 11  ? -5.593  -7.221  16.275  1.00 26.61 ? 11  PHE A CB  1 
ATOM   63   C CG  . PHE A 1 11  ? -4.525  -6.882  17.265  1.00 25.33 ? 11  PHE A CG  1 
ATOM   64   C CD1 . PHE A 1 11  ? -4.687  -5.813  18.133  1.00 26.59 ? 11  PHE A CD1 1 
ATOM   65   C CD2 . PHE A 1 11  ? -3.344  -7.608  17.296  1.00 28.97 ? 11  PHE A CD2 1 
ATOM   66   C CE1 . PHE A 1 11  ? -3.687  -5.482  19.036  1.00 28.96 ? 11  PHE A CE1 1 
ATOM   67   C CE2 . PHE A 1 11  ? -2.333  -7.267  18.192  1.00 27.67 ? 11  PHE A CE2 1 
ATOM   68   C CZ  . PHE A 1 11  ? -2.509  -6.195  19.043  1.00 28.25 ? 11  PHE A CZ  1 
ATOM   69   N N   . HIS A 1 12  ? -6.433  -7.930  13.349  1.00 27.02 ? 12  HIS A N   1 
ATOM   70   C CA  . HIS A 1 12  ? -7.532  -8.578  12.652  1.00 26.31 ? 12  HIS A CA  1 
ATOM   71   C C   . HIS A 1 12  ? -7.534  -10.037 13.076  1.00 27.73 ? 12  HIS A C   1 
ATOM   72   O O   . HIS A 1 12  ? -6.555  -10.760 12.834  1.00 26.48 ? 12  HIS A O   1 
ATOM   73   C CB  . HIS A 1 12  ? -7.475  -8.480  11.119  1.00 26.57 ? 12  HIS A CB  1 
ATOM   74   C CG  . HIS A 1 12  ? -8.790  -8.756  10.460  1.00 30.37 ? 12  HIS A CG  1 
ATOM   75   N ND1 . HIS A 1 12  ? -9.852  -7.874  10.503  1.00 35.45 ? 12  HIS A ND1 1 
ATOM   76   C CD2 . HIS A 1 12  ? -9.235  -9.832  9.764   1.00 33.13 ? 12  HIS A CD2 1 
ATOM   77   C CE1 . HIS A 1 12  ? -10.867 -8.369  9.819   1.00 32.58 ? 12  HIS A CE1 1 
ATOM   78   N NE2 . HIS A 1 12  ? -10.509 -9.546  9.342   1.00 33.24 ? 12  HIS A NE2 1 
ATOM   79   N N   . PRO A 1 13  ? -8.623  -10.507 13.708  1.00 29.24 ? 13  PRO A N   1 
ATOM   80   C CA  . PRO A 1 13  ? -9.812  -9.712  14.029  1.00 28.91 ? 13  PRO A CA  1 
ATOM   81   C C   . PRO A 1 13  ? -9.529  -8.632  15.062  1.00 25.41 ? 13  PRO A C   1 
ATOM   82   O O   . PRO A 1 13  ? -8.539  -8.707  15.796  1.00 27.43 ? 13  PRO A O   1 
ATOM   83   C CB  . PRO A 1 13  ? -10.830 -10.764 14.553  1.00 29.99 ? 13  PRO A CB  1 
ATOM   84   C CG  . PRO A 1 13  ? -10.041 -11.955 14.886  1.00 32.18 ? 13  PRO A CG  1 
ATOM   85   C CD  . PRO A 1 13  ? -8.714  -11.892 14.178  1.00 28.44 ? 13  PRO A CD  1 
ATOM   86   N N   . PRO A 1 14  ? -10.391 -7.610  15.111  1.00 26.72 ? 14  PRO A N   1 
ATOM   87   C CA  . PRO A 1 14  ? -10.176 -6.483  16.042  1.00 26.55 ? 14  PRO A CA  1 
ATOM   88   C C   . PRO A 1 14  ? -10.035 -6.883  17.500  1.00 26.46 ? 14  PRO A C   1 
ATOM   89   O O   . PRO A 1 14  ? -10.716 -7.824  17.919  1.00 29.38 ? 14  PRO A O   1 
ATOM   90   C CB  . PRO A 1 14  ? -11.409 -5.585  15.809  1.00 28.21 ? 14  PRO A CB  1 
ATOM   91   C CG  . PRO A 1 14  ? -12.182 -6.168  14.702  1.00 28.95 ? 14  PRO A CG  1 
ATOM   92   C CD  . PRO A 1 14  ? -11.565 -7.431  14.218  1.00 26.48 ? 14  PRO A CD  1 
ATOM   93   N N   . ARG A 1 15  ? -9.140  -6.235  18.254  1.00 27.44 ? 15  ARG A N   1 
ATOM   94   C CA  . ARG A 1 15  ? -9.029  -6.350  19.705  1.00 29.72 ? 15  ARG A CA  1 
ATOM   95   C C   . ARG A 1 15  ? -8.873  -4.971  20.342  1.00 33.59 ? 15  ARG A C   1 
ATOM   96   O O   . ARG A 1 15  ? -7.775  -4.373  20.296  1.00 36.45 ? 15  ARG A O   1 
ATOM   97   C CB  . ARG A 1 15  ? -7.751  -7.029  20.151  1.00 33.87 ? 15  ARG A CB  1 
ATOM   98   C CG  . ARG A 1 15  ? -7.646  -8.484  19.877  1.00 42.66 ? 15  ARG A CG  1 
ATOM   99   C CD  . ARG A 1 15  ? -6.973  -9.171  21.068  1.00 51.24 ? 15  ARG A CD  1 
ATOM   100  N NE  . ARG A 1 15  ? -5.542  -8.875  21.183  1.00 48.11 ? 15  ARG A NE  1 
ATOM   101  C CZ  . ARG A 1 15  ? -4.605  -9.325  20.343  1.00 51.76 ? 15  ARG A CZ  1 
ATOM   102  N NH1 . ARG A 1 15  ? -4.921  -10.064 19.271  1.00 45.04 ? 15  ARG A NH1 1 
ATOM   103  N NH2 . ARG A 1 15  ? -3.322  -9.014  20.571  1.00 50.82 ? 15  ARG A NH2 1 
ATOM   104  N N   . ALA A 1 16  ? -9.915  -4.524  20.990  1.00 28.64 ? 16  ALA A N   1 
ATOM   105  C CA  . ALA A 1 16  ? -9.961  -3.292  21.750  1.00 26.14 ? 16  ALA A CA  1 
ATOM   106  C C   . ALA A 1 16  ? -9.809  -2.013  20.910  1.00 26.55 ? 16  ALA A C   1 
ATOM   107  O O   . ALA A 1 16  ? -9.283  -0.973  21.349  1.00 26.42 ? 16  ALA A O   1 
ATOM   108  C CB  . ALA A 1 16  ? -9.054  -3.328  22.982  1.00 29.43 ? 16  ALA A CB  1 
ATOM   109  N N   . HIS A 1 17  ? -10.373 -2.047  19.721  1.00 24.60 ? 17  HIS A N   1 
ATOM   110  C CA  . HIS A 1 17  ? -10.426 -0.854  18.910  1.00 24.44 ? 17  HIS A CA  1 
ATOM   111  C C   . HIS A 1 17  ? -11.667 -0.960  18.081  1.00 26.13 ? 17  HIS A C   1 
ATOM   112  O O   . HIS A 1 17  ? -12.121 -2.060  17.835  1.00 23.73 ? 17  HIS A O   1 
ATOM   113  C CB  . HIS A 1 17  ? -9.139  -0.692  18.069  1.00 23.72 ? 17  HIS A CB  1 
ATOM   114  C CG  . HIS A 1 17  ? -8.743  -1.903  17.284  1.00 22.71 ? 17  HIS A CG  1 
ATOM   115  N ND1 . HIS A 1 17  ? -9.240  -2.174  16.024  1.00 22.31 ? 17  HIS A ND1 1 
ATOM   116  C CD2 . HIS A 1 17  ? -7.916  -2.932  17.591  1.00 24.25 ? 17  HIS A CD2 1 
ATOM   117  C CE1 . HIS A 1 17  ? -8.705  -3.306  15.583  1.00 23.10 ? 17  HIS A CE1 1 
ATOM   118  N NE2 . HIS A 1 17  ? -7.904  -3.785  16.511  1.00 23.03 ? 17  HIS A NE2 1 
ATOM   119  N N   . LEU A 1 18  ? -12.209 0.179   17.622  1.00 27.30 ? 18  LEU A N   1 
ATOM   120  C CA  . LEU A 1 18  ? -13.506 0.186   16.967  1.00 26.73 ? 18  LEU A CA  1 
ATOM   121  C C   . LEU A 1 18  ? -13.532 -0.173  15.519  1.00 27.35 ? 18  LEU A C   1 
ATOM   122  O O   . LEU A 1 18  ? -14.527 -0.739  15.079  1.00 25.96 ? 18  LEU A O   1 
ATOM   123  C CB  . LEU A 1 18  ? -14.202 1.543   17.127  1.00 30.74 ? 18  LEU A CB  1 
ATOM   124  C CG  . LEU A 1 18  ? -14.470 1.955   18.581  1.00 32.95 ? 18  LEU A CG  1 
ATOM   125  C CD1 . LEU A 1 18  ? -15.020 3.368   18.658  1.00 35.53 ? 18  LEU A CD1 1 
ATOM   126  C CD2 . LEU A 1 18  ? -15.363 0.965   19.336  1.00 31.06 ? 18  LEU A CD2 1 
ATOM   127  N N   . LEU A 1 19  ? -12.467 0.131   14.775  1.00 28.02 ? 19  LEU A N   1 
ATOM   128  C CA  . LEU A 1 19  ? -12.440 -0.141  13.341  1.00 28.91 ? 19  LEU A CA  1 
ATOM   129  C C   . LEU A 1 19  ? -11.576 -1.378  13.045  1.00 27.52 ? 19  LEU A C   1 
ATOM   130  O O   . LEU A 1 19  ? -10.621 -1.689  13.751  1.00 26.34 ? 19  LEU A O   1 
ATOM   131  C CB  . LEU A 1 19  ? -11.908 1.061   12.574  1.00 30.93 ? 19  LEU A CB  1 
ATOM   132  C CG  . LEU A 1 19  ? -12.680 2.392   12.691  1.00 32.82 ? 19  LEU A CG  1 
ATOM   133  C CD1 . LEU A 1 19  ? -12.015 3.413   11.789  1.00 37.02 ? 19  LEU A CD1 1 
ATOM   134  C CD2 . LEU A 1 19  ? -14.148 2.258   12.325  1.00 34.90 ? 19  LEU A CD2 1 
ATOM   135  N N   . THR A 1 20  ? -11.952 -2.080  11.991  1.00 26.07 ? 20  THR A N   1 
ATOM   136  C CA  . THR A 1 20  ? -11.083 -3.113  11.433  1.00 27.14 ? 20  THR A CA  1 
ATOM   137  C C   . THR A 1 20  ? -9.891  -2.474  10.723  1.00 22.66 ? 20  THR A C   1 
ATOM   138  O O   . THR A 1 20  ? -9.862  -1.280  10.439  1.00 23.49 ? 20  THR A O   1 
ATOM   139  C CB  . THR A 1 20  ? -11.832 -3.992  10.435  1.00 27.58 ? 20  THR A CB  1 
ATOM   140  O OG1 . THR A 1 20  ? -12.188 -3.193  9.294   1.00 26.61 ? 20  THR A OG1 1 
ATOM   141  C CG2 . THR A 1 20  ? -13.079 -4.549  11.085  1.00 28.45 ? 20  THR A CG2 1 
ATOM   142  N N   . ILE A 1 21  ? -8.885  -3.276  10.479  1.00 23.51 ? 21  ILE A N   1 
ATOM   143  C CA  . ILE A 1 21  ? -7.746  -2.787  9.721   1.00 23.80 ? 21  ILE A CA  1 
ATOM   144  C C   . ILE A 1 21  ? -8.173  -2.279  8.325   1.00 21.91 ? 21  ILE A C   1 
ATOM   145  O O   . ILE A 1 21  ? -7.731  -1.215  7.896   1.00 23.39 ? 21  ILE A O   1 
ATOM   146  C CB  . ILE A 1 21  ? -6.652  -3.850  9.642   1.00 22.94 ? 21  ILE A CB  1 
ATOM   147  C CG1 . ILE A 1 21  ? -6.122  -4.193  11.076  1.00 22.37 ? 21  ILE A CG1 1 
ATOM   148  C CG2 . ILE A 1 21  ? -5.558  -3.365  8.705   1.00 25.66 ? 21  ILE A CG2 1 
ATOM   149  C CD1 . ILE A 1 21  ? -5.064  -5.296  11.123  1.00 23.44 ? 21  ILE A CD1 1 
ATOM   150  N N   . LYS A 1 22  ? -9.036  -3.016  7.648   1.00 24.48 ? 22  LYS A N   1 
ATOM   151  C CA  . LYS A 1 22  ? -9.523  -2.543  6.335   1.00 23.31 ? 22  LYS A CA  1 
ATOM   152  C C   . LYS A 1 22  ? -10.259 -1.213  6.430   1.00 25.07 ? 22  LYS A C   1 
ATOM   153  O O   . LYS A 1 22  ? -10.072 -0.336  5.586   1.00 27.59 ? 22  LYS A O   1 
ATOM   154  C CB  . LYS A 1 22  ? -10.351 -3.572  5.678   1.00 24.45 ? 22  LYS A CB  1 
ATOM   155  C CG  . LYS A 1 22  ? -10.832 -3.167  4.301   1.00 27.89 ? 22  LYS A CG  1 
ATOM   156  C CD  . LYS A 1 22  ? -11.367 -4.378  3.553   1.00 27.30 ? 22  LYS A CD  1 
ATOM   157  C CE  . LYS A 1 22  ? -12.042 -3.875  2.292   1.00 30.72 ? 22  LYS A CE  1 
ATOM   158  N NZ  . LYS A 1 22  ? -12.436 -4.950  1.344   1.00 30.41 ? 22  LYS A NZ  1 
ATOM   159  N N   . GLU A 1 23  ? -11.086 -1.039  7.454   1.00 25.01 ? 23  GLU A N   1 
ATOM   160  C CA  . GLU A 1 23  ? -11.781 0.238   7.589   1.00 25.64 ? 23  GLU A CA  1 
ATOM   161  C C   . GLU A 1 23  ? -10.805 1.372   7.818   1.00 26.19 ? 23  GLU A C   1 
ATOM   162  O O   . GLU A 1 23  ? -11.019 2.471   7.330   1.00 27.32 ? 23  GLU A O   1 
ATOM   163  C CB  . GLU A 1 23  ? -12.777 0.167   8.725   1.00 28.59 ? 23  GLU A CB  1 
ATOM   164  C CG  . GLU A 1 23  ? -13.980 -0.665  8.395   1.00 32.00 ? 23  GLU A CG  1 
ATOM   165  C CD  . GLU A 1 23  ? -14.841 -1.040  9.601   1.00 33.91 ? 23  GLU A CD  1 
ATOM   166  O OE1 . GLU A 1 23  ? -14.447 -0.942  10.784  1.00 29.98 ? 23  GLU A OE1 1 
ATOM   167  O OE2 . GLU A 1 23  ? -15.960 -1.497  9.348   1.00 37.63 ? 23  GLU A OE2 1 
ATOM   168  N N   . THR A 1 24  ? -9.750  1.106   8.607   1.00 24.63 ? 24  THR A N   1 
ATOM   169  C CA  . THR A 1 24  ? -8.732  2.088   8.929   1.00 24.75 ? 24  THR A CA  1 
ATOM   170  C C   . THR A 1 24  ? -7.925  2.460   7.676   1.00 24.55 ? 24  THR A C   1 
ATOM   171  O O   . THR A 1 24  ? -7.647  3.652   7.446   1.00 22.37 ? 24  THR A O   1 
ATOM   172  C CB  . THR A 1 24  ? -7.826  1.576   10.061  1.00 24.37 ? 24  THR A CB  1 
ATOM   173  O OG1 . THR A 1 24  ? -8.636  1.256   11.200  1.00 24.08 ? 24  THR A OG1 1 
ATOM   174  C CG2 . THR A 1 24  ? -6.778  2.600   10.457  1.00 24.91 ? 24  THR A CG2 1 
ATOM   175  N N   . ILE A 1 25  ? -7.588  1.449   6.864   1.00 23.31 ? 25  ILE A N   1 
ATOM   176  C CA  . ILE A 1 25  ? -6.951  1.682   5.554   1.00 24.83 ? 25  ILE A CA  1 
ATOM   177  C C   . ILE A 1 25  ? -7.819  2.611   4.697   1.00 25.29 ? 25  ILE A C   1 
ATOM   178  O O   . ILE A 1 25  ? -7.325  3.597   4.165   1.00 26.15 ? 25  ILE A O   1 
ATOM   179  C CB  . ILE A 1 25  ? -6.732  0.352   4.788   1.00 25.44 ? 25  ILE A CB  1 
ATOM   180  C CG1 . ILE A 1 25  ? -5.634  -0.481  5.445   1.00 23.89 ? 25  ILE A CG1 1 
ATOM   181  C CG2 . ILE A 1 25  ? -6.345  0.579   3.319   1.00 25.01 ? 25  ILE A CG2 1 
ATOM   182  C CD1 . ILE A 1 25  ? -5.710  -1.927  5.048   1.00 24.52 ? 25  ILE A CD1 1 
ATOM   183  N N   . ARG A 1 26  ? -9.115  2.318   4.608   1.00 26.42 ? 26  ARG A N   1 
ATOM   184  C CA  . ARG A 1 26  ? -10.023 3.132   3.786   1.00 28.56 ? 26  ARG A CA  1 
ATOM   185  C C   . ARG A 1 26  ? -10.166 4.531   4.361   1.00 29.47 ? 26  ARG A C   1 
ATOM   186  O O   . ARG A 1 26  ? -10.122 5.502   3.610   1.00 28.91 ? 26  ARG A O   1 
ATOM   187  C CB  . ARG A 1 26  ? -11.358 2.445   3.589   1.00 29.90 ? 26  ARG A CB  1 
ATOM   188  C CG  . ARG A 1 26  ? -11.183 1.108   2.884   1.00 34.26 ? 26  ARG A CG  1 
ATOM   189  C CD  . ARG A 1 26  ? -12.506 0.440   2.561   1.00 38.87 ? 26  ARG A CD  1 
ATOM   190  N NE  . ARG A 1 26  ? -13.167 1.219   1.519   1.00 41.50 ? 26  ARG A NE  1 
ATOM   191  C CZ  . ARG A 1 26  ? -14.355 0.920   0.990   1.00 50.03 ? 26  ARG A CZ  1 
ATOM   192  N NH1 . ARG A 1 26  ? -15.009 -0.167  1.386   1.00 48.41 ? 26  ARG A NH1 1 
ATOM   193  N NH2 . ARG A 1 26  ? -14.868 1.700   0.040   1.00 50.60 ? 26  ARG A NH2 1 
ATOM   194  N N   . LYS A 1 27  ? -10.214 4.652   5.694   1.00 28.85 ? 27  LYS A N   1 
ATOM   195  C CA  . LYS A 1 27  ? -10.274 5.978   6.340   1.00 31.86 ? 27  LYS A CA  1 
ATOM   196  C C   . LYS A 1 27  ? -9.004  6.782   6.053   1.00 29.11 ? 27  LYS A C   1 
ATOM   197  O O   . LYS A 1 27  ? -9.065  7.971   5.735   1.00 28.78 ? 27  LYS A O   1 
ATOM   198  C CB  . LYS A 1 27  ? -10.461 5.841   7.851   1.00 33.23 ? 27  LYS A CB  1 
ATOM   199  C CG  . LYS A 1 27  ? -10.534 7.145   8.648   1.00 33.80 ? 27  LYS A CG  1 
ATOM   200  C CD  . LYS A 1 27  ? -11.068 6.775   10.045  1.00 40.49 ? 27  LYS A CD  1 
ATOM   201  C CE  . LYS A 1 27  ? -10.993 7.896   11.071  1.00 39.75 ? 27  LYS A CE  1 
ATOM   202  N NZ  . LYS A 1 27  ? -11.892 8.990   10.678  1.00 46.63 ? 27  LYS A NZ  1 
ATOM   203  N N   . MET A 1 28  ? -7.843  6.131   6.156   1.00 28.99 ? 28  MET A N   1 
ATOM   204  C CA  . MET A 1 28  ? -6.564  6.827   5.933   1.00 28.81 ? 28  MET A CA  1 
ATOM   205  C C   . MET A 1 28  ? -6.471  7.371   4.505   1.00 28.78 ? 28  MET A C   1 
ATOM   206  O O   . MET A 1 28  ? -5.970  8.473   4.278   1.00 28.79 ? 28  MET A O   1 
ATOM   207  C CB  . MET A 1 28  ? -5.359  5.904   6.218   1.00 26.91 ? 28  MET A CB  1 
ATOM   208  C CG  . MET A 1 28  ? -5.069  5.786   7.695   1.00 28.37 ? 28  MET A CG  1 
ATOM   209  S SD  . MET A 1 28  ? -3.742  4.609   7.997   1.00 29.14 ? 28  MET A SD  1 
ATOM   210  C CE  . MET A 1 28  ? -2.333  5.452   7.302   1.00 24.67 ? 28  MET A CE  1 
ATOM   211  N N   . ILE A 1 29  ? -6.954  6.570   3.561   1.00 28.61 ? 29  ILE A N   1 
ATOM   212  C CA  . ILE A 1 29  ? -6.928  6.947   2.161   1.00 28.11 ? 29  ILE A CA  1 
ATOM   213  C C   . ILE A 1 29  ? -7.945  8.059   1.922   1.00 31.82 ? 29  ILE A C   1 
ATOM   214  O O   . ILE A 1 29  ? -7.614  9.023   1.243   1.00 29.30 ? 29  ILE A O   1 
ATOM   215  C CB  . ILE A 1 29  ? -7.168  5.758   1.231   1.00 27.25 ? 29  ILE A CB  1 
ATOM   216  C CG1 . ILE A 1 29  ? -5.984  4.785   1.311   1.00 27.32 ? 29  ILE A CG1 1 
ATOM   217  C CG2 . ILE A 1 29  ? -7.336  6.240   -0.228  1.00 29.84 ? 29  ILE A CG2 1 
ATOM   218  C CD1 . ILE A 1 29  ? -6.267  3.426   0.712   1.00 27.92 ? 29  ILE A CD1 1 
ATOM   219  N N   . LYS A 1 30  ? -9.154  7.936   2.493   1.00 33.20 ? 30  LYS A N   1 
ATOM   220  C CA  . LYS A 1 30  ? -10.185 8.984   2.338   1.00 38.83 ? 30  LYS A CA  1 
ATOM   221  C C   . LYS A 1 30  ? -9.725  10.330  2.845   1.00 37.18 ? 30  LYS A C   1 
ATOM   222  O O   . LYS A 1 30  ? -10.096 11.341  2.291   1.00 35.53 ? 30  LYS A O   1 
ATOM   223  C CB  . LYS A 1 30  ? -11.476 8.633   3.091   1.00 45.00 ? 30  LYS A CB  1 
ATOM   224  C CG  . LYS A 1 30  ? -12.368 7.659   2.374   1.00 50.80 ? 30  LYS A CG  1 
ATOM   225  C CD  . LYS A 1 30  ? -13.751 7.580   3.017   1.00 60.21 ? 30  LYS A CD  1 
ATOM   226  C CE  . LYS A 1 30  ? -14.680 6.781   2.117   1.00 65.85 ? 30  LYS A CE  1 
ATOM   227  N NZ  . LYS A 1 30  ? -16.082 6.709   2.614   1.00 71.90 ? 30  LYS A NZ  1 
ATOM   228  N N   . GLU A 1 31  ? -8.934  10.336  3.918   1.00 33.41 ? 31  GLU A N   1 
ATOM   229  C CA  . GLU A 1 31  ? -8.470  11.575  4.566   1.00 32.48 ? 31  GLU A CA  1 
ATOM   230  C C   . GLU A 1 31  ? -7.184  12.104  3.978   1.00 30.40 ? 31  GLU A C   1 
ATOM   231  O O   . GLU A 1 31  ? -6.678  13.129  4.425   1.00 33.22 ? 31  GLU A O   1 
ATOM   232  C CB  . GLU A 1 31  ? -8.320  11.336  6.089   1.00 35.32 ? 31  GLU A CB  1 
ATOM   233  C CG  . GLU A 1 31  ? -9.633  11.054  6.796   1.00 38.87 ? 31  GLU A CG  1 
ATOM   234  C CD  . GLU A 1 31  ? -9.504  10.769  8.291   1.00 40.50 ? 31  GLU A CD  1 
ATOM   235  O OE1 . GLU A 1 31  ? -8.375  10.708  8.858   1.00 42.81 ? 31  GLU A OE1 1 
ATOM   236  O OE2 . GLU A 1 31  ? -10.565 10.585  8.903   1.00 41.28 ? 31  GLU A OE2 1 
ATOM   237  N N   . ALA A 1 32  ? -6.591  11.386  3.022   1.00 33.30 ? 32  ALA A N   1 
ATOM   238  C CA  . ALA A 1 32  ? -5.394  11.879  2.344   1.00 31.55 ? 32  ALA A CA  1 
ATOM   239  C C   . ALA A 1 32  ? -5.645  13.217  1.627   1.00 32.33 ? 32  ALA A C   1 
ATOM   240  O O   . ALA A 1 32  ? -6.625  13.364  0.938   1.00 33.38 ? 32  ALA A O   1 
ATOM   241  C CB  . ALA A 1 32  ? -4.863  10.861  1.347   1.00 31.31 ? 32  ALA A CB  1 
ATOM   242  N N   . ARG A 1 33  ? -4.736  14.159  1.820   1.00 36.63 ? 33  ARG A N   1 
ATOM   243  C CA  . ARG A 1 33  ? -4.837  15.499  1.267   1.00 37.90 ? 33  ARG A CA  1 
ATOM   244  C C   . ARG A 1 33  ? -3.855  15.757  0.142   1.00 38.77 ? 33  ARG A C   1 
ATOM   245  O O   . ARG A 1 33  ? -4.145  16.564  -0.742  1.00 38.67 ? 33  ARG A O   1 
ATOM   246  C CB  . ARG A 1 33  ? -4.655  16.517  2.393   1.00 38.95 ? 33  ARG A CB  1 
ATOM   247  C CG  . ARG A 1 33  ? -5.895  16.633  3.282   1.00 43.58 ? 33  ARG A CG  1 
ATOM   248  C CD  . ARG A 1 33  ? -5.603  17.183  4.679   1.00 50.03 ? 33  ARG A CD  1 
ATOM   249  N NE  . ARG A 1 33  ? -4.398  18.011  4.732   1.00 60.33 ? 33  ARG A NE  1 
ATOM   250  C CZ  . ARG A 1 33  ? -4.254  19.223  4.165   1.00 70.60 ? 33  ARG A CZ  1 
ATOM   251  N NH1 . ARG A 1 33  ? -3.087  19.862  4.271   1.00 69.36 ? 33  ARG A NH1 1 
ATOM   252  N NH2 . ARG A 1 33  ? -5.245  19.799  3.465   1.00 75.07 ? 33  ARG A NH2 1 
ATOM   253  N N   . LYS A 1 34  ? -2.715  15.073  0.145   1.00 35.41 ? 34  LYS A N   1 
ATOM   254  C CA  . LYS A 1 34  ? -1.586  15.445  -0.685  1.00 35.38 ? 34  LYS A CA  1 
ATOM   255  C C   . LYS A 1 34  ? -0.987  14.254  -1.385  1.00 37.95 ? 34  LYS A C   1 
ATOM   256  O O   . LYS A 1 34  ? -0.919  14.247  -2.618  1.00 35.74 ? 34  LYS A O   1 
ATOM   257  C CB  . LYS A 1 34  ? -0.502  16.125  0.144   1.00 41.42 ? 34  LYS A CB  1 
ATOM   258  C CG  . LYS A 1 34  ? -0.954  17.315  0.971   1.00 49.13 ? 34  LYS A CG  1 
ATOM   259  C CD  . LYS A 1 34  ? -1.415  18.456  0.071   1.00 58.26 ? 34  LYS A CD  1 
ATOM   260  C CE  . LYS A 1 34  ? -2.148  19.553  0.832   1.00 61.80 ? 34  LYS A CE  1 
ATOM   261  N NZ  . LYS A 1 34  ? -2.855  20.442  -0.134  1.00 63.80 ? 34  LYS A NZ  1 
ATOM   262  N N   . VAL A 1 35  ? -0.521  13.268  -0.610  1.00 32.89 ? 35  VAL A N   1 
ATOM   263  C CA  . VAL A 1 35  ? 0.264   12.187  -1.146  1.00 32.25 ? 35  VAL A CA  1 
ATOM   264  C C   . VAL A 1 35  ? -0.091  10.893  -0.457  1.00 28.61 ? 35  VAL A C   1 
ATOM   265  O O   . VAL A 1 35  ? -0.252  10.852  0.771   1.00 30.83 ? 35  VAL A O   1 
ATOM   266  C CB  . VAL A 1 35  ? 1.781   12.422  -0.968  1.00 35.29 ? 35  VAL A CB  1 
ATOM   267  C CG1 . VAL A 1 35  ? 2.577   11.293  -1.587  1.00 34.89 ? 35  VAL A CG1 1 
ATOM   268  C CG2 . VAL A 1 35  ? 2.214   13.742  -1.575  1.00 40.56 ? 35  VAL A CG2 1 
ATOM   269  N N   . ILE A 1 36  ? -0.176  9.841   -1.259  1.00 29.06 ? 36  ILE A N   1 
ATOM   270  C CA  . ILE A 1 36  ? -0.230  8.452   -0.784  1.00 27.46 ? 36  ILE A CA  1 
ATOM   271  C C   . ILE A 1 36  ? 0.973   7.697   -1.357  1.00 27.52 ? 36  ILE A C   1 
ATOM   272  O O   . ILE A 1 36  ? 1.209   7.697   -2.562  1.00 26.10 ? 36  ILE A O   1 
ATOM   273  C CB  . ILE A 1 36  ? -1.546  7.748   -1.168  1.00 27.99 ? 36  ILE A CB  1 
ATOM   274  C CG1 . ILE A 1 36  ? -2.729  8.410   -0.470  1.00 29.04 ? 36  ILE A CG1 1 
ATOM   275  C CG2 . ILE A 1 36  ? -1.493  6.273   -0.776  1.00 29.79 ? 36  ILE A CG2 1 
ATOM   276  C CD1 . ILE A 1 36  ? -4.072  8.043   -1.068  1.00 30.98 ? 36  ILE A CD1 1 
ATOM   277  N N   . ALA A 1 37  ? 1.749   7.079   -0.480  1.00 24.63 ? 37  ALA A N   1 
ATOM   278  C CA  . ALA A 1 37  ? 2.907   6.278   -0.871  1.00 24.28 ? 37  ALA A CA  1 
ATOM   279  C C   . ALA A 1 37  ? 2.616   4.887   -0.332  1.00 26.23 ? 37  ALA A C   1 
ATOM   280  O O   . ALA A 1 37  ? 2.503   4.724   0.886   1.00 24.59 ? 37  ALA A O   1 
ATOM   281  C CB  . ALA A 1 37  ? 4.176   6.831   -0.264  1.00 23.25 ? 37  ALA A CB  1 
ATOM   282  N N   . LEU A 1 38  ? 2.461   3.924   -1.226  1.00 23.50 ? 38  LEU A N   1 
ATOM   283  C CA  . LEU A 1 38  ? 2.061   2.579   -0.857  1.00 24.72 ? 38  LEU A CA  1 
ATOM   284  C C   . LEU A 1 38  ? 3.108   1.616   -1.324  1.00 23.51 ? 38  LEU A C   1 
ATOM   285  O O   . LEU A 1 38  ? 3.524   1.627   -2.494  1.00 23.00 ? 38  LEU A O   1 
ATOM   286  C CB  . LEU A 1 38  ? 0.728   2.217   -1.534  1.00 26.60 ? 38  LEU A CB  1 
ATOM   287  C CG  . LEU A 1 38  ? 0.233   0.784   -1.309  1.00 26.60 ? 38  LEU A CG  1 
ATOM   288  C CD1 . LEU A 1 38  ? -0.005  0.467   0.171   1.00 25.36 ? 38  LEU A CD1 1 
ATOM   289  C CD2 . LEU A 1 38  ? -1.038  0.605   -2.146  1.00 28.66 ? 38  LEU A CD2 1 
ATOM   290  N N   . VAL A 1 39  ? 3.513   0.732   -0.435  1.00 22.06 ? 39  VAL A N   1 
ATOM   291  C CA  . VAL A 1 39  ? 4.359   -0.384  -0.787  1.00 23.16 ? 39  VAL A CA  1 
ATOM   292  C C   . VAL A 1 39  ? 3.591   -1.651  -0.415  1.00 24.90 ? 39  VAL A C   1 
ATOM   293  O O   . VAL A 1 39  ? 3.131   -1.745  0.734   1.00 23.37 ? 39  VAL A O   1 
ATOM   294  C CB  . VAL A 1 39  ? 5.642   -0.379  0.048   1.00 24.16 ? 39  VAL A CB  1 
ATOM   295  C CG1 . VAL A 1 39  ? 6.515   -1.535  -0.370  1.00 23.12 ? 39  VAL A CG1 1 
ATOM   296  C CG2 . VAL A 1 39  ? 6.353   0.931   -0.092  1.00 23.98 ? 39  VAL A CG2 1 
ATOM   297  N N   . MET A 1 40  ? 3.454   -2.610  -1.348  1.00 23.14 ? 40  MET A N   1 
ATOM   298  C CA  . MET A 1 40  ? 2.537   -3.725  -1.121  1.00 23.16 ? 40  MET A CA  1 
ATOM   299  C C   . MET A 1 40  ? 3.015   -4.936  -1.868  1.00 23.55 ? 40  MET A C   1 
ATOM   300  O O   . MET A 1 40  ? 3.496   -4.828  -3.020  1.00 22.77 ? 40  MET A O   1 
ATOM   301  C CB  . MET A 1 40  ? 1.122   -3.301  -1.499  1.00 23.43 ? 40  MET A CB  1 
ATOM   302  C CG  . MET A 1 40  ? 0.004   -4.284  -1.173  1.00 25.04 ? 40  MET A CG  1 
ATOM   303  S SD  . MET A 1 40  ? 0.008   -4.983  0.512   1.00 25.27 ? 40  MET A SD  1 
ATOM   304  C CE  . MET A 1 40  ? -0.110  -3.476  1.475   1.00 26.96 ? 40  MET A CE  1 
ATOM   305  N N   A ASP A 1 41  ? 2.920   -6.100  -1.224  0.44 22.97 ? 41  ASP A N   1 
ATOM   306  N N   B ASP A 1 41  ? 2.930   -6.097  -1.223  0.56 23.42 ? 41  ASP A N   1 
ATOM   307  C CA  A ASP A 1 41  ? 3.371   -7.346  -1.836  0.44 22.78 ? 41  ASP A CA  1 
ATOM   308  C CA  B ASP A 1 41  ? 3.366   -7.343  -1.847  0.56 23.51 ? 41  ASP A CA  1 
ATOM   309  C C   A ASP A 1 41  ? 2.350   -7.890  -2.834  0.44 25.56 ? 41  ASP A C   1 
ATOM   310  C C   B ASP A 1 41  ? 2.340   -7.816  -2.875  0.56 26.25 ? 41  ASP A C   1 
ATOM   311  O O   A ASP A 1 41  ? 2.737   -8.389  -3.893  0.44 24.80 ? 41  ASP A O   1 
ATOM   312  O O   B ASP A 1 41  ? 2.708   -8.162  -4.000  0.56 25.52 ? 41  ASP A O   1 
ATOM   313  C CB  A ASP A 1 41  ? 3.799   -8.384  -0.796  0.44 22.87 ? 41  ASP A CB  1 
ATOM   314  C CB  B ASP A 1 41  ? 3.737   -8.413  -0.821  0.56 24.44 ? 41  ASP A CB  1 
ATOM   315  C CG  A ASP A 1 41  ? 2.796   -8.570  0.355   0.44 22.63 ? 41  ASP A CG  1 
ATOM   316  C CG  B ASP A 1 41  ? 2.586   -8.801  0.127   0.56 25.69 ? 41  ASP A CG  1 
ATOM   317  O OD1 A ASP A 1 41  ? 1.602   -8.237  0.217   0.44 21.84 ? 41  ASP A OD1 1 
ATOM   318  O OD1 B ASP A 1 41  ? 1.711   -7.964  0.424   0.56 24.66 ? 41  ASP A OD1 1 
ATOM   319  O OD2 A ASP A 1 41  ? 3.207   -9.129  1.399   0.44 22.50 ? 41  ASP A OD2 1 
ATOM   320  O OD2 B ASP A 1 41  ? 2.575   -9.966  0.594   0.56 24.56 ? 41  ASP A OD2 1 
ATOM   321  N N   . ILE A 1 42  ? 1.060   -7.801  -2.487  1.00 25.83 ? 42  ILE A N   1 
ATOM   322  C CA  . ILE A 1 42  ? -0.053  -8.245  -3.338  1.00 26.79 ? 42  ILE A CA  1 
ATOM   323  C C   . ILE A 1 42  ? -1.222  -7.330  -3.122  1.00 25.95 ? 42  ILE A C   1 
ATOM   324  O O   . ILE A 1 42  ? -1.660  -7.142  -1.978  1.00 26.41 ? 42  ILE A O   1 
ATOM   325  C CB  . ILE A 1 42  ? -0.519  -9.689  -3.007  1.00 31.84 ? 42  ILE A CB  1 
ATOM   326  C CG1 . ILE A 1 42  ? 0.650   -10.657 -2.963  1.00 33.88 ? 42  ILE A CG1 1 
ATOM   327  C CG2 . ILE A 1 42  ? -1.562  -10.166 -4.023  1.00 31.63 ? 42  ILE A CG2 1 
ATOM   328  C CD1 . ILE A 1 42  ? 0.275   -12.111 -2.823  1.00 41.08 ? 42  ILE A CD1 1 
ATOM   329  N N   . PHE A 1 43  ? -1.741  -6.756  -4.209  1.00 24.30 ? 43  PHE A N   1 
ATOM   330  C CA  . PHE A 1 43  ? -2.819  -5.818  -4.160  1.00 24.79 ? 43  PHE A CA  1 
ATOM   331  C C   . PHE A 1 43  ? -3.946  -6.261  -5.134  1.00 29.34 ? 43  PHE A C   1 
ATOM   332  O O   . PHE A 1 43  ? -3.909  -5.954  -6.323  1.00 28.53 ? 43  PHE A O   1 
ATOM   333  C CB  . PHE A 1 43  ? -2.298  -4.460  -4.510  1.00 24.45 ? 43  PHE A CB  1 
ATOM   334  C CG  . PHE A 1 43  ? -3.233  -3.340  -4.286  1.00 22.77 ? 43  PHE A CG  1 
ATOM   335  C CD1 . PHE A 1 43  ? -4.581  -3.498  -3.924  1.00 25.37 ? 43  PHE A CD1 1 
ATOM   336  C CD2 . PHE A 1 43  ? -2.762  -2.064  -4.471  1.00 22.34 ? 43  PHE A CD2 1 
ATOM   337  C CE1 . PHE A 1 43  ? -5.387  -2.412  -3.716  1.00 23.91 ? 43  PHE A CE1 1 
ATOM   338  C CE2 . PHE A 1 43  ? -3.551  -0.992  -4.261  1.00 23.83 ? 43  PHE A CE2 1 
ATOM   339  C CZ  . PHE A 1 43  ? -4.899  -1.153  -3.926  1.00 25.75 ? 43  PHE A CZ  1 
ATOM   340  N N   . THR A 1 44  ? -4.950  -6.939  -4.579  1.00 29.39 ? 44  THR A N   1 
ATOM   341  C CA  . THR A 1 44  ? -6.177  -7.330  -5.305  1.00 30.46 ? 44  THR A CA  1 
ATOM   342  C C   . THR A 1 44  ? -7.483  -6.856  -4.676  1.00 31.65 ? 44  THR A C   1 
ATOM   343  O O   . THR A 1 44  ? -8.562  -7.115  -5.239  1.00 27.86 ? 44  THR A O   1 
ATOM   344  C CB  . THR A 1 44  ? -6.254  -8.855  -5.448  1.00 29.34 ? 44  THR A CB  1 
ATOM   345  O OG1 . THR A 1 44  ? -6.362  -9.475  -4.171  1.00 33.29 ? 44  THR A OG1 1 
ATOM   346  C CG2 . THR A 1 44  ? -5.019  -9.402  -6.167  1.00 30.74 ? 44  THR A CG2 1 
ATOM   347  N N   . ASP A 1 45  ? -7.431  -6.124  -3.555  1.00 31.26 ? 45  ASP A N   1 
ATOM   348  C CA  . ASP A 1 45  ? -8.659  -5.671  -2.902  1.00 29.40 ? 45  ASP A CA  1 
ATOM   349  C C   . ASP A 1 45  ? -9.291  -4.498  -3.659  1.00 30.98 ? 45  ASP A C   1 
ATOM   350  O O   . ASP A 1 45  ? -8.776  -3.359  -3.681  1.00 27.81 ? 45  ASP A O   1 
ATOM   351  C CB  . ASP A 1 45  ? -8.403  -5.286  -1.432  1.00 31.55 ? 45  ASP A CB  1 
ATOM   352  C CG  . ASP A 1 45  ? -9.669  -4.980  -0.669  1.00 28.17 ? 45  ASP A CG  1 
ATOM   353  O OD1 . ASP A 1 45  ? -10.366 -3.996  -0.971  1.00 28.49 ? 45  ASP A OD1 1 
ATOM   354  O OD2 . ASP A 1 45  ? -9.911  -5.696  0.304   1.00 28.34 ? 45  ASP A OD2 1 
ATOM   355  N N   . VAL A 1 46  ? -10.477 -4.761  -4.216  1.00 30.76 ? 46  VAL A N   1 
ATOM   356  C CA  . VAL A 1 46  ? -11.162 -3.785  -5.053  1.00 30.92 ? 46  VAL A CA  1 
ATOM   357  C C   . VAL A 1 46  ? -11.660 -2.559  -4.276  1.00 30.13 ? 46  VAL A C   1 
ATOM   358  O O   . VAL A 1 46  ? -11.695 -1.470  -4.812  1.00 30.76 ? 46  VAL A O   1 
ATOM   359  C CB  . VAL A 1 46  ? -12.337 -4.476  -5.828  1.00 31.85 ? 46  VAL A CB  1 
ATOM   360  C CG1 . VAL A 1 46  ? -13.215 -3.426  -6.503  1.00 37.42 ? 46  VAL A CG1 1 
ATOM   361  C CG2 . VAL A 1 46  ? -11.794 -5.457  -6.859  1.00 31.69 ? 46  VAL A CG2 1 
ATOM   362  N N   . ASP A 1 47  ? -12.052 -2.723  -3.017  1.00 30.36 ? 47  ASP A N   1 
ATOM   363  C CA  . ASP A 1 47  ? -12.535 -1.615  -2.201  1.00 31.84 ? 47  ASP A CA  1 
ATOM   364  C C   . ASP A 1 47  ? -11.417 -0.617  -1.870  1.00 30.77 ? 47  ASP A C   1 
ATOM   365  O O   . ASP A 1 47  ? -11.571 0.623   -1.932  1.00 29.64 ? 47  ASP A O   1 
ATOM   366  C CB  . ASP A 1 47  ? -13.139 -2.166  -0.897  1.00 34.46 ? 47  ASP A CB  1 
ATOM   367  C CG  . ASP A 1 47  ? -14.275 -3.150  -1.147  1.00 37.56 ? 47  ASP A CG  1 
ATOM   368  O OD1 . ASP A 1 47  ? -15.142 -2.856  -1.992  1.00 40.03 ? 47  ASP A OD1 1 
ATOM   369  O OD2 . ASP A 1 47  ? -14.273 -4.235  -0.564  1.00 33.50 ? 47  ASP A OD2 1 
ATOM   370  N N   . ILE A 1 48  ? -10.272 -1.174  -1.553  1.00 28.18 ? 48  ILE A N   1 
ATOM   371  C CA  . ILE A 1 48  ? -9.106  -0.359  -1.302  1.00 28.84 ? 48  ILE A CA  1 
ATOM   372  C C   . ILE A 1 48  ? -8.663  0.307   -2.615  1.00 27.06 ? 48  ILE A C   1 
ATOM   373  O O   . ILE A 1 48  ? -8.440  1.531   -2.657  1.00 29.63 ? 48  ILE A O   1 
ATOM   374  C CB  . ILE A 1 48  ? -7.973  -1.156  -0.615  1.00 27.17 ? 48  ILE A CB  1 
ATOM   375  C CG1 . ILE A 1 48  ? -8.456  -1.679  0.738   1.00 28.89 ? 48  ILE A CG1 1 
ATOM   376  C CG2 . ILE A 1 48  ? -6.762  -0.235  -0.485  1.00 27.00 ? 48  ILE A CG2 1 
ATOM   377  C CD1 . ILE A 1 48  ? -7.503  -2.603  1.454   1.00 28.21 ? 48  ILE A CD1 1 
ATOM   378  N N   . PHE A 1 49  ? -8.658  -0.447  -3.698  1.00 27.85 ? 49  PHE A N   1 
ATOM   379  C CA  . PHE A 1 49  ? -8.292  0.157   -4.995  1.00 28.26 ? 49  PHE A CA  1 
ATOM   380  C C   . PHE A 1 49  ? -9.200  1.363   -5.341  1.00 27.36 ? 49  PHE A C   1 
ATOM   381  O O   . PHE A 1 49  ? -8.722  2.434   -5.700  1.00 28.99 ? 49  PHE A O   1 
ATOM   382  C CB  . PHE A 1 49  ? -8.258  -0.907  -6.092  1.00 31.70 ? 49  PHE A CB  1 
ATOM   383  C CG  . PHE A 1 49  ? -7.878  -0.363  -7.440  1.00 36.08 ? 49  PHE A CG  1 
ATOM   384  C CD1 . PHE A 1 49  ? -6.626  0.254   -7.634  1.00 36.16 ? 49  PHE A CD1 1 
ATOM   385  C CD2 . PHE A 1 49  ? -8.768  -0.443  -8.514  1.00 38.53 ? 49  PHE A CD2 1 
ATOM   386  C CE1 . PHE A 1 49  ? -6.274  0.787   -8.881  1.00 35.22 ? 49  PHE A CE1 1 
ATOM   387  C CE2 . PHE A 1 49  ? -8.414  0.079   -9.773  1.00 39.91 ? 49  PHE A CE2 1 
ATOM   388  C CZ  . PHE A 1 49  ? -7.178  0.686   -9.953  1.00 36.58 ? 49  PHE A CZ  1 
ATOM   389  N N   . LYS A 1 50  ? -10.506 1.203   -5.148  1.00 30.83 ? 50  LYS A N   1 
ATOM   390  C CA  . LYS A 1 50  ? -11.488 2.284   -5.418  1.00 33.39 ? 50  LYS A CA  1 
ATOM   391  C C   . LYS A 1 50  ? -11.229 3.516   -4.588  1.00 31.87 ? 50  LYS A C   1 
ATOM   392  O O   . LYS A 1 50  ? -11.242 4.663   -5.088  1.00 29.71 ? 50  LYS A O   1 
ATOM   393  C CB  . LYS A 1 50  ? -12.949 1.744   -5.283  1.00 36.57 ? 50  LYS A CB  1 
ATOM   394  C CG  . LYS A 1 50  ? -14.035 2.724   -4.863  1.00 49.86 ? 50  LYS A CG  1 
ATOM   395  C CD  . LYS A 1 50  ? -14.242 2.731   -3.328  1.00 64.64 ? 50  LYS A CD  1 
ATOM   396  C CE  . LYS A 1 50  ? -14.471 4.126   -2.736  1.00 67.61 ? 50  LYS A CE  1 
ATOM   397  N NZ  . LYS A 1 50  ? -15.829 4.647   -3.040  1.00 76.30 ? 50  LYS A NZ  1 
ATOM   398  N N   . GLU A 1 51  ? -10.945 3.305   -3.314  1.00 32.64 ? 51  GLU A N   1 
ATOM   399  C CA  . GLU A 1 51  ? -10.590 4.418   -2.435  1.00 31.80 ? 51  GLU A CA  1 
ATOM   400  C C   . GLU A 1 51  ? -9.364  5.189   -2.964  1.00 27.88 ? 51  GLU A C   1 
ATOM   401  O O   . GLU A 1 51  ? -9.345  6.399   -2.985  1.00 30.00 ? 51  GLU A O   1 
ATOM   402  C CB  . GLU A 1 51  ? -10.316 3.851   -1.031  1.00 37.57 ? 51  GLU A CB  1 
ATOM   403  C CG  . GLU A 1 51  ? -10.737 4.741   0.085   1.00 40.93 ? 51  GLU A CG  1 
ATOM   404  C CD  . GLU A 1 51  ? -12.248 4.853   0.154   1.00 42.31 ? 51  GLU A CD  1 
ATOM   405  O OE1 . GLU A 1 51  ? -12.948 3.838   0.448   1.00 47.96 ? 51  GLU A OE1 1 
ATOM   406  O OE2 . GLU A 1 51  ? -12.692 5.979   -0.095  1.00 48.81 ? 51  GLU A OE2 1 
ATOM   407  N N   . ILE A 1 52  ? -8.342  4.463   -3.398  1.00 30.48 ? 52  ILE A N   1 
ATOM   408  C CA  . ILE A 1 52  ? -7.137  5.063   -3.994  1.00 28.79 ? 52  ILE A CA  1 
ATOM   409  C C   . ILE A 1 52  ? -7.448  5.798   -5.329  1.00 29.04 ? 52  ILE A C   1 
ATOM   410  O O   . ILE A 1 52  ? -7.050  6.943   -5.517  1.00 28.89 ? 52  ILE A O   1 
ATOM   411  C CB  . ILE A 1 52  ? -6.059  3.998   -4.229  1.00 30.93 ? 52  ILE A CB  1 
ATOM   412  C CG1 . ILE A 1 52  ? -5.367  3.682   -2.916  1.00 33.96 ? 52  ILE A CG1 1 
ATOM   413  C CG2 . ILE A 1 52  ? -5.005  4.490   -5.223  1.00 32.98 ? 52  ILE A CG2 1 
ATOM   414  C CD1 . ILE A 1 52  ? -4.559  2.415   -2.965  1.00 37.51 ? 52  ILE A CD1 1 
ATOM   415  N N   . VAL A 1 53  ? -8.168  5.144   -6.237  1.00 33.87 ? 53  VAL A N   1 
ATOM   416  C CA  . VAL A 1 53  ? -8.585  5.824   -7.493  1.00 33.60 ? 53  VAL A CA  1 
ATOM   417  C C   . VAL A 1 53  ? -9.316  7.131   -7.156  1.00 31.68 ? 53  VAL A C   1 
ATOM   418  O O   . VAL A 1 53  ? -8.971  8.194   -7.673  1.00 38.61 ? 53  VAL A O   1 
ATOM   419  C CB  . VAL A 1 53  ? -9.476  4.934   -8.364  1.00 33.49 ? 53  VAL A CB  1 
ATOM   420  C CG1 . VAL A 1 53  ? -10.035 5.731   -9.543  1.00 36.43 ? 53  VAL A CG1 1 
ATOM   421  C CG2 . VAL A 1 53  ? -8.685  3.740   -8.842  1.00 36.10 ? 53  VAL A CG2 1 
ATOM   422  N N   . GLU A 1 54  ? -10.254 7.057   -6.224  1.00 34.14 ? 54  GLU A N   1 
ATOM   423  C CA  . GLU A 1 54  ? -10.987 8.257   -5.782  1.00 36.89 ? 54  GLU A CA  1 
ATOM   424  C C   . GLU A 1 54  ? -10.117 9.326   -5.151  1.00 36.78 ? 54  GLU A C   1 
ATOM   425  O O   . GLU A 1 54  ? -10.302 10.526  -5.391  1.00 35.60 ? 54  GLU A O   1 
ATOM   426  C CB  . GLU A 1 54  ? -12.112 7.881   -4.809  1.00 43.18 ? 54  GLU A CB  1 
ATOM   427  C CG  . GLU A 1 54  ? -13.491 8.192   -5.353  1.00 53.11 ? 54  GLU A CG  1 
ATOM   428  C CD  . GLU A 1 54  ? -14.548 7.347   -4.683  1.00 59.76 ? 54  GLU A CD  1 
ATOM   429  O OE1 . GLU A 1 54  ? -15.324 6.688   -5.411  1.00 64.93 ? 54  GLU A OE1 1 
ATOM   430  O OE2 . GLU A 1 54  ? -14.573 7.326   -3.431  1.00 60.06 ? 54  GLU A OE2 1 
ATOM   431  N N   . ALA A 1 55  ? -9.135  8.918   -4.346  1.00 34.12 ? 55  ALA A N   1 
ATOM   432  C CA  . ALA A 1 55  ? -8.177  9.883   -3.850  1.00 33.71 ? 55  ALA A CA  1 
ATOM   433  C C   . ALA A 1 55  ? -7.478  10.590  -5.008  1.00 34.57 ? 55  ALA A C   1 
ATOM   434  O O   . ALA A 1 55  ? -7.343  11.830  -4.998  1.00 32.43 ? 55  ALA A O   1 
ATOM   435  C CB  . ALA A 1 55  ? -7.140  9.240   -2.903  1.00 31.89 ? 55  ALA A CB  1 
ATOM   436  N N   . SER A 1 56  ? -7.023  9.813   -5.993  1.00 33.65 ? 56  SER A N   1 
ATOM   437  C CA  . SER A 1 56  ? -6.314  10.417  -7.125  1.00 37.24 ? 56  SER A CA  1 
ATOM   438  C C   . SER A 1 56  ? -7.188  11.418  -7.897  1.00 36.58 ? 56  SER A C   1 
ATOM   439  O O   . SER A 1 56  ? -6.680  12.464  -8.341  1.00 33.95 ? 56  SER A O   1 
ATOM   440  C CB  . SER A 1 56  ? -5.732  9.367   -8.073  1.00 37.98 ? 56  SER A CB  1 
ATOM   441  O OG  . SER A 1 56  ? -6.719  8.643   -8.760  1.00 39.46 ? 56  SER A OG  1 
ATOM   442  N N   . THR A 1 57  ? -8.483  11.144  -8.002  1.00 38.48 ? 57  THR A N   1 
ATOM   443  C CA  . THR A 1 57  ? -9.389  12.091  -8.700  1.00 41.42 ? 57  THR A CA  1 
ATOM   444  C C   . THR A 1 57  ? -9.616  13.359  -7.878  1.00 43.98 ? 57  THR A C   1 
ATOM   445  O O   . THR A 1 57  ? -9.964  14.417  -8.400  1.00 44.07 ? 57  THR A O   1 
ATOM   446  C CB  . THR A 1 57  ? -10.735 11.460  -9.049  1.00 41.35 ? 57  THR A CB  1 
ATOM   447  O OG1 . THR A 1 57  ? -11.509 11.335  -7.863  1.00 47.35 ? 57  THR A OG1 1 
ATOM   448  C CG2 . THR A 1 57  ? -10.577 10.082  -9.677  1.00 41.51 ? 57  THR A CG2 1 
ATOM   449  N N   . ARG A 1 58  ? -9.425  13.258  -6.576  1.00 46.12 ? 58  ARG A N   1 
ATOM   450  C CA  . ARG A 1 58  ? -9.396  14.433  -5.707  1.00 45.52 ? 58  ARG A CA  1 
ATOM   451  C C   . ARG A 1 58  ? -8.155  15.299  -5.886  1.00 43.12 ? 58  ARG A C   1 
ATOM   452  O O   . ARG A 1 58  ? -8.100  16.373  -5.331  1.00 41.12 ? 58  ARG A O   1 
ATOM   453  C CB  . ARG A 1 58  ? -9.459  13.993  -4.240  1.00 49.39 ? 58  ARG A CB  1 
ATOM   454  C CG  . ARG A 1 58  ? -10.713 14.397  -3.531  1.00 50.14 ? 58  ARG A CG  1 
ATOM   455  C CD  . ARG A 1 58  ? -11.023 13.466  -2.384  1.00 52.82 ? 58  ARG A CD  1 
ATOM   456  N NE  . ARG A 1 58  ? -9.846  13.073  -1.581  1.00 51.34 ? 58  ARG A NE  1 
ATOM   457  C CZ  . ARG A 1 58  ? -9.644  11.844  -1.110  1.00 45.88 ? 58  ARG A CZ  1 
ATOM   458  N NH1 . ARG A 1 58  ? -10.503 10.864  -1.374  1.00 47.67 ? 58  ARG A NH1 1 
ATOM   459  N NH2 . ARG A 1 58  ? -8.555  11.576  -0.380  1.00 46.08 ? 58  ARG A NH2 1 
ATOM   460  N N   . GLY A 1 59  ? -7.136  14.833  -6.606  1.00 39.44 ? 59  GLY A N   1 
ATOM   461  C CA  . GLY A 1 59  ? -5.869  15.577  -6.717  1.00 37.59 ? 59  GLY A CA  1 
ATOM   462  C C   . GLY A 1 59  ? -4.706  15.041  -5.876  1.00 39.14 ? 59  GLY A C   1 
ATOM   463  O O   . GLY A 1 59  ? -3.614  15.607  -5.909  1.00 39.12 ? 59  GLY A O   1 
ATOM   464  N N   . VAL A 1 60  ? -4.924  13.949  -5.138  1.00 33.86 ? 60  VAL A N   1 
ATOM   465  C CA  . VAL A 1 60  ? -3.874  13.364  -4.301  1.00 32.37 ? 60  VAL A CA  1 
ATOM   466  C C   . VAL A 1 60  ? -2.883  12.642  -5.211  1.00 31.18 ? 60  VAL A C   1 
ATOM   467  O O   . VAL A 1 60  ? -3.276  11.860  -6.068  1.00 31.66 ? 60  VAL A O   1 
ATOM   468  C CB  . VAL A 1 60  ? -4.473  12.412  -3.225  1.00 33.17 ? 60  VAL A CB  1 
ATOM   469  C CG1 . VAL A 1 60  ? -3.359  11.722  -2.442  1.00 31.80 ? 60  VAL A CG1 1 
ATOM   470  C CG2 . VAL A 1 60  ? -5.414  13.192  -2.301  1.00 35.37 ? 60  VAL A CG2 1 
ATOM   471  N N   . SER A 1 61  ? -1.602  12.907  -5.031  1.00 31.34 ? 61  SER A N   1 
ATOM   472  C CA  . SER A 1 61  ? -0.567  12.142  -5.745  1.00 32.73 ? 61  SER A CA  1 
ATOM   473  C C   . SER A 1 61  ? -0.412  10.734  -5.154  1.00 31.67 ? 61  SER A C   1 
ATOM   474  O O   . SER A 1 61  ? -0.151  10.584  -3.951  1.00 33.88 ? 61  SER A O   1 
ATOM   475  C CB  . SER A 1 61  ? 0.767   12.849  -5.679  1.00 35.62 ? 61  SER A CB  1 
ATOM   476  O OG  . SER A 1 61  ? 0.758   14.019  -6.457  1.00 37.90 ? 61  SER A OG  1 
ATOM   477  N N   . VAL A 1 62  ? -0.537  9.713   -5.989  1.00 31.20 ? 62  VAL A N   1 
ATOM   478  C CA  . VAL A 1 62  ? -0.429  8.340   -5.508  1.00 31.50 ? 62  VAL A CA  1 
ATOM   479  C C   . VAL A 1 62  ? 0.763   7.649   -6.139  1.00 32.70 ? 62  VAL A C   1 
ATOM   480  O O   . VAL A 1 62  ? 0.854   7.572   -7.376  1.00 32.20 ? 62  VAL A O   1 
ATOM   481  C CB  . VAL A 1 62  ? -1.678  7.523   -5.851  1.00 30.74 ? 62  VAL A CB  1 
ATOM   482  C CG1 . VAL A 1 62  ? -1.534  6.089   -5.322  1.00 30.11 ? 62  VAL A CG1 1 
ATOM   483  C CG2 . VAL A 1 62  ? -2.903  8.187   -5.308  1.00 29.31 ? 62  VAL A CG2 1 
ATOM   484  N N   . TYR A 1 63  ? 1.644   7.110   -5.284  1.00 27.86 ? 63  TYR A N   1 
ATOM   485  C CA  . TYR A 1 63  ? 2.788   6.360   -5.718  1.00 28.17 ? 63  TYR A CA  1 
ATOM   486  C C   . TYR A 1 63  ? 2.692   4.955   -5.134  1.00 26.37 ? 63  TYR A C   1 
ATOM   487  O O   . TYR A 1 63  ? 2.652   4.791   -3.909  1.00 26.24 ? 63  TYR A O   1 
ATOM   488  C CB  . TYR A 1 63  ? 4.089   7.034   -5.249  1.00 30.50 ? 63  TYR A CB  1 
ATOM   489  C CG  . TYR A 1 63  ? 4.274   8.439   -5.775  1.00 32.42 ? 63  TYR A CG  1 
ATOM   490  C CD1 . TYR A 1 63  ? 3.814   9.519   -5.041  1.00 34.40 ? 63  TYR A CD1 1 
ATOM   491  C CD2 . TYR A 1 63  ? 4.938   8.682   -6.974  1.00 36.70 ? 63  TYR A CD2 1 
ATOM   492  C CE1 . TYR A 1 63  ? 3.977   10.815  -5.477  1.00 40.53 ? 63  TYR A CE1 1 
ATOM   493  C CE2 . TYR A 1 63  ? 5.107   9.986   -7.452  1.00 38.67 ? 63  TYR A CE2 1 
ATOM   494  C CZ  . TYR A 1 63  ? 4.617   11.044  -6.686  1.00 40.83 ? 63  TYR A CZ  1 
ATOM   495  O OH  . TYR A 1 63  ? 4.723   12.340  -7.083  1.00 44.00 ? 63  TYR A OH  1 
ATOM   496  N N   . ILE A 1 64  ? 2.621   3.962   -6.002  1.00 26.00 ? 64  ILE A N   1 
ATOM   497  C CA  . ILE A 1 64  ? 2.494   2.598   -5.573  1.00 26.38 ? 64  ILE A CA  1 
ATOM   498  C C   . ILE A 1 64  ? 3.673   1.751   -6.046  1.00 26.58 ? 64  ILE A C   1 
ATOM   499  O O   . ILE A 1 64  ? 4.004   1.711   -7.240  1.00 27.92 ? 64  ILE A O   1 
ATOM   500  C CB  . ILE A 1 64  ? 1.196   1.986   -6.123  1.00 24.65 ? 64  ILE A CB  1 
ATOM   501  C CG1 . ILE A 1 64  ? 0.020   2.860   -5.733  1.00 24.87 ? 64  ILE A CG1 1 
ATOM   502  C CG2 . ILE A 1 64  ? 1.030   0.568   -5.639  1.00 25.02 ? 64  ILE A CG2 1 
ATOM   503  C CD1 . ILE A 1 64  ? -1.299  2.405   -6.386  1.00 27.47 ? 64  ILE A CD1 1 
ATOM   504  N N   . LEU A 1 65  ? 4.275   1.049   -5.106  1.00 24.63 ? 65  LEU A N   1 
ATOM   505  C CA  . LEU A 1 65  ? 5.333   0.092   -5.389  1.00 25.37 ? 65  LEU A CA  1 
ATOM   506  C C   . LEU A 1 65  ? 4.895   -1.320  -5.019  1.00 25.03 ? 65  LEU A C   1 
ATOM   507  O O   . LEU A 1 65  ? 4.525   -1.593  -3.853  1.00 24.87 ? 65  LEU A O   1 
ATOM   508  C CB  . LEU A 1 65  ? 6.572   0.460   -4.617  1.00 25.20 ? 65  LEU A CB  1 
ATOM   509  C CG  . LEU A 1 65  ? 7.262   1.787   -4.889  1.00 28.42 ? 65  LEU A CG  1 
ATOM   510  C CD1 . LEU A 1 65  ? 8.513   1.935   -3.977  1.00 30.67 ? 65  LEU A CD1 1 
ATOM   511  C CD2 . LEU A 1 65  ? 7.645   1.864   -6.353  1.00 28.45 ? 65  LEU A CD2 1 
ATOM   512  N N   . LEU A 1 66  ? 4.888   -2.204  -6.010  1.00 25.78 ? 66  LEU A N   1 
ATOM   513  C CA  . LEU A 1 66  ? 4.415   -3.578  -5.875  1.00 24.55 ? 66  LEU A CA  1 
ATOM   514  C C   . LEU A 1 66  ? 5.514   -4.554  -6.119  1.00 25.76 ? 66  LEU A C   1 
ATOM   515  O O   . LEU A 1 66  ? 6.406   -4.304  -6.951  1.00 27.30 ? 66  LEU A O   1 
ATOM   516  C CB  . LEU A 1 66  ? 3.272   -3.860  -6.860  1.00 26.05 ? 66  LEU A CB  1 
ATOM   517  C CG  . LEU A 1 66  ? 2.045   -2.977  -6.629  1.00 26.55 ? 66  LEU A CG  1 
ATOM   518  C CD1 . LEU A 1 66  ? 0.970   -3.178  -7.692  1.00 28.89 ? 66  LEU A CD1 1 
ATOM   519  C CD2 . LEU A 1 66  ? 1.461   -3.221  -5.236  1.00 26.61 ? 66  LEU A CD2 1 
ATOM   520  N N   . ASP A 1 67  ? 5.467   -5.671  -5.398  1.00 24.64 ? 67  ASP A N   1 
ATOM   521  C CA  . ASP A 1 67  ? 6.393   -6.763  -5.641  1.00 26.47 ? 67  ASP A CA  1 
ATOM   522  C C   . ASP A 1 67  ? 6.207   -7.234  -7.094  1.00 27.78 ? 67  ASP A C   1 
ATOM   523  O O   . ASP A 1 67  ? 5.085   -7.463  -7.534  1.00 27.51 ? 67  ASP A O   1 
ATOM   524  C CB  . ASP A 1 67  ? 6.129   -7.928  -4.705  1.00 27.19 ? 67  ASP A CB  1 
ATOM   525  C CG  . ASP A 1 67  ? 6.931   -9.159  -5.098  1.00 30.60 ? 67  ASP A CG  1 
ATOM   526  O OD1 . ASP A 1 67  ? 8.188   -9.147  -4.930  1.00 27.00 ? 67  ASP A OD1 1 
ATOM   527  O OD2 . ASP A 1 67  ? 6.297   -10.102 -5.622  1.00 30.45 ? 67  ASP A OD2 1 
ATOM   528  N N   . GLU A 1 68  ? 7.300   -7.335  -7.846  1.00 27.34 ? 68  GLU A N   1 
ATOM   529  C CA  . GLU A 1 68  ? 7.225   -7.663  -9.271  1.00 27.26 ? 68  GLU A CA  1 
ATOM   530  C C   . GLU A 1 68  ? 6.568   -9.020  -9.554  1.00 26.74 ? 68  GLU A C   1 
ATOM   531  O O   . GLU A 1 68  ? 5.710   -9.119  -10.417 1.00 30.70 ? 68  GLU A O   1 
ATOM   532  C CB  . GLU A 1 68  ? 8.626   -7.599  -9.895  1.00 29.14 ? 68  GLU A CB  1 
ATOM   533  C CG  . GLU A 1 68  ? 8.641   -7.816  -11.416 1.00 35.29 ? 68  GLU A CG  1 
ATOM   534  C CD  . GLU A 1 68  ? 10.066  -8.025  -11.905 1.00 43.27 ? 68  GLU A CD  1 
ATOM   535  O OE1 . GLU A 1 68  ? 10.830  -7.055  -11.899 1.00 48.46 ? 68  GLU A OE1 1 
ATOM   536  O OE2 . GLU A 1 68  ? 10.445  -9.179  -12.202 1.00 55.60 ? 68  GLU A OE2 1 
ATOM   537  N N   . SER A 1 69  ? 6.945   -10.036 -8.803  1.00 26.47 ? 69  SER A N   1 
ATOM   538  C CA  . SER A 1 69  ? 6.463   -11.386 -8.989  1.00 30.05 ? 69  SER A CA  1 
ATOM   539  C C   . SER A 1 69  ? 4.950   -11.519 -8.858  1.00 32.29 ? 69  SER A C   1 
ATOM   540  O O   . SER A 1 69  ? 4.390   -12.407 -9.440  1.00 31.50 ? 69  SER A O   1 
ATOM   541  C CB  . SER A 1 69  ? 7.190   -12.346 -8.043  1.00 29.62 ? 69  SER A CB  1 
ATOM   542  O OG  . SER A 1 69  ? 6.560   -12.355 -6.763  1.00 30.04 ? 69  SER A OG  1 
ATOM   543  N N   . ASN A 1 70  ? 4.284   -10.628 -8.123  1.00 33.50 ? 70  ASN A N   1 
ATOM   544  C CA  . ASN A 1 70  ? 2.817   -10.674 -7.948  1.00 33.86 ? 70  ASN A CA  1 
ATOM   545  C C   . ASN A 1 70  ? 2.109   -9.530  -8.649  1.00 28.82 ? 70  ASN A C   1 
ATOM   546  O O   . ASN A 1 70  ? 0.894   -9.371  -8.542  1.00 29.34 ? 70  ASN A O   1 
ATOM   547  C CB  . ASN A 1 70  ? 2.490   -10.633 -6.435  1.00 33.99 ? 70  ASN A CB  1 
ATOM   548  C CG  . ASN A 1 70  ? 2.803   -11.945 -5.749  1.00 39.64 ? 70  ASN A CG  1 
ATOM   549  O OD1 . ASN A 1 70  ? 3.647   -12.006 -4.843  1.00 46.76 ? 70  ASN A OD1 1 
ATOM   550  N ND2 . ASN A 1 70  ? 2.139   -13.004 -6.189  1.00 32.98 ? 70  ASN A ND2 1 
ATOM   551  N N   . PHE A 1 71  ? 2.850   -8.726  -9.384  1.00 24.92 ? 71  PHE A N   1 
ATOM   552  C CA  . PHE A 1 71  ? 2.246   -7.561  -10.030 1.00 27.57 ? 71  PHE A CA  1 
ATOM   553  C C   . PHE A 1 71  ? 1.045   -7.958  -10.962 1.00 29.36 ? 71  PHE A C   1 
ATOM   554  O O   . PHE A 1 71  ? 0.063   -7.212  -11.082 1.00 29.15 ? 71  PHE A O   1 
ATOM   555  C CB  . PHE A 1 71  ? 3.320   -6.818  -10.820 1.00 27.61 ? 71  PHE A CB  1 
ATOM   556  C CG  . PHE A 1 71  ? 2.788   -5.679  -11.590 1.00 28.51 ? 71  PHE A CG  1 
ATOM   557  C CD1 . PHE A 1 71  ? 2.536   -4.489  -10.979 1.00 28.81 ? 71  PHE A CD1 1 
ATOM   558  C CD2 . PHE A 1 71  ? 2.442   -5.834  -12.935 1.00 31.09 ? 71  PHE A CD2 1 
ATOM   559  C CE1 . PHE A 1 71  ? 1.964   -3.448  -11.682 1.00 30.99 ? 71  PHE A CE1 1 
ATOM   560  C CE2 . PHE A 1 71  ? 1.891   -4.781  -13.640 1.00 29.74 ? 71  PHE A CE2 1 
ATOM   561  C CZ  . PHE A 1 71  ? 1.673   -3.586  -13.016 1.00 30.37 ? 71  PHE A CZ  1 
ATOM   562  N N   . ASN A 1 72  ? 1.141   -9.111  -11.621 1.00 31.22 ? 72  ASN A N   1 
ATOM   563  C CA  . ASN A 1 72  ? 0.052   -9.568  -12.533 1.00 34.13 ? 72  ASN A CA  1 
ATOM   564  C C   . ASN A 1 72  ? -1.306  -9.645  -11.809 1.00 32.17 ? 72  ASN A C   1 
ATOM   565  O O   . ASN A 1 72  ? -2.345  -9.425  -12.414 1.00 28.35 ? 72  ASN A O   1 
ATOM   566  C CB  . ASN A 1 72  ? 0.362   -10.952 -13.160 1.00 36.28 ? 72  ASN A CB  1 
ATOM   567  C CG  . ASN A 1 72  ? 0.587   -12.048 -12.110 1.00 46.86 ? 72  ASN A CG  1 
ATOM   568  O OD1 . ASN A 1 72  ? 1.424   -11.898 -11.163 1.00 48.79 ? 72  ASN A OD1 1 
ATOM   569  N ND2 . ASN A 1 72  ? -0.138  -13.175 -12.265 1.00 46.30 ? 72  ASN A ND2 1 
ATOM   570  N N   . HIS A 1 73  ? -1.297  -9.967  -10.516 1.00 31.11 ? 73  HIS A N   1 
ATOM   571  C CA  . HIS A 1 73  ? -2.551  -10.040 -9.774  1.00 31.06 ? 73  HIS A CA  1 
ATOM   572  C C   . HIS A 1 73  ? -3.188  -8.674  -9.655  1.00 30.58 ? 73  HIS A C   1 
ATOM   573  O O   . HIS A 1 73  ? -4.410  -8.545  -9.771  1.00 31.24 ? 73  HIS A O   1 
ATOM   574  C CB  . HIS A 1 73  ? -2.314  -10.689 -8.429  1.00 32.46 ? 73  HIS A CB  1 
ATOM   575  C CG  . HIS A 1 73  ? -1.833  -12.097 -8.524  1.00 34.38 ? 73  HIS A CG  1 
ATOM   576  N ND1 . HIS A 1 73  ? -2.574  -13.098 -9.108  1.00 40.24 ? 73  HIS A ND1 1 
ATOM   577  C CD2 . HIS A 1 73  ? -0.687  -12.677 -8.102  1.00 38.03 ? 73  HIS A CD2 1 
ATOM   578  C CE1 . HIS A 1 73  ? -1.906  -14.235 -9.043  1.00 39.09 ? 73  HIS A CE1 1 
ATOM   579  N NE2 . HIS A 1 73  ? -0.749  -14.004 -8.450  1.00 38.14 ? 73  HIS A NE2 1 
ATOM   580  N N   . PHE A 1 74  ? -2.376  -7.625  -9.446  1.00 28.40 ? 74  PHE A N   1 
ATOM   581  C CA  . PHE A 1 74  ? -2.896  -6.256  -9.422  1.00 26.45 ? 74  PHE A CA  1 
ATOM   582  C C   . PHE A 1 74  ? -3.388  -5.869  -10.803 1.00 31.08 ? 74  PHE A C   1 
ATOM   583  O O   . PHE A 1 74  ? -4.406  -5.187  -10.921 1.00 30.38 ? 74  PHE A O   1 
ATOM   584  C CB  . PHE A 1 74  ? -1.813  -5.289  -8.973  1.00 25.93 ? 74  PHE A CB  1 
ATOM   585  C CG  . PHE A 1 74  ? -2.164  -3.838  -9.091  1.00 25.86 ? 74  PHE A CG  1 
ATOM   586  C CD1 . PHE A 1 74  ? -2.961  -3.217  -8.150  1.00 25.96 ? 74  PHE A CD1 1 
ATOM   587  C CD2 . PHE A 1 74  ? -1.633  -3.062  -10.131 1.00 25.93 ? 74  PHE A CD2 1 
ATOM   588  C CE1 . PHE A 1 74  ? -3.261  -1.855  -8.239  1.00 28.57 ? 74  PHE A CE1 1 
ATOM   589  C CE2 . PHE A 1 74  ? -1.930  -1.724  -10.232 1.00 27.59 ? 74  PHE A CE2 1 
ATOM   590  C CZ  . PHE A 1 74  ? -2.749  -1.107  -9.304  1.00 28.88 ? 74  PHE A CZ  1 
ATOM   591  N N   . LEU A 1 75  ? -2.623  -6.226  -11.842 1.00 33.85 ? 75  LEU A N   1 
ATOM   592  C CA  . LEU A 1 75  ? -3.019  -5.842  -13.216 1.00 35.40 ? 75  LEU A CA  1 
ATOM   593  C C   . LEU A 1 75  ? -4.356  -6.497  -13.537 1.00 31.37 ? 75  LEU A C   1 
ATOM   594  O O   . LEU A 1 75  ? -5.273  -5.816  -13.973 1.00 32.83 ? 75  LEU A O   1 
ATOM   595  C CB  . LEU A 1 75  ? -1.939  -6.211  -14.264 1.00 40.10 ? 75  LEU A CB  1 
ATOM   596  C CG  . LEU A 1 75  ? -2.076  -5.421  -15.581 1.00 47.05 ? 75  LEU A CG  1 
ATOM   597  C CD1 . LEU A 1 75  ? -1.850  -3.925  -15.360 1.00 48.42 ? 75  LEU A CD1 1 
ATOM   598  C CD2 . LEU A 1 75  ? -1.136  -5.958  -16.657 1.00 49.66 ? 75  LEU A CD2 1 
ATOM   599  N N   . ASN A 1 76  ? -4.479  -7.782  -13.247 1.00 32.42 ? 76  ASN A N   1 
ATOM   600  C CA  . ASN A 1 76  ? -5.786  -8.509  -13.401 1.00 33.54 ? 76  ASN A CA  1 
ATOM   601  C C   . ASN A 1 76  ? -6.931  -7.781  -12.730 1.00 33.59 ? 76  ASN A C   1 
ATOM   602  O O   . ASN A 1 76  ? -7.993  -7.606  -13.330 1.00 32.60 ? 76  ASN A O   1 
ATOM   603  C CB  . ASN A 1 76  ? -5.711  -9.941  -12.878 1.00 32.06 ? 76  ASN A CB  1 
ATOM   604  C CG  . ASN A 1 76  ? -4.838  -10.846 -13.739 1.00 34.75 ? 76  ASN A CG  1 
ATOM   605  O OD1 . ASN A 1 76  ? -4.371  -11.900 -13.283 1.00 36.08 ? 76  ASN A OD1 1 
ATOM   606  N ND2 . ASN A 1 76  ? -4.624  -10.451 -14.989 1.00 31.88 ? 76  ASN A ND2 1 
ATOM   607  N N   . MET A 1 77  ? -6.708  -7.292  -11.509 1.00 30.78 ? 77  MET A N   1 
ATOM   608  C CA  . MET A 1 77  ? -7.786  -6.658  -10.774 1.00 30.03 ? 77  MET A CA  1 
ATOM   609  C C   . MET A 1 77  ? -8.192  -5.338  -11.375 1.00 30.64 ? 77  MET A C   1 
ATOM   610  O O   . MET A 1 77  ? -9.398  -5.036  -11.423 1.00 32.13 ? 77  MET A O   1 
ATOM   611  C CB  . MET A 1 77  ? -7.439  -6.513  -9.286  1.00 34.48 ? 77  MET A CB  1 
ATOM   612  C CG  . MET A 1 77  ? -8.498  -5.777  -8.474  1.00 33.42 ? 77  MET A CG  1 
ATOM   613  S SD  . MET A 1 77  ? -8.337  -4.016  -8.556  1.00 37.25 ? 77  MET A SD  1 
ATOM   614  C CE  . MET A 1 77  ? -6.902  -3.821  -7.461  1.00 37.10 ? 77  MET A CE  1 
ATOM   615  N N   . THR A 1 78  ? -7.213  -4.544  -11.822 1.00 31.39 ? 78  THR A N   1 
ATOM   616  C CA  . THR A 1 78  ? -7.498  -3.239  -12.426 1.00 31.78 ? 78  THR A CA  1 
ATOM   617  C C   . THR A 1 78  ? -8.280  -3.422  -13.754 1.00 36.07 ? 78  THR A C   1 
ATOM   618  O O   . THR A 1 78  ? -9.210  -2.670  -14.036 1.00 36.33 ? 78  THR A O   1 
ATOM   619  C CB  . THR A 1 78  ? -6.228  -2.442  -12.739 1.00 35.71 ? 78  THR A CB  1 
ATOM   620  O OG1 . THR A 1 78  ? -5.340  -3.274  -13.488 1.00 35.37 ? 78  THR A OG1 1 
ATOM   621  C CG2 . THR A 1 78  ? -5.549  -1.969  -11.438 1.00 39.34 ? 78  THR A CG2 1 
ATOM   622  N N   . GLU A 1 79  ? -7.877  -4.432  -14.516 1.00 37.93 ? 79  GLU A N   1 
ATOM   623  C CA  . GLU A 1 79  ? -8.543  -4.822  -15.760 1.00 43.55 ? 79  GLU A CA  1 
ATOM   624  C C   . GLU A 1 79  ? -10.008 -5.173  -15.514 1.00 41.39 ? 79  GLU A C   1 
ATOM   625  O O   . GLU A 1 79  ? -10.878 -4.688  -16.232 1.00 43.93 ? 79  GLU A O   1 
ATOM   626  C CB  . GLU A 1 79  ? -7.892  -6.064  -16.368 1.00 43.88 ? 79  GLU A CB  1 
ATOM   627  C CG  . GLU A 1 79  ? -6.615  -5.802  -17.125 1.00 50.55 ? 79  GLU A CG  1 
ATOM   628  C CD  . GLU A 1 79  ? -6.535  -6.578  -18.434 1.00 46.26 ? 79  GLU A CD  1 
ATOM   629  O OE1 . GLU A 1 79  ? -6.002  -5.955  -19.359 1.00 53.06 ? 79  GLU A OE1 1 
ATOM   630  O OE2 . GLU A 1 79  ? -6.991  -7.763  -18.541 1.00 41.88 ? 79  GLU A OE2 1 
ATOM   631  N N   . LYS A 1 80  ? -10.240 -6.027  -14.515 1.00 40.11 ? 80  LYS A N   1 
ATOM   632  C CA  . LYS A 1 80  ? -11.590 -6.447  -14.103 1.00 43.38 ? 80  LYS A CA  1 
ATOM   633  C C   . LYS A 1 80  ? -12.417 -5.250  -13.748 1.00 42.57 ? 80  LYS A C   1 
ATOM   634  O O   . LYS A 1 80  ? -13.590 -5.222  -14.050 1.00 40.89 ? 80  LYS A O   1 
ATOM   635  C CB  . LYS A 1 80  ? -11.586 -7.405  -12.897 1.00 46.59 ? 80  LYS A CB  1 
ATOM   636  C CG  . LYS A 1 80  ? -11.805 -8.877  -13.200 1.00 54.54 ? 80  LYS A CG  1 
ATOM   637  C CD  . LYS A 1 80  ? -12.094 -9.662  -11.921 1.00 58.99 ? 80  LYS A CD  1 
ATOM   638  C CE  . LYS A 1 80  ? -12.806 -10.991 -12.159 1.00 71.68 ? 80  LYS A CE  1 
ATOM   639  N NZ  . LYS A 1 80  ? -11.846 -12.078 -12.534 1.00 76.92 ? 80  LYS A NZ  1 
ATOM   640  N N   . GLN A 1 81  ? -11.821 -4.262  -13.088 1.00 43.26 ? 81  GLN A N   1 
ATOM   641  C CA  . GLN A 1 81  ? -12.556 -3.077  -12.693 1.00 41.87 ? 81  GLN A CA  1 
ATOM   642  C C   . GLN A 1 81  ? -12.691 -2.071  -13.803 1.00 42.37 ? 81  GLN A C   1 
ATOM   643  O O   . GLN A 1 81  ? -13.321 -1.035  -13.608 1.00 44.58 ? 81  GLN A O   1 
ATOM   644  C CB  . GLN A 1 81  ? -11.918 -2.431  -11.435 1.00 41.60 ? 81  GLN A CB  1 
ATOM   645  C CG  . GLN A 1 81  ? -12.004 -3.362  -10.243 1.00 43.88 ? 81  GLN A CG  1 
ATOM   646  C CD  . GLN A 1 81  ? -13.444 -3.741  -9.887  1.00 45.91 ? 81  GLN A CD  1 
ATOM   647  O OE1 . GLN A 1 81  ? -14.305 -2.882  -9.866  1.00 48.68 ? 81  GLN A OE1 1 
ATOM   648  N NE2 . GLN A 1 81  ? -13.703 -5.025  -9.609  1.00 42.03 ? 81  GLN A NE2 1 
ATOM   649  N N   . GLY A 1 82  ? -12.104 -2.337  -14.965 1.00 45.12 ? 82  GLY A N   1 
ATOM   650  C CA  . GLY A 1 82  ? -12.215 -1.420  -16.076 1.00 48.60 ? 82  GLY A CA  1 
ATOM   651  C C   . GLY A 1 82  ? -11.628 -0.075  -15.754 1.00 52.91 ? 82  GLY A C   1 
ATOM   652  O O   . GLY A 1 82  ? -12.183 0.961   -16.133 1.00 54.56 ? 82  GLY A O   1 
ATOM   653  N N   . CYS A 1 83  ? -10.505 -0.097  -15.035 1.00 55.57 ? 83  CYS A N   1 
ATOM   654  C CA  . CYS A 1 83  ? -9.930  1.113   -14.475 1.00 59.37 ? 83  CYS A CA  1 
ATOM   655  C C   . CYS A 1 83  ? -8.430  0.960   -14.562 1.00 64.50 ? 83  CYS A C   1 
ATOM   656  O O   . CYS A 1 83  ? -7.758  0.754   -13.560 1.00 68.82 ? 83  CYS A O   1 
ATOM   657  C CB  . CYS A 1 83  ? -10.426 1.373   -13.036 1.00 58.92 ? 83  CYS A CB  1 
ATOM   658  S SG  . CYS A 1 83  ? -10.381 3.131   -12.606 1.00 68.48 ? 83  CYS A SG  1 
ATOM   659  N N   . SER A 1 84  ? -7.930  1.020   -15.793 1.00 66.88 ? 84  SER A N   1 
ATOM   660  C CA  . SER A 1 84  ? -6.503  1.005   -16.076 1.00 69.79 ? 84  SER A CA  1 
ATOM   661  C C   . SER A 1 84  ? -5.756  2.135   -15.364 1.00 70.47 ? 84  SER A C   1 
ATOM   662  O O   . SER A 1 84  ? -6.080  3.332   -15.499 1.00 66.68 ? 84  SER A O   1 
ATOM   663  C CB  . SER A 1 84  ? -6.227  1.127   -17.579 1.00 72.56 ? 84  SER A CB  1 
ATOM   664  O OG  . SER A 1 84  ? -4.843  1.363   -17.796 1.00 69.07 ? 84  SER A OG  1 
ATOM   665  N N   . VAL A 1 85  ? -4.730  1.729   -14.629 1.00 66.33 ? 85  VAL A N   1 
ATOM   666  C CA  . VAL A 1 85  ? -3.917  2.648   -13.856 1.00 62.97 ? 85  VAL A CA  1 
ATOM   667  C C   . VAL A 1 85  ? -3.031  3.531   -14.757 1.00 55.73 ? 85  VAL A C   1 
ATOM   668  O O   . VAL A 1 85  ? -2.731  4.666   -14.409 1.00 48.72 ? 85  VAL A O   1 
ATOM   669  C CB  . VAL A 1 85  ? -3.096  1.863   -12.810 1.00 65.73 ? 85  VAL A CB  1 
ATOM   670  C CG1 . VAL A 1 85  ? -1.882  1.181   -13.447 1.00 64.76 ? 85  VAL A CG1 1 
ATOM   671  C CG2 . VAL A 1 85  ? -2.705  2.776   -11.667 1.00 69.19 ? 85  VAL A CG2 1 
ATOM   672  N N   . GLN A 1 86  ? -2.653  3.001   -15.920 1.00 58.04 ? 86  GLN A N   1 
ATOM   673  C CA  . GLN A 1 86  ? -1.964  3.777   -16.967 1.00 64.45 ? 86  GLN A CA  1 
ATOM   674  C C   . GLN A 1 86  ? -2.684  5.031   -17.430 1.00 63.92 ? 86  GLN A C   1 
ATOM   675  O O   . GLN A 1 86  ? -2.029  6.021   -17.717 1.00 70.86 ? 86  GLN A O   1 
ATOM   676  C CB  . GLN A 1 86  ? -1.709  2.915   -18.197 1.00 66.58 ? 86  GLN A CB  1 
ATOM   677  C CG  . GLN A 1 86  ? -0.620  1.898   -17.983 1.00 69.74 ? 86  GLN A CG  1 
ATOM   678  C CD  . GLN A 1 86  ? -0.207  1.259   -19.277 1.00 73.04 ? 86  GLN A CD  1 
ATOM   679  O OE1 . GLN A 1 86  ? 0.719   1.733   -19.944 1.00 79.66 ? 86  GLN A OE1 1 
ATOM   680  N NE2 . GLN A 1 86  ? -0.900  0.188   -19.655 1.00 68.11 ? 86  GLN A NE2 1 
ATOM   681  N N   . ARG A 1 87  ? -4.011  5.001   -17.511 1.00 68.23 ? 87  ARG A N   1 
ATOM   682  C CA  . ARG A 1 87  ? -4.758  6.218   -17.871 1.00 73.73 ? 87  ARG A CA  1 
ATOM   683  C C   . ARG A 1 87  ? -5.258  7.045   -16.659 1.00 72.07 ? 87  ARG A C   1 
ATOM   684  O O   . ARG A 1 87  ? -6.191  7.844   -16.801 1.00 71.51 ? 87  ARG A O   1 
ATOM   685  C CB  . ARG A 1 87  ? -5.889  5.938   -18.911 1.00 80.86 ? 87  ARG A CB  1 
ATOM   686  C CG  . ARG A 1 87  ? -6.983  4.946   -18.523 1.00 83.38 ? 87  ARG A CG  1 
ATOM   687  C CD  . ARG A 1 87  ? -8.399  5.411   -18.896 1.00 88.42 ? 87  ARG A CD  1 
ATOM   688  N NE  . ARG A 1 87  ? -9.203  5.678   -17.695 1.00 93.57 ? 87  ARG A NE  1 
ATOM   689  C CZ  . ARG A 1 87  ? -9.762  4.741   -16.920 1.00 92.25 ? 87  ARG A CZ  1 
ATOM   690  N NH1 . ARG A 1 87  ? -9.626  3.450   -17.215 1.00 86.89 ? 87  ARG A NH1 1 
ATOM   691  N NH2 . ARG A 1 87  ? -10.464 5.091   -15.839 1.00 91.70 ? 87  ARG A NH2 1 
ATOM   692  N N   . LEU A 1 88  ? -4.634  6.895   -15.486 1.00 63.34 ? 88  LEU A N   1 
ATOM   693  C CA  . LEU A 1 88  ? -4.969  7.749   -14.339 1.00 60.36 ? 88  LEU A CA  1 
ATOM   694  C C   . LEU A 1 88  ? -3.766  8.624   -14.079 1.00 56.39 ? 88  LEU A C   1 
ATOM   695  O O   . LEU A 1 88  ? -2.689  8.125   -13.783 1.00 60.13 ? 88  LEU A O   1 
ATOM   696  C CB  . LEU A 1 88  ? -5.342  6.913   -13.120 1.00 60.23 ? 88  LEU A CB  1 
ATOM   697  C CG  . LEU A 1 88  ? -6.726  6.256   -13.222 1.00 65.47 ? 88  LEU A CG  1 
ATOM   698  C CD1 . LEU A 1 88  ? -6.823  5.064   -12.272 1.00 69.99 ? 88  LEU A CD1 1 
ATOM   699  C CD2 . LEU A 1 88  ? -7.841  7.254   -12.930 1.00 63.99 ? 88  LEU A CD2 1 
ATOM   700  N N   . ARG A 1 89  ? -3.961  9.929   -14.223 1.00 55.77 ? 89  ARG A N   1 
ATOM   701  C CA  . ARG A 1 89  ? -2.855  10.872  -14.309 1.00 54.27 ? 89  ARG A CA  1 
ATOM   702  C C   . ARG A 1 89  ? -2.129  11.048  -12.964 1.00 51.21 ? 89  ARG A C   1 
ATOM   703  O O   . ARG A 1 89  ? -0.929  11.350  -12.941 1.00 55.86 ? 89  ARG A O   1 
ATOM   704  C CB  . ARG A 1 89  ? -3.354  12.226  -14.837 1.00 50.45 ? 89  ARG A CB  1 
ATOM   705  N N   . ASN A 1 90  ? -2.842  10.867  -11.858 1.00 45.45 ? 90  ASN A N   1 
ATOM   706  C CA  . ASN A 1 90  ? -2.240  11.068  -10.535 1.00 46.13 ? 90  ASN A CA  1 
ATOM   707  C C   . ASN A 1 90  ? -1.696  9.786   -9.888  1.00 43.97 ? 90  ASN A C   1 
ATOM   708  O O   . ASN A 1 90  ? -1.289  9.834   -8.735  1.00 45.28 ? 90  ASN A O   1 
ATOM   709  C CB  . ASN A 1 90  ? -3.222  11.784  -9.603  1.00 46.83 ? 90  ASN A CB  1 
ATOM   710  C CG  . ASN A 1 90  ? -3.384  13.257  -9.942  1.00 48.70 ? 90  ASN A CG  1 
ATOM   711  O OD1 . ASN A 1 90  ? -2.444  13.930  -10.371 1.00 51.07 ? 90  ASN A OD1 1 
ATOM   712  N ND2 . ASN A 1 90  ? -4.574  13.769  -9.734  1.00 48.66 ? 90  ASN A ND2 1 
ATOM   713  N N   . ILE A 1 91  ? -1.646  8.676   -10.625 1.00 39.05 ? 91  ILE A N   1 
ATOM   714  C CA  . ILE A 1 91  ? -1.161  7.403   -10.068 1.00 40.84 ? 91  ILE A CA  1 
ATOM   715  C C   . ILE A 1 91  ? 0.037   6.869   -10.841 1.00 40.13 ? 91  ILE A C   1 
ATOM   716  O O   . ILE A 1 91  ? -0.084  6.545   -12.037 1.00 38.94 ? 91  ILE A O   1 
ATOM   717  C CB  . ILE A 1 91  ? -2.257  6.303   -10.044 1.00 40.04 ? 91  ILE A CB  1 
ATOM   718  C CG1 . ILE A 1 91  ? -3.521  6.809   -9.336  1.00 35.71 ? 91  ILE A CG1 1 
ATOM   719  C CG2 . ILE A 1 91  ? -1.744  5.011   -9.371  1.00 39.37 ? 91  ILE A CG2 1 
ATOM   720  C CD1 . ILE A 1 91  ? -4.560  5.735   -9.060  1.00 38.57 ? 91  ILE A CD1 1 
ATOM   721  N N   . ARG A 1 92  ? 1.162   6.729   -10.142 1.00 34.40 ? 92  ARG A N   1 
ATOM   722  C CA  . ARG A 1 92  ? 2.334   6.019   -10.672 1.00 37.19 ? 92  ARG A CA  1 
ATOM   723  C C   . ARG A 1 92  ? 2.505   4.680   -9.984  1.00 32.56 ? 92  ARG A C   1 
ATOM   724  O O   . ARG A 1 92  ? 2.483   4.593   -8.738  1.00 31.83 ? 92  ARG A O   1 
ATOM   725  C CB  . ARG A 1 92  ? 3.614   6.838   -10.505 1.00 42.11 ? 92  ARG A CB  1 
ATOM   726  C CG  . ARG A 1 92  ? 3.376   8.312   -10.741 1.00 53.82 ? 92  ARG A CG  1 
ATOM   727  C CD  . ARG A 1 92  ? 4.640   9.053   -11.104 1.00 63.71 ? 92  ARG A CD  1 
ATOM   728  N NE  . ARG A 1 92  ? 4.888   9.039   -12.550 1.00 72.70 ? 92  ARG A NE  1 
ATOM   729  C CZ  . ARG A 1 92  ? 5.795   9.797   -13.171 1.00 77.36 ? 92  ARG A CZ  1 
ATOM   730  N NH1 . ARG A 1 92  ? 6.566   10.643  -12.480 1.00 81.82 ? 92  ARG A NH1 1 
ATOM   731  N NH2 . ARG A 1 92  ? 5.945   9.706   -14.492 1.00 79.25 ? 92  ARG A NH2 1 
ATOM   732  N N   . VAL A 1 93  ? 2.692   3.644   -10.784 1.00 28.49 ? 93  VAL A N   1 
ATOM   733  C CA  . VAL A 1 93  ? 2.894   2.319   -10.266 1.00 27.90 ? 93  VAL A CA  1 
ATOM   734  C C   . VAL A 1 93  ? 4.185   1.776   -10.825 1.00 31.82 ? 93  VAL A C   1 
ATOM   735  O O   . VAL A 1 93  ? 4.357   1.722   -12.068 1.00 30.04 ? 93  VAL A O   1 
ATOM   736  C CB  . VAL A 1 93  ? 1.717   1.391   -10.632 1.00 30.64 ? 93  VAL A CB  1 
ATOM   737  C CG1 . VAL A 1 93  ? 1.835   0.029   -9.950  1.00 29.87 ? 93  VAL A CG1 1 
ATOM   738  C CG2 . VAL A 1 93  ? 0.384   2.052   -10.279 1.00 32.02 ? 93  VAL A CG2 1 
ATOM   739  N N   . ARG A 1 94  ? 5.091   1.336   -9.925  1.00 28.20 ? 94  ARG A N   1 
ATOM   740  C CA  . ARG A 1 94  ? 6.327   0.633   -10.365 1.00 25.37 ? 94  ARG A CA  1 
ATOM   741  C C   . ARG A 1 94  ? 6.530   -0.625  -9.559  1.00 25.18 ? 94  ARG A C   1 
ATOM   742  O O   . ARG A 1 94  ? 5.801   -0.843  -8.582  1.00 25.76 ? 94  ARG A O   1 
ATOM   743  C CB  . ARG A 1 94  ? 7.523   1.565   -10.313 1.00 25.34 ? 94  ARG A CB  1 
ATOM   744  C CG  . ARG A 1 94  ? 7.327   2.860   -11.113 1.00 28.80 ? 94  ARG A CG  1 
ATOM   745  C CD  . ARG A 1 94  ? 8.408   3.876   -10.791 1.00 29.76 ? 94  ARG A CD  1 
ATOM   746  N NE  . ARG A 1 94  ? 9.720   3.394   -11.226 1.00 29.23 ? 94  ARG A NE  1 
ATOM   747  C CZ  . ARG A 1 94  ? 10.345  3.713   -12.362 1.00 33.31 ? 94  ARG A CZ  1 
ATOM   748  N NH1 . ARG A 1 94  ? 9.786   4.555   -13.260 1.00 32.50 ? 94  ARG A NH1 1 
ATOM   749  N NH2 . ARG A 1 94  ? 11.539  3.174   -12.617 1.00 31.44 ? 94  ARG A NH2 1 
ATOM   750  N N   . THR A 1 95  ? 7.387   -1.527  -10.052 1.00 25.15 ? 95  THR A N   1 
ATOM   751  C CA  . THR A 1 95  ? 7.589   -2.817  -9.420  1.00 26.51 ? 95  THR A CA  1 
ATOM   752  C C   . THR A 1 95  ? 8.953   -2.885  -8.758  1.00 27.14 ? 95  THR A C   1 
ATOM   753  O O   . THR A 1 95  ? 9.901   -2.220  -9.204  1.00 25.49 ? 95  THR A O   1 
ATOM   754  C CB  . THR A 1 95  ? 7.476   -4.004  -10.396 1.00 30.13 ? 95  THR A CB  1 
ATOM   755  O OG1 . THR A 1 95  ? 8.439   -3.849  -11.462 1.00 29.08 ? 95  THR A OG1 1 
ATOM   756  C CG2 . THR A 1 95  ? 6.069   -4.143  -10.935 1.00 29.56 ? 95  THR A CG2 1 
ATOM   757  N N   . VAL A 1 96  ? 9.051   -3.725  -7.730  1.00 24.46 ? 96  VAL A N   1 
ATOM   758  C CA  . VAL A 1 96  ? 10.321  -3.942  -7.045  1.00 25.27 ? 96  VAL A CA  1 
ATOM   759  C C   . VAL A 1 96  ? 10.521  -5.435  -6.917  1.00 24.22 ? 96  VAL A C   1 
ATOM   760  O O   . VAL A 1 96  ? 9.588   -6.160  -6.559  1.00 24.68 ? 96  VAL A O   1 
ATOM   761  C CB  . VAL A 1 96  ? 10.319  -3.291  -5.635  1.00 27.37 ? 96  VAL A CB  1 
ATOM   762  C CG1 . VAL A 1 96  ? 11.659  -3.497  -4.957  1.00 28.03 ? 96  VAL A CG1 1 
ATOM   763  C CG2 . VAL A 1 96  ? 10.044  -1.786  -5.686  1.00 27.66 ? 96  VAL A CG2 1 
ATOM   764  N N   . LYS A 1 97  ? 11.720  -5.912  -7.214  1.00 26.40 ? 97  LYS A N   1 
ATOM   765  C CA  . LYS A 1 97  ? 12.085  -7.290  -6.918  1.00 31.31 ? 97  LYS A CA  1 
ATOM   766  C C   . LYS A 1 97  ? 13.341  -7.439  -6.065  1.00 32.59 ? 97  LYS A C   1 
ATOM   767  O O   . LYS A 1 97  ? 14.140  -6.520  -5.989  1.00 32.45 ? 97  LYS A O   1 
ATOM   768  C CB  . LYS A 1 97  ? 12.210  -8.093  -8.202  1.00 40.25 ? 97  LYS A CB  1 
ATOM   769  C CG  . LYS A 1 97  ? 13.418  -7.822  -9.070  1.00 47.46 ? 97  LYS A CG  1 
ATOM   770  C CD  . LYS A 1 97  ? 13.618  -9.029  -10.014 1.00 54.14 ? 97  LYS A CD  1 
ATOM   771  C CE  . LYS A 1 97  ? 15.023  -9.086  -10.600 1.00 58.86 ? 97  LYS A CE  1 
ATOM   772  N NZ  . LYS A 1 97  ? 16.046  -9.760  -9.732  1.00 59.99 ? 97  LYS A NZ  1 
ATOM   773  N N   . GLY A 1 98  ? 13.497  -8.623  -5.458  1.00 30.63 ? 98  GLY A N   1 
ATOM   774  C CA  . GLY A 1 98  ? 14.752  -9.046  -4.781  1.00 31.55 ? 98  GLY A CA  1 
ATOM   775  C C   . GLY A 1 98  ? 15.767  -9.738  -5.712  1.00 33.38 ? 98  GLY A C   1 
ATOM   776  O O   . GLY A 1 98  ? 15.632  -9.639  -6.935  1.00 34.28 ? 98  GLY A O   1 
ATOM   777  N N   . GLN A 1 99  ? 16.738  -10.459 -5.144  1.00 35.02 ? 99  GLN A N   1 
ATOM   778  C CA  . GLN A 1 99  ? 17.777  -11.210 -5.929  1.00 41.86 ? 99  GLN A CA  1 
ATOM   779  C C   . GLN A 1 99  ? 17.199  -12.558 -6.319  1.00 46.05 ? 99  GLN A C   1 
ATOM   780  O O   . GLN A 1 99  ? 16.755  -13.300 -5.437  1.00 44.30 ? 99  GLN A O   1 
ATOM   781  C CB  . GLN A 1 99  ? 19.081  -11.462 -5.139  1.00 42.42 ? 99  GLN A CB  1 
ATOM   782  C CG  . GLN A 1 99  ? 20.135  -10.376 -5.242  1.00 50.28 ? 99  GLN A CG  1 
ATOM   783  C CD  . GLN A 1 99  ? 21.433  -10.643 -4.472  1.00 48.61 ? 99  GLN A CD  1 
ATOM   784  O OE1 . GLN A 1 99  ? 22.023  -11.711 -4.570  1.00 53.15 ? 99  GLN A OE1 1 
ATOM   785  N NE2 . GLN A 1 99  ? 21.894  -9.635  -3.729  1.00 44.95 ? 99  GLN A NE2 1 
ATOM   786  N N   . ASP A 1 100 ? 17.245  -12.903 -7.613  1.00 54.58 ? 100 ASP A N   1 
ATOM   787  C CA  . ASP A 1 100 ? 16.831  -14.257 -8.085  1.00 59.63 ? 100 ASP A CA  1 
ATOM   788  C C   . ASP A 1 100 ? 17.885  -15.346 -7.897  1.00 58.17 ? 100 ASP A C   1 
ATOM   789  O O   . ASP A 1 100 ? 19.048  -15.030 -7.631  1.00 50.09 ? 100 ASP A O   1 
ATOM   790  C CB  . ASP A 1 100 ? 16.432  -14.214 -9.550  1.00 61.82 ? 100 ASP A CB  1 
ATOM   791  C CG  . ASP A 1 100 ? 15.262  -13.308 -9.799  1.00 63.88 ? 100 ASP A CG  1 
ATOM   792  O OD1 . ASP A 1 100 ? 14.326  -13.283 -8.960  1.00 59.57 ? 100 ASP A OD1 1 
ATOM   793  O OD2 . ASP A 1 100 ? 15.287  -12.609 -10.839 1.00 67.21 ? 100 ASP A OD2 1 
ATOM   794  N N   . TYR A 1 101 ? 17.443  -16.619 -7.964  1.00 68.86 ? 101 TYR A N   1 
ATOM   795  C CA  . TYR A 1 101 ? 18.329  -17.825 -8.029  1.00 70.85 ? 101 TYR A CA  1 
ATOM   796  C C   . TYR A 1 101 ? 17.750  -18.912 -8.944  1.00 67.56 ? 101 TYR A C   1 
ATOM   797  O O   . TYR A 1 101 ? 16.706  -19.496 -8.639  1.00 59.60 ? 101 TYR A O   1 
ATOM   798  C CB  . TYR A 1 101 ? 18.575  -18.424 -6.644  1.00 73.11 ? 101 TYR A CB  1 
ATOM   799  C CG  . TYR A 1 101 ? 19.348  -17.497 -5.767  1.00 79.15 ? 101 TYR A CG  1 
ATOM   800  C CD1 . TYR A 1 101 ? 20.727  -17.597 -5.653  1.00 77.72 ? 101 TYR A CD1 1 
ATOM   801  C CD2 . TYR A 1 101 ? 18.697  -16.472 -5.080  1.00 81.80 ? 101 TYR A CD2 1 
ATOM   802  C CE1 . TYR A 1 101 ? 21.439  -16.710 -4.859  1.00 80.48 ? 101 TYR A CE1 1 
ATOM   803  C CE2 . TYR A 1 101 ? 19.391  -15.572 -4.301  1.00 80.03 ? 101 TYR A CE2 1 
ATOM   804  C CZ  . TYR A 1 101 ? 20.763  -15.691 -4.183  1.00 84.36 ? 101 TYR A CZ  1 
ATOM   805  O OH  . TYR A 1 101 ? 21.433  -14.784 -3.384  1.00 78.75 ? 101 TYR A OH  1 
ATOM   806  N N   . PHE A 1 109 ? 14.118  -19.378 -9.150  1.00 68.64 ? 109 PHE A N   1 
ATOM   807  C CA  . PHE A 1 109 ? 13.507  -18.880 -7.896  1.00 76.15 ? 109 PHE A CA  1 
ATOM   808  C C   . PHE A 1 109 ? 13.529  -17.336 -7.741  1.00 65.35 ? 109 PHE A C   1 
ATOM   809  O O   . PHE A 1 109 ? 14.599  -16.720 -7.662  1.00 65.76 ? 109 PHE A O   1 
ATOM   810  C CB  . PHE A 1 109 ? 14.164  -19.541 -6.671  1.00 78.60 ? 109 PHE A CB  1 
ATOM   811  C CG  . PHE A 1 109 ? 13.853  -18.855 -5.360  1.00 82.34 ? 109 PHE A CG  1 
ATOM   812  C CD1 . PHE A 1 109 ? 12.573  -18.946 -4.792  1.00 78.15 ? 109 PHE A CD1 1 
ATOM   813  C CD2 . PHE A 1 109 ? 14.837  -18.114 -4.690  1.00 80.76 ? 109 PHE A CD2 1 
ATOM   814  C CE1 . PHE A 1 109 ? 12.281  -18.313 -3.586  1.00 76.94 ? 109 PHE A CE1 1 
ATOM   815  C CE2 . PHE A 1 109 ? 14.540  -17.482 -3.492  1.00 75.84 ? 109 PHE A CE2 1 
ATOM   816  C CZ  . PHE A 1 109 ? 13.264  -17.582 -2.942  1.00 74.81 ? 109 PHE A CZ  1 
ATOM   817  N N   . HIS A 1 110 ? 12.338  -16.746 -7.649  1.00 61.90 ? 110 HIS A N   1 
ATOM   818  C CA  . HIS A 1 110 ? 12.166  -15.276 -7.638  1.00 60.63 ? 110 HIS A CA  1 
ATOM   819  C C   . HIS A 1 110 ? 12.389  -14.661 -6.241  1.00 47.52 ? 110 HIS A C   1 
ATOM   820  O O   . HIS A 1 110 ? 11.676  -14.994 -5.295  1.00 46.15 ? 110 HIS A O   1 
ATOM   821  C CB  . HIS A 1 110 ? 10.753  -14.892 -8.122  1.00 68.07 ? 110 HIS A CB  1 
ATOM   822  C CG  . HIS A 1 110 ? 10.401  -15.434 -9.476  1.00 74.66 ? 110 HIS A CG  1 
ATOM   823  N ND1 . HIS A 1 110 ? 9.197   -16.054 -9.737  1.00 76.49 ? 110 HIS A ND1 1 
ATOM   824  C CD2 . HIS A 1 110 ? 11.103  -15.467 -10.637 1.00 76.81 ? 110 HIS A CD2 1 
ATOM   825  C CE1 . HIS A 1 110 ? 9.170   -16.440 -11.002 1.00 81.18 ? 110 HIS A CE1 1 
ATOM   826  N NE2 . HIS A 1 110 ? 10.314  -16.097 -11.568 1.00 80.65 ? 110 HIS A NE2 1 
ATOM   827  N N   . GLY A 1 111 ? 13.382  -13.788 -6.122  1.00 41.87 ? 111 GLY A N   1 
ATOM   828  C CA  . GLY A 1 111 ? 13.518  -12.914 -4.943  1.00 37.79 ? 111 GLY A CA  1 
ATOM   829  C C   . GLY A 1 111 ? 12.459  -11.841 -4.946  1.00 32.14 ? 111 GLY A C   1 
ATOM   830  O O   . GLY A 1 111 ? 12.172  -11.270 -5.980  1.00 30.37 ? 111 GLY A O   1 
ATOM   831  N N   . LYS A 1 112 ? 11.898  -11.530 -3.775  1.00 30.89 ? 112 LYS A N   1 
ATOM   832  C CA  . LYS A 1 112 ? 10.701  -10.659 -3.638  1.00 30.30 ? 112 LYS A CA  1 
ATOM   833  C C   . LYS A 1 112 ? 10.948  -9.440  -2.766  1.00 24.73 ? 112 LYS A C   1 
ATOM   834  O O   . LYS A 1 112 ? 11.856  -9.424  -1.945  1.00 24.10 ? 112 LYS A O   1 
ATOM   835  C CB  . LYS A 1 112 ? 9.534   -11.446 -3.028  1.00 32.04 ? 112 LYS A CB  1 
ATOM   836  C CG  . LYS A 1 112 ? 9.081   -12.608 -3.911  1.00 37.98 ? 112 LYS A CG  1 
ATOM   837  C CD  . LYS A 1 112 ? 7.851   -13.328 -3.339  1.00 42.23 ? 112 LYS A CD  1 
ATOM   838  C CE  . LYS A 1 112 ? 7.518   -14.487 -4.264  1.00 54.02 ? 112 LYS A CE  1 
ATOM   839  N NZ  . LYS A 1 112 ? 6.155   -15.072 -4.087  1.00 62.66 ? 112 LYS A NZ  1 
ATOM   840  N N   . MET A 1 113 ? 10.171  -8.396  -3.009  1.00 25.56 ? 113 MET A N   1 
ATOM   841  C CA  . MET A 1 113 ? 10.059  -7.298  -2.056  1.00 25.68 ? 113 MET A CA  1 
ATOM   842  C C   . MET A 1 113 ? 9.012   -7.714  -0.992  1.00 25.63 ? 113 MET A C   1 
ATOM   843  O O   . MET A 1 113 ? 7.811   -7.619  -1.229  1.00 25.68 ? 113 MET A O   1 
ATOM   844  C CB  . MET A 1 113 ? 9.594   -6.019  -2.742  1.00 27.32 ? 113 MET A CB  1 
ATOM   845  C CG  . MET A 1 113 ? 9.533   -4.839  -1.795  1.00 27.36 ? 113 MET A CG  1 
ATOM   846  S SD  . MET A 1 113 ? 8.645   -3.415  -2.429  1.00 31.43 ? 113 MET A SD  1 
ATOM   847  C CE  . MET A 1 113 ? 6.958   -4.011  -2.586  1.00 34.37 ? 113 MET A CE  1 
ATOM   848  N N   . GLU A 1 114 ? 9.497   -8.114  0.176   1.00 25.02 ? 114 GLU A N   1 
ATOM   849  C CA  . GLU A 1 114 ? 8.682   -8.472  1.321   1.00 25.95 ? 114 GLU A CA  1 
ATOM   850  C C   . GLU A 1 114 ? 8.637   -7.262  2.251   1.00 27.97 ? 114 GLU A C   1 
ATOM   851  O O   . GLU A 1 114 ? 9.328   -7.213  3.254   1.00 30.43 ? 114 GLU A O   1 
ATOM   852  C CB  . GLU A 1 114 ? 9.290   -9.662  2.032   1.00 29.25 ? 114 GLU A CB  1 
ATOM   853  C CG  . GLU A 1 114 ? 9.388   -10.869 1.127   1.00 32.43 ? 114 GLU A CG  1 
ATOM   854  C CD  . GLU A 1 114 ? 8.049   -11.602 0.922   1.00 38.55 ? 114 GLU A CD  1 
ATOM   855  O OE1 . GLU A 1 114 ? 6.979   -11.114 1.335   1.00 47.22 ? 114 GLU A OE1 1 
ATOM   856  O OE2 . GLU A 1 114 ? 8.088   -12.690 0.339   1.00 40.46 ? 114 GLU A OE2 1 
ATOM   857  N N   A GLN A 1 115 ? 7.993   -6.207  1.807   0.44 28.78 ? 115 GLN A N   1 
ATOM   858  N N   B GLN A 1 115 ? 7.702   -6.366  1.931   0.56 23.73 ? 115 GLN A N   1 
ATOM   859  C CA  A GLN A 1 115 ? 7.945   -4.983  2.567   0.44 30.95 ? 115 GLN A CA  1 
ATOM   860  C CA  B GLN A 1 115 ? 7.513   -5.077  2.600   0.56 23.29 ? 115 GLN A CA  1 
ATOM   861  C C   A GLN A 1 115 ? 6.578   -4.544  2.185   0.44 28.98 ? 115 GLN A C   1 
ATOM   862  C C   B GLN A 1 115 ? 6.055   -4.631  2.383   0.56 23.82 ? 115 GLN A C   1 
ATOM   863  O O   A GLN A 1 115 ? 6.148   -4.773  1.053   0.44 29.62 ? 115 GLN A O   1 
ATOM   864  O O   B GLN A 1 115 ? 5.491   -4.796  1.286   0.56 22.82 ? 115 GLN A O   1 
ATOM   865  C CB  A GLN A 1 115 ? 9.003   -3.932  2.129   0.44 33.24 ? 115 GLN A CB  1 
ATOM   866  C CB  B GLN A 1 115 ? 8.532   -4.044  2.038   0.56 22.61 ? 115 GLN A CB  1 
ATOM   867  C CG  A GLN A 1 115 ? 10.465  -4.391  2.033   0.44 37.66 ? 115 GLN A CG  1 
ATOM   868  C CG  B GLN A 1 115 ? 8.490   -2.633  2.616   0.56 21.47 ? 115 GLN A CG  1 
ATOM   869  C CD  A GLN A 1 115 ? 11.444  -3.339  2.547   0.44 39.68 ? 115 GLN A CD  1 
ATOM   870  C CD  B GLN A 1 115 ? 8.801   -2.604  4.095   0.56 20.53 ? 115 GLN A CD  1 
ATOM   871  O OE1 A GLN A 1 115 ? 12.632  -3.324  2.198   0.44 36.70 ? 115 GLN A OE1 1 
ATOM   872  O OE1 B GLN A 1 115 ? 8.014   -3.078  4.897   0.56 18.74 ? 115 GLN A OE1 1 
ATOM   873  N NE2 A GLN A 1 115 ? 10.933  -2.441  3.391   0.44 45.21 ? 115 GLN A NE2 1 
ATOM   874  N NE2 B GLN A 1 115 ? 9.943   -2.047  4.458   0.56 19.36 ? 115 GLN A NE2 1 
ATOM   875  N N   A LYS A 1 116 ? 5.858   -3.978  3.131   0.44 26.54 ? 116 LYS A N   1 
ATOM   876  N N   B LYS A 1 116 ? 5.423   -4.111  3.428   0.56 24.30 ? 116 LYS A N   1 
ATOM   877  C CA  A LYS A 1 116 ? 4.619   -3.330  2.809   0.44 24.65 ? 116 LYS A CA  1 
ATOM   878  C CA  B LYS A 1 116 ? 4.031   -3.630  3.344   0.56 23.83 ? 116 LYS A CA  1 
ATOM   879  C C   A LYS A 1 116 ? 4.283   -2.350  3.917   0.44 22.88 ? 116 LYS A C   1 
ATOM   880  C C   B LYS A 1 116 ? 3.852   -2.389  4.164   0.56 23.05 ? 116 LYS A C   1 
ATOM   881  O O   A LYS A 1 116 ? 4.658   -2.564  5.064   0.44 20.84 ? 116 LYS A O   1 
ATOM   882  O O   B LYS A 1 116 ? 3.798   -2.470  5.424   0.56 22.26 ? 116 LYS A O   1 
ATOM   883  C CB  A LYS A 1 116 ? 3.478   -4.347  2.565   0.44 25.87 ? 116 LYS A CB  1 
ATOM   884  C CB  B LYS A 1 116 ? 3.006   -4.687  3.823   0.56 23.47 ? 116 LYS A CB  1 
ATOM   885  C CG  A LYS A 1 116 ? 3.033   -5.159  3.767   0.44 25.22 ? 116 LYS A CG  1 
ATOM   886  C CG  B LYS A 1 116 ? 3.212   -6.119  3.314   0.56 25.42 ? 116 LYS A CG  1 
ATOM   887  C CD  A LYS A 1 116 ? 2.050   -6.246  3.335   0.44 25.58 ? 116 LYS A CD  1 
ATOM   888  C CD  B LYS A 1 116 ? 2.332   -7.132  4.055   0.56 26.97 ? 116 LYS A CD  1 
ATOM   889  C CE  A LYS A 1 116 ? 1.987   -7.420  4.313   0.44 25.06 ? 116 LYS A CE  1 
ATOM   890  C CE  B LYS A 1 116 ? 2.714   -8.571  3.739   0.56 27.81 ? 116 LYS A CE  1 
ATOM   891  N NZ  A LYS A 1 116 ? 3.016   -8.480  4.091   0.44 24.27 ? 116 LYS A NZ  1 
ATOM   892  N NZ  B LYS A 1 116 ? 1.707   -9.590  4.154   0.56 31.12 ? 116 LYS A NZ  1 
ATOM   893  N N   . PHE A 1 117 ? 3.675   -1.239  3.511   1.00 22.27 ? 117 PHE A N   1 
ATOM   894  C CA  . PHE A 1 117 ? 3.297   -0.096  4.319   1.00 21.30 ? 117 PHE A CA  1 
ATOM   895  C C   . PHE A 1 117 ? 2.582   0.942   3.507   1.00 23.13 ? 117 PHE A C   1 
ATOM   896  O O   . PHE A 1 117 ? 2.768   0.991   2.295   1.00 23.50 ? 117 PHE A O   1 
ATOM   897  C CB  . PHE A 1 117 ? 4.456   0.501   5.129   1.00 21.42 ? 117 PHE A CB  1 
ATOM   898  C CG  . PHE A 1 117 ? 5.568   1.130   4.326   1.00 20.64 ? 117 PHE A CG  1 
ATOM   899  C CD1 . PHE A 1 117 ? 5.496   2.450   3.949   1.00 21.62 ? 117 PHE A CD1 1 
ATOM   900  C CD2 . PHE A 1 117 ? 6.730   0.442   4.094   1.00 21.26 ? 117 PHE A CD2 1 
ATOM   901  C CE1 . PHE A 1 117 ? 6.571   3.055   3.289   1.00 22.57 ? 117 PHE A CE1 1 
ATOM   902  C CE2 . PHE A 1 117 ? 7.805   1.013   3.424   1.00 23.17 ? 117 PHE A CE2 1 
ATOM   903  C CZ  . PHE A 1 117 ? 7.728   2.350   3.052   1.00 25.15 ? 117 PHE A CZ  1 
ATOM   904  N N   . LEU A 1 118 ? 1.762   1.745   4.198   1.00 21.53 ? 118 LEU A N   1 
ATOM   905  C CA  . LEU A 1 118 ? 1.014   2.819   3.622   1.00 22.99 ? 118 LEU A CA  1 
ATOM   906  C C   . LEU A 1 118 ? 1.447   4.098   4.320   1.00 24.26 ? 118 LEU A C   1 
ATOM   907  O O   . LEU A 1 118 ? 1.378   4.169   5.522   1.00 23.96 ? 118 LEU A O   1 
ATOM   908  C CB  . LEU A 1 118 ? -0.465  2.580   3.882   1.00 24.05 ? 118 LEU A CB  1 
ATOM   909  C CG  . LEU A 1 118 ? -1.415  3.723   3.513   1.00 23.63 ? 118 LEU A CG  1 
ATOM   910  C CD1 . LEU A 1 118 ? -1.382  3.950   1.996   1.00 24.25 ? 118 LEU A CD1 1 
ATOM   911  C CD2 . LEU A 1 118 ? -2.819  3.434   3.997   1.00 25.23 ? 118 LEU A CD2 1 
ATOM   912  N N   . LEU A 1 119 ? 1.867   5.092   3.559   1.00 24.91 ? 119 LEU A N   1 
ATOM   913  C CA  . LEU A 1 119 ? 2.392   6.329   4.100   1.00 26.28 ? 119 LEU A CA  1 
ATOM   914  C C   . LEU A 1 119 ? 1.593   7.437   3.482   1.00 26.53 ? 119 LEU A C   1 
ATOM   915  O O   . LEU A 1 119 ? 1.613   7.573   2.254   1.00 24.74 ? 119 LEU A O   1 
ATOM   916  C CB  . LEU A 1 119 ? 3.879   6.440   3.734   1.00 27.15 ? 119 LEU A CB  1 
ATOM   917  C CG  . LEU A 1 119 ? 4.601   7.802   3.843   1.00 29.40 ? 119 LEU A CG  1 
ATOM   918  C CD1 . LEU A 1 119 ? 4.604   8.378   5.238   1.00 30.65 ? 119 LEU A CD1 1 
ATOM   919  C CD2 . LEU A 1 119 ? 6.029   7.671   3.381   1.00 31.75 ? 119 LEU A CD2 1 
ATOM   920  N N   . VAL A 1 120 ? 0.919   8.216   4.323   1.00 27.27 ? 120 VAL A N   1 
ATOM   921  C CA  . VAL A 1 120 ? -0.055  9.179   3.882   1.00 27.96 ? 120 VAL A CA  1 
ATOM   922  C C   . VAL A 1 120 ? 0.360   10.562  4.361   1.00 28.34 ? 120 VAL A C   1 
ATOM   923  O O   . VAL A 1 120 ? 0.547   10.761  5.566   1.00 26.65 ? 120 VAL A O   1 
ATOM   924  C CB  . VAL A 1 120 ? -1.445  8.829   4.388   1.00 29.40 ? 120 VAL A CB  1 
ATOM   925  C CG1 . VAL A 1 120 ? -2.454  9.883   3.917   1.00 33.73 ? 120 VAL A CG1 1 
ATOM   926  C CG2 . VAL A 1 120 ? -1.882  7.466   3.838   1.00 32.41 ? 120 VAL A CG2 1 
ATOM   927  N N   . ASP A 1 121 ? 0.462   11.502  3.401   1.00 30.45 ? 121 ASP A N   1 
ATOM   928  C CA  . ASP A 1 121 ? 0.767   12.939  3.632   1.00 30.06 ? 121 ASP A CA  1 
ATOM   929  C C   . ASP A 1 121 ? 1.996   13.187  4.465   1.00 31.74 ? 121 ASP A C   1 
ATOM   930  O O   . ASP A 1 121 ? 2.037   14.158  5.221   1.00 32.52 ? 121 ASP A O   1 
ATOM   931  C CB  . ASP A 1 121 ? -0.440  13.683  4.244   1.00 29.47 ? 121 ASP A CB  1 
ATOM   932  C CG  . ASP A 1 121 ? -1.620  13.771  3.278   1.00 30.35 ? 121 ASP A CG  1 
ATOM   933  O OD1 . ASP A 1 121 ? -1.395  13.656  2.056   1.00 32.41 ? 121 ASP A OD1 1 
ATOM   934  O OD2 . ASP A 1 121 ? -2.769  13.919  3.717   1.00 33.54 ? 121 ASP A OD2 1 
ATOM   935  N N   . CYS A 1 122 ? 2.995   12.327  4.348   1.00 32.05 ? 122 CYS A N   1 
ATOM   936  C CA  . CYS A 1 122 ? 4.194   12.409  5.209   1.00 35.74 ? 122 CYS A CA  1 
ATOM   937  C C   . CYS A 1 122 ? 3.845   12.570  6.679   1.00 31.77 ? 122 CYS A C   1 
ATOM   938  O O   . CYS A 1 122 ? 4.579   13.185  7.431   1.00 32.76 ? 122 CYS A O   1 
ATOM   939  C CB  . CYS A 1 122 ? 5.133   13.560  4.764   1.00 42.32 ? 122 CYS A CB  1 
ATOM   940  S SG  . CYS A 1 122 ? 5.630   13.496  3.035   1.00 56.51 ? 122 CYS A SG  1 
ATOM   941  N N   . GLN A 1 123 ? 2.722   11.992  7.104   1.00 33.11 ? 123 GLN A N   1 
ATOM   942  C CA  . GLN A 1 123 ? 2.159   12.247  8.418   1.00 34.61 ? 123 GLN A CA  1 
ATOM   943  C C   . GLN A 1 123 ? 1.836   10.974  9.218   1.00 33.71 ? 123 GLN A C   1 
ATOM   944  O O   . GLN A 1 123 ? 1.975   10.954  10.439  1.00 30.33 ? 123 GLN A O   1 
ATOM   945  C CB  . GLN A 1 123 ? 0.891   13.116  8.267   1.00 34.57 ? 123 GLN A CB  1 
ATOM   946  C CG  . GLN A 1 123 ? 0.063   13.228  9.540   1.00 35.41 ? 123 GLN A CG  1 
ATOM   947  C CD  . GLN A 1 123 ? -1.128  14.140  9.402   1.00 41.80 ? 123 GLN A CD  1 
ATOM   948  O OE1 . GLN A 1 123 ? -2.113  14.018  10.158  1.00 39.65 ? 123 GLN A OE1 1 
ATOM   949  N NE2 . GLN A 1 123 ? -1.071  15.038  8.442   1.00 35.95 ? 123 GLN A NE2 1 
ATOM   950  N N   . LYS A 1 124 ? 1.306   9.959   8.540   1.00 31.53 ? 124 LYS A N   1 
ATOM   951  C CA  . LYS A 1 124 ? 0.857   8.757   9.189   1.00 29.40 ? 124 LYS A CA  1 
ATOM   952  C C   . LYS A 1 124 ? 1.197   7.491   8.370   1.00 26.66 ? 124 LYS A C   1 
ATOM   953  O O   . LYS A 1 124 ? 1.071   7.475   7.135   1.00 28.34 ? 124 LYS A O   1 
ATOM   954  C CB  . LYS A 1 124 ? -0.631  8.863   9.398   1.00 31.85 ? 124 LYS A CB  1 
ATOM   955  C CG  . LYS A 1 124 ? -1.202  7.752   10.246  1.00 37.87 ? 124 LYS A CG  1 
ATOM   956  C CD  . LYS A 1 124 ? -2.704  7.899   10.408  1.00 39.99 ? 124 LYS A CD  1 
ATOM   957  C CE  . LYS A 1 124 ? -3.030  8.979   11.416  1.00 44.07 ? 124 LYS A CE  1 
ATOM   958  N NZ  . LYS A 1 124 ? -4.499  9.193   11.487  1.00 46.87 ? 124 LYS A NZ  1 
ATOM   959  N N   . VAL A 1 125 ? 1.628   6.455   9.077   1.00 23.93 ? 125 VAL A N   1 
ATOM   960  C CA  . VAL A 1 125 ? 2.047   5.188   8.446   1.00 25.14 ? 125 VAL A CA  1 
ATOM   961  C C   . VAL A 1 125 ? 1.227   4.098   9.047   1.00 23.48 ? 125 VAL A C   1 
ATOM   962  O O   . VAL A 1 125 ? 1.093   4.046   10.266  1.00 24.11 ? 125 VAL A O   1 
ATOM   963  C CB  . VAL A 1 125 ? 3.559   4.895   8.660   1.00 24.74 ? 125 VAL A CB  1 
ATOM   964  C CG1 . VAL A 1 125 ? 3.954   3.458   8.233   1.00 25.29 ? 125 VAL A CG1 1 
ATOM   965  C CG2 . VAL A 1 125 ? 4.433   5.922   7.946   1.00 25.36 ? 125 VAL A CG2 1 
ATOM   966  N N   . MET A 1 126 ? 0.748   3.178   8.198   1.00 23.31 ? 126 MET A N   1 
ATOM   967  C CA  . MET A 1 126 ? 0.306   1.875   8.646   1.00 23.35 ? 126 MET A CA  1 
ATOM   968  C C   . MET A 1 126 ? 1.337   0.850   8.193   1.00 22.43 ? 126 MET A C   1 
ATOM   969  O O   . MET A 1 126 ? 1.553   0.662   7.019   1.00 22.90 ? 126 MET A O   1 
ATOM   970  C CB  . MET A 1 126 ? -1.066  1.493   8.143   1.00 24.12 ? 126 MET A CB  1 
ATOM   971  C CG  . MET A 1 126 ? -1.523  0.108   8.605   1.00 22.87 ? 126 MET A CG  1 
ATOM   972  S SD  . MET A 1 126 ? -3.095  -0.428  7.873   1.00 23.71 ? 126 MET A SD  1 
ATOM   973  C CE  . MET A 1 126 ? -4.250  0.777   8.537   1.00 25.71 ? 126 MET A CE  1 
ATOM   974  N N   . TYR A 1 127 ? 1.916   0.167   9.146   1.00 20.45 ? 127 TYR A N   1 
ATOM   975  C CA  . TYR A 1 127 ? 2.978   -0.789  8.925   1.00 22.42 ? 127 TYR A CA  1 
ATOM   976  C C   . TYR A 1 127 ? 2.582   -2.082  9.600   1.00 22.08 ? 127 TYR A C   1 
ATOM   977  O O   . TYR A 1 127 ? 2.336   -2.084  10.790  1.00 23.11 ? 127 TYR A O   1 
ATOM   978  C CB  . TYR A 1 127 ? 4.304   -0.277  9.535   1.00 21.30 ? 127 TYR A CB  1 
ATOM   979  C CG  . TYR A 1 127 ? 5.432   -1.274  9.494   1.00 22.93 ? 127 TYR A CG  1 
ATOM   980  C CD1 . TYR A 1 127 ? 5.951   -1.722  8.268   1.00 23.43 ? 127 TYR A CD1 1 
ATOM   981  C CD2 . TYR A 1 127 ? 5.995   -1.784  10.670  1.00 22.23 ? 127 TYR A CD2 1 
ATOM   982  C CE1 . TYR A 1 127 ? 6.960   -2.651  8.220   1.00 23.91 ? 127 TYR A CE1 1 
ATOM   983  C CE2 . TYR A 1 127 ? 7.022   -2.741  10.622  1.00 24.64 ? 127 TYR A CE2 1 
ATOM   984  C CZ  . TYR A 1 127 ? 7.490   -3.160  9.389   1.00 24.14 ? 127 TYR A CZ  1 
ATOM   985  O OH  . TYR A 1 127 ? 8.500   -4.078  9.333   1.00 26.15 ? 127 TYR A OH  1 
ATOM   986  N N   . GLY A 1 128 ? 2.605   -3.201  8.867   1.00 21.34 ? 128 GLY A N   1 
ATOM   987  C CA  . GLY A 1 128 ? 2.303   -4.486  9.444   1.00 21.05 ? 128 GLY A CA  1 
ATOM   988  C C   . GLY A 1 128 ? 2.118   -5.586  8.424   1.00 22.56 ? 128 GLY A C   1 
ATOM   989  O O   . GLY A 1 128 ? 2.553   -5.459  7.257   1.00 22.48 ? 128 GLY A O   1 
ATOM   990  N N   . SER A 1 129 ? 1.461   -6.657  8.858   1.00 20.85 ? 129 SER A N   1 
ATOM   991  C CA  . SER A 1 129 ? 1.391   -7.901  8.065   1.00 21.57 ? 129 SER A CA  1 
ATOM   992  C C   . SER A 1 129 ? 0.137   -7.999  7.191   1.00 22.33 ? 129 SER A C   1 
ATOM   993  O O   . SER A 1 129 ? -0.054  -8.997  6.544   1.00 24.98 ? 129 SER A O   1 
ATOM   994  C CB  . SER A 1 129 ? 1.513   -9.091  8.980   1.00 21.78 ? 129 SER A CB  1 
ATOM   995  O OG  . SER A 1 129 ? 0.490   -9.122  9.974   1.00 22.64 ? 129 SER A OG  1 
ATOM   996  N N   . TYR A 1 130 ? -0.688  -6.964  7.163   1.00 21.17 ? 130 TYR A N   1 
ATOM   997  C CA  . TYR A 1 130 ? -1.925  -6.988  6.381   1.00 22.41 ? 130 TYR A CA  1 
ATOM   998  C C   . TYR A 1 130 ? -1.629  -6.635  4.897   1.00 23.52 ? 130 TYR A C   1 
ATOM   999  O O   . TYR A 1 130 ? -1.174  -5.515  4.605   1.00 22.73 ? 130 TYR A O   1 
ATOM   1000 C CB  . TYR A 1 130 ? -2.911  -6.013  6.994   1.00 23.10 ? 130 TYR A CB  1 
ATOM   1001 C CG  . TYR A 1 130 ? -4.308  -6.092  6.451   1.00 24.52 ? 130 TYR A CG  1 
ATOM   1002 C CD1 . TYR A 1 130 ? -4.654  -5.473  5.236   1.00 21.49 ? 130 TYR A CD1 1 
ATOM   1003 C CD2 . TYR A 1 130 ? -5.306  -6.743  7.164   1.00 23.29 ? 130 TYR A CD2 1 
ATOM   1004 C CE1 . TYR A 1 130 ? -5.954  -5.545  4.758   1.00 24.40 ? 130 TYR A CE1 1 
ATOM   1005 C CE2 . TYR A 1 130 ? -6.594  -6.777  6.699   1.00 25.84 ? 130 TYR A CE2 1 
ATOM   1006 C CZ  . TYR A 1 130 ? -6.908  -6.198  5.494   1.00 24.72 ? 130 TYR A CZ  1 
ATOM   1007 O OH  . TYR A 1 130 ? -8.192  -6.275  5.038   1.00 27.98 ? 130 TYR A OH  1 
ATOM   1008 N N   . SER A 1 131 ? -1.926  -7.574  3.991   1.00 23.32 ? 131 SER A N   1 
ATOM   1009 C CA  . SER A 1 131 ? -1.861  -7.384  2.533   1.00 23.35 ? 131 SER A CA  1 
ATOM   1010 C C   . SER A 1 131 ? -3.241  -7.073  1.969   1.00 22.11 ? 131 SER A C   1 
ATOM   1011 O O   . SER A 1 131 ? -4.260  -7.421  2.554   1.00 21.42 ? 131 SER A O   1 
ATOM   1012 C CB  . SER A 1 131 ? -1.296  -8.607  1.789   1.00 23.50 ? 131 SER A CB  1 
ATOM   1013 O OG  . SER A 1 131 ? -0.022  -8.957  2.207   1.00 24.08 ? 131 SER A OG  1 
ATOM   1014 N N   . TYR A 1 132 ? -3.259  -6.307  0.884   1.00 21.93 ? 132 TYR A N   1 
ATOM   1015 C CA  . TYR A 1 132 ? -4.494  -5.771  0.355   1.00 25.35 ? 132 TYR A CA  1 
ATOM   1016 C C   . TYR A 1 132 ? -5.174  -6.793  -0.552  1.00 28.17 ? 132 TYR A C   1 
ATOM   1017 O O   . TYR A 1 132 ? -5.185  -6.654  -1.795  1.00 25.84 ? 132 TYR A O   1 
ATOM   1018 C CB  . TYR A 1 132 ? -4.254  -4.476  -0.397  1.00 25.64 ? 132 TYR A CB  1 
ATOM   1019 C CG  . TYR A 1 132 ? -3.858  -3.313  0.426   1.00 25.40 ? 132 TYR A CG  1 
ATOM   1020 C CD1 . TYR A 1 132 ? -3.663  -3.390  1.837   1.00 25.39 ? 132 TYR A CD1 1 
ATOM   1021 C CD2 . TYR A 1 132 ? -3.594  -2.120  -0.191  1.00 25.03 ? 132 TYR A CD2 1 
ATOM   1022 C CE1 . TYR A 1 132 ? -3.266  -2.277  2.556   1.00 25.95 ? 132 TYR A CE1 1 
ATOM   1023 C CE2 . TYR A 1 132 ? -3.197  -1.014  0.518   1.00 23.86 ? 132 TYR A CE2 1 
ATOM   1024 C CZ  . TYR A 1 132 ? -3.021  -1.093  1.900   1.00 25.38 ? 132 TYR A CZ  1 
ATOM   1025 O OH  . TYR A 1 132 ? -2.631  0.075   2.556   1.00 25.99 ? 132 TYR A OH  1 
ATOM   1026 N N   . MET A 1 133 ? -5.738  -7.801  0.123   1.00 27.72 ? 133 MET A N   1 
ATOM   1027 C CA  . MET A 1 133 ? -6.348  -8.953  -0.479  1.00 29.50 ? 133 MET A CA  1 
ATOM   1028 C C   . MET A 1 133 ? -7.567  -9.373  0.340   1.00 29.23 ? 133 MET A C   1 
ATOM   1029 O O   . MET A 1 133 ? -7.571  -9.213  1.568   1.00 25.12 ? 133 MET A O   1 
ATOM   1030 C CB  . MET A 1 133 ? -5.393  -10.139 -0.478  1.00 29.87 ? 133 MET A CB  1 
ATOM   1031 C CG  . MET A 1 133 ? -3.985  -9.843  -0.900  1.00 33.74 ? 133 MET A CG  1 
ATOM   1032 S SD  . MET A 1 133 ? -2.962  -11.261 -0.527  1.00 36.62 ? 133 MET A SD  1 
ATOM   1033 C CE  . MET A 1 133 ? -3.744  -12.480 -1.586  1.00 34.58 ? 133 MET A CE  1 
ATOM   1034 N N   . TRP A 1 134 ? -8.566  -9.927  -0.358  1.00 28.23 ? 134 TRP A N   1 
ATOM   1035 C CA  . TRP A 1 134 ? -9.773  -10.523 0.266   1.00 33.91 ? 134 TRP A CA  1 
ATOM   1036 C C   . TRP A 1 134 ? -9.431  -11.440 1.463   1.00 28.68 ? 134 TRP A C   1 
ATOM   1037 O O   . TRP A 1 134 ? -10.081 -11.366 2.497   1.00 31.05 ? 134 TRP A O   1 
ATOM   1038 C CB  . TRP A 1 134 ? -10.650 -11.291 -0.798  1.00 41.50 ? 134 TRP A CB  1 
ATOM   1039 C CG  . TRP A 1 134 ? -10.929 -12.721 -0.414  1.00 56.00 ? 134 TRP A CG  1 
ATOM   1040 C CD1 . TRP A 1 134 ? -10.018 -13.758 -0.390  1.00 66.37 ? 134 TRP A CD1 1 
ATOM   1041 C CD2 . TRP A 1 134 ? -12.159 -13.267 0.064   1.00 62.53 ? 134 TRP A CD2 1 
ATOM   1042 N NE1 . TRP A 1 134 ? -10.601 -14.900 0.093   1.00 68.89 ? 134 TRP A NE1 1 
ATOM   1043 C CE2 . TRP A 1 134 ? -11.917 -14.641 0.366   1.00 70.18 ? 134 TRP A CE2 1 
ATOM   1044 C CE3 . TRP A 1 134 ? -13.449 -12.745 0.247   1.00 67.09 ? 134 TRP A CE3 1 
ATOM   1045 C CZ2 . TRP A 1 134 ? -12.920 -15.504 0.843   1.00 74.78 ? 134 TRP A CZ2 1 
ATOM   1046 C CZ3 . TRP A 1 134 ? -14.459 -13.606 0.712   1.00 76.31 ? 134 TRP A CZ3 1 
ATOM   1047 C CH2 . TRP A 1 134 ? -14.181 -14.977 1.010   1.00 78.99 ? 134 TRP A CH2 1 
ATOM   1048 N N   . SER A 1 135 ? -8.395  -12.260 1.320   1.00 28.00 ? 135 SER A N   1 
ATOM   1049 C CA  . SER A 1 135 ? -7.992  -13.235 2.319   1.00 30.59 ? 135 SER A CA  1 
ATOM   1050 C C   . SER A 1 135 ? -7.603  -12.616 3.665   1.00 31.01 ? 135 SER A C   1 
ATOM   1051 O O   . SER A 1 135 ? -7.810  -13.226 4.706   1.00 27.53 ? 135 SER A O   1 
ATOM   1052 C CB  . SER A 1 135 ? -6.845  -14.105 1.825   1.00 31.40 ? 135 SER A CB  1 
ATOM   1053 O OG  . SER A 1 135 ? -5.753  -13.317 1.410   1.00 30.72 ? 135 SER A OG  1 
ATOM   1054 N N   . PHE A 1 136 ? -7.059  -11.413 3.648   1.00 27.84 ? 136 PHE A N   1 
ATOM   1055 C CA  . PHE A 1 136 ? -6.759  -10.734 4.896   1.00 29.35 ? 136 PHE A CA  1 
ATOM   1056 C C   . PHE A 1 136 ? -7.970  -10.104 5.550   1.00 29.85 ? 136 PHE A C   1 
ATOM   1057 O O   . PHE A 1 136 ? -7.965  -9.852  6.732   1.00 27.52 ? 136 PHE A O   1 
ATOM   1058 C CB  . PHE A 1 136 ? -5.649  -9.713  4.697   1.00 28.03 ? 136 PHE A CB  1 
ATOM   1059 C CG  . PHE A 1 136 ? -4.308  -10.336 4.609   1.00 25.13 ? 136 PHE A CG  1 
ATOM   1060 C CD1 . PHE A 1 136 ? -3.860  -10.865 3.417   1.00 25.31 ? 136 PHE A CD1 1 
ATOM   1061 C CD2 . PHE A 1 136 ? -3.496  -10.428 5.734   1.00 23.42 ? 136 PHE A CD2 1 
ATOM   1062 C CE1 . PHE A 1 136 ? -2.608  -11.463 3.334   1.00 25.30 ? 136 PHE A CE1 1 
ATOM   1063 C CE2 . PHE A 1 136 ? -2.248  -10.983 5.647   1.00 25.24 ? 136 PHE A CE2 1 
ATOM   1064 C CZ  . PHE A 1 136 ? -1.816  -11.516 4.447   1.00 24.69 ? 136 PHE A CZ  1 
ATOM   1065 N N   . GLU A 1 137 ? -9.014  -9.834  4.799   1.00 30.75 ? 137 GLU A N   1 
ATOM   1066 C CA  . GLU A 1 137 ? -10.249 -9.365  5.414   1.00 33.30 ? 137 GLU A CA  1 
ATOM   1067 C C   . GLU A 1 137 ? -10.995 -10.582 5.997   1.00 31.95 ? 137 GLU A C   1 
ATOM   1068 O O   . GLU A 1 137 ? -11.601 -10.483 7.026   1.00 36.30 ? 137 GLU A O   1 
ATOM   1069 C CB  . GLU A 1 137 ? -11.140 -8.657  4.367   1.00 35.19 ? 137 GLU A CB  1 
ATOM   1070 C CG  . GLU A 1 137 ? -12.337 -7.944  4.973   1.00 38.72 ? 137 GLU A CG  1 
ATOM   1071 C CD  . GLU A 1 137 ? -13.362 -7.437  3.938   1.00 40.92 ? 137 GLU A CD  1 
ATOM   1072 O OE1 . GLU A 1 137 ? -13.119 -7.342  2.735   1.00 42.29 ? 137 GLU A OE1 1 
ATOM   1073 O OE2 . GLU A 1 137 ? -14.475 -7.111  4.332   1.00 43.95 ? 137 GLU A OE2 1 
ATOM   1074 N N   . LYS A 1 138 ? -10.949 -11.717 5.328   1.00 33.27 ? 138 LYS A N   1 
ATOM   1075 C CA  . LYS A 1 138 ? -11.811 -12.840 5.679   1.00 36.24 ? 138 LYS A CA  1 
ATOM   1076 C C   . LYS A 1 138 ? -11.201 -13.966 6.432   1.00 36.73 ? 138 LYS A C   1 
ATOM   1077 O O   . LYS A 1 138 ? -11.913 -14.658 7.143   1.00 37.91 ? 138 LYS A O   1 
ATOM   1078 C CB  . LYS A 1 138 ? -12.367 -13.479 4.421   1.00 41.81 ? 138 LYS A CB  1 
ATOM   1079 C CG  . LYS A 1 138 ? -13.189 -12.564 3.553   1.00 46.81 ? 138 LYS A CG  1 
ATOM   1080 C CD  . LYS A 1 138 ? -14.277 -11.817 4.286   1.00 50.29 ? 138 LYS A CD  1 
ATOM   1081 C CE  . LYS A 1 138 ? -15.157 -11.124 3.265   1.00 58.58 ? 138 LYS A CE  1 
ATOM   1082 N NZ  . LYS A 1 138 ? -16.256 -10.408 3.963   1.00 63.56 ? 138 LYS A NZ  1 
ATOM   1083 N N   . ALA A 1 139 ? -9.930  -14.240 6.177   1.00 32.31 ? 139 ALA A N   1 
ATOM   1084 C CA  . ALA A 1 139 ? -9.361  -15.518 6.555   1.00 32.13 ? 139 ALA A CA  1 
ATOM   1085 C C   . ALA A 1 139 ? -8.183  -15.403 7.508   1.00 32.44 ? 139 ALA A C   1 
ATOM   1086 O O   . ALA A 1 139 ? -8.100  -16.163 8.463   1.00 31.08 ? 139 ALA A O   1 
ATOM   1087 C CB  . ALA A 1 139 ? -8.946  -16.267 5.336   1.00 31.06 ? 139 ALA A CB  1 
ATOM   1088 N N   . HIS A 1 140 ? -7.278  -14.447 7.262   1.00 28.77 ? 140 HIS A N   1 
ATOM   1089 C CA  . HIS A 1 140 ? -5.998  -14.463 7.958   1.00 26.92 ? 140 HIS A CA  1 
ATOM   1090 C C   . HIS A 1 140 ? -6.067  -13.684 9.249   1.00 22.87 ? 140 HIS A C   1 
ATOM   1091 O O   . HIS A 1 140 ? -6.860  -12.753 9.388   1.00 24.83 ? 140 HIS A O   1 
ATOM   1092 C CB  . HIS A 1 140 ? -4.861  -13.922 7.049   1.00 27.23 ? 140 HIS A CB  1 
ATOM   1093 C CG  . HIS A 1 140 ? -4.641  -14.732 5.799   1.00 26.42 ? 140 HIS A CG  1 
ATOM   1094 N ND1 . HIS A 1 140 ? -4.766  -16.109 5.765   1.00 28.55 ? 140 HIS A ND1 1 
ATOM   1095 C CD2 . HIS A 1 140 ? -4.266  -14.365 4.548   1.00 29.13 ? 140 HIS A CD2 1 
ATOM   1096 C CE1 . HIS A 1 140 ? -4.494  -16.552 4.547   1.00 29.63 ? 140 HIS A CE1 1 
ATOM   1097 N NE2 . HIS A 1 140 ? -4.188  -15.518 3.783   1.00 28.24 ? 140 HIS A NE2 1 
ATOM   1098 N N   . LEU A 1 141 ? -5.203  -14.064 10.173  1.00 22.59 ? 141 LEU A N   1 
ATOM   1099 C CA  . LEU A 1 141 ? -4.905  -13.272 11.348  1.00 24.09 ? 141 LEU A CA  1 
ATOM   1100 C C   . LEU A 1 141 ? -3.759  -12.315 10.995  1.00 22.55 ? 141 LEU A C   1 
ATOM   1101 O O   . LEU A 1 141 ? -2.750  -12.724 10.419  1.00 22.73 ? 141 LEU A O   1 
ATOM   1102 C CB  . LEU A 1 141 ? -4.446  -14.165 12.478  1.00 23.88 ? 141 LEU A CB  1 
ATOM   1103 C CG  . LEU A 1 141 ? -5.368  -15.323 12.850  1.00 26.48 ? 141 LEU A CG  1 
ATOM   1104 C CD1 . LEU A 1 141 ? -4.751  -16.039 14.035  1.00 29.17 ? 141 LEU A CD1 1 
ATOM   1105 C CD2 . LEU A 1 141 ? -6.802  -14.895 13.125  1.00 27.93 ? 141 LEU A CD2 1 
ATOM   1106 N N   . SER A 1 142 ? -3.898  -11.061 11.374  1.00 22.53 ? 142 SER A N   1 
ATOM   1107 C CA  . SER A 1 142 ? -2.835  -10.084 11.097  1.00 22.37 ? 142 SER A CA  1 
ATOM   1108 C C   . SER A 1 142 ? -2.841  -8.965  12.131  1.00 20.80 ? 142 SER A C   1 
ATOM   1109 O O   . SER A 1 142 ? -3.721  -8.904  13.001  1.00 21.83 ? 142 SER A O   1 
ATOM   1110 C CB  . SER A 1 142 ? -2.956  -9.528  9.656   1.00 22.35 ? 142 SER A CB  1 
ATOM   1111 O OG  . SER A 1 142 ? -4.110  -8.728  9.476   1.00 24.51 ? 142 SER A OG  1 
ATOM   1112 N N   A MET A 1 143 ? -1.825  -8.113  12.040  0.44 22.14 ? 143 MET A N   1 
ATOM   1113 N N   B MET A 1 143 ? -1.826  -8.118  12.034  0.56 21.25 ? 143 MET A N   1 
ATOM   1114 C CA  A MET A 1 143 ? -1.638  -6.984  12.929  0.44 23.51 ? 143 MET A CA  1 
ATOM   1115 C CA  B MET A 1 143 ? -1.643  -6.980  12.906  0.56 22.26 ? 143 MET A CA  1 
ATOM   1116 C C   A MET A 1 143 ? -0.923  -5.871  12.181  0.44 23.58 ? 143 MET A C   1 
ATOM   1117 C C   B MET A 1 143 ? -0.959  -5.862  12.136  0.56 22.92 ? 143 MET A C   1 
ATOM   1118 O O   A MET A 1 143 ? -0.073  -6.132  11.313  0.44 22.32 ? 143 MET A O   1 
ATOM   1119 O O   B MET A 1 143 ? -0.168  -6.107  11.210  0.56 22.08 ? 143 MET A O   1 
ATOM   1120 C CB  A MET A 1 143 ? -0.817  -7.392  14.152  0.44 24.64 ? 143 MET A CB  1 
ATOM   1121 C CB  B MET A 1 143 ? -0.804  -7.376  14.117  0.56 22.20 ? 143 MET A CB  1 
ATOM   1122 C CG  A MET A 1 143 ? -0.270  -6.199  14.920  0.44 26.67 ? 143 MET A CG  1 
ATOM   1123 C CG  B MET A 1 143 ? -0.765  -6.319  15.206  0.56 23.47 ? 143 MET A CG  1 
ATOM   1124 S SD  A MET A 1 143 ? 0.518   -6.607  16.490  0.44 30.93 ? 143 MET A SD  1 
ATOM   1125 S SD  B MET A 1 143 ? 0.471   -6.679  16.457  0.56 26.03 ? 143 MET A SD  1 
ATOM   1126 C CE  A MET A 1 143 ? 2.086   -7.280  15.955  0.44 30.84 ? 143 MET A CE  1 
ATOM   1127 C CE  B MET A 1 143 ? 1.914   -5.950  15.689  0.56 22.93 ? 143 MET A CE  1 
ATOM   1128 N N   . VAL A 1 144 ? -1.239  -4.628  12.543  1.00 23.12 ? 144 VAL A N   1 
ATOM   1129 C CA  . VAL A 1 144 ? -0.498  -3.477  12.032  1.00 23.44 ? 144 VAL A CA  1 
ATOM   1130 C C   . VAL A 1 144 ? -0.262  -2.470  13.158  1.00 23.01 ? 144 VAL A C   1 
ATOM   1131 O O   . VAL A 1 144 ? -0.958  -2.448  14.151  1.00 25.36 ? 144 VAL A O   1 
ATOM   1132 C CB  . VAL A 1 144 ? -1.248  -2.735  10.882  1.00 22.41 ? 144 VAL A CB  1 
ATOM   1133 C CG1 . VAL A 1 144 ? -1.356  -3.631  9.651   1.00 23.33 ? 144 VAL A CG1 1 
ATOM   1134 C CG2 . VAL A 1 144 ? -2.615  -2.222  11.330  1.00 20.96 ? 144 VAL A CG2 1 
ATOM   1135 N N   . GLN A 1 145 ? 0.700   -1.636  12.919  1.00 22.86 ? 145 GLN A N   1 
ATOM   1136 C CA  . GLN A 1 145 ? 0.934   -0.411  13.667  1.00 23.28 ? 145 GLN A CA  1 
ATOM   1137 C C   . GLN A 1 145 ? 0.422   0.815   12.896  1.00 24.78 ? 145 GLN A C   1 
ATOM   1138 O O   . GLN A 1 145 ? 0.643   0.930   11.676  1.00 23.28 ? 145 GLN A O   1 
ATOM   1139 C CB  . GLN A 1 145 ? 2.439   -0.213  13.839  1.00 25.67 ? 145 GLN A CB  1 
ATOM   1140 C CG  . GLN A 1 145 ? 3.194   -1.351  14.517  1.00 24.36 ? 145 GLN A CG  1 
ATOM   1141 C CD  . GLN A 1 145 ? 4.684   -1.093  14.629  1.00 26.74 ? 145 GLN A CD  1 
ATOM   1142 O OE1 . GLN A 1 145 ? 5.219   -0.309  13.881  1.00 28.94 ? 145 GLN A OE1 1 
ATOM   1143 N NE2 . GLN A 1 145 ? 5.372   -1.818  15.520  1.00 26.98 ? 145 GLN A NE2 1 
ATOM   1144 N N   . ILE A 1 146 ? -0.209  1.745   13.623  1.00 23.74 ? 146 ILE A N   1 
ATOM   1145 C CA  . ILE A 1 146 ? -0.429  3.103   13.142  1.00 23.80 ? 146 ILE A CA  1 
ATOM   1146 C C   . ILE A 1 146 ? 0.670   3.963   13.768  1.00 24.10 ? 146 ILE A C   1 
ATOM   1147 O O   . ILE A 1 146 ? 0.739   4.087   14.988  1.00 24.47 ? 146 ILE A O   1 
ATOM   1148 C CB  . ILE A 1 146 ? -1.775  3.627   13.560  1.00 25.74 ? 146 ILE A CB  1 
ATOM   1149 C CG1 . ILE A 1 146 ? -2.896  2.695   13.108  1.00 26.84 ? 146 ILE A CG1 1 
ATOM   1150 C CG2 . ILE A 1 146 ? -1.964  5.021   12.994  1.00 25.98 ? 146 ILE A CG2 1 
ATOM   1151 C CD1 . ILE A 1 146 ? -2.887  2.484   11.592  1.00 27.70 ? 146 ILE A CD1 1 
ATOM   1152 N N   . ILE A 1 147 ? 1.530   4.532   12.922  1.00 24.23 ? 147 ILE A N   1 
ATOM   1153 C CA  . ILE A 1 147 ? 2.714   5.256   13.366  1.00 24.27 ? 147 ILE A CA  1 
ATOM   1154 C C   . ILE A 1 147 ? 2.549   6.732   13.003  1.00 26.72 ? 147 ILE A C   1 
ATOM   1155 O O   . ILE A 1 147 ? 2.221   7.046   11.868  1.00 23.63 ? 147 ILE A O   1 
ATOM   1156 C CB  . ILE A 1 147 ? 3.942   4.719   12.680  1.00 23.63 ? 147 ILE A CB  1 
ATOM   1157 C CG1 . ILE A 1 147 ? 4.013   3.189   12.875  1.00 22.91 ? 147 ILE A CG1 1 
ATOM   1158 C CG2 . ILE A 1 147 ? 5.200   5.423   13.183  1.00 24.71 ? 147 ILE A CG2 1 
ATOM   1159 C CD1 . ILE A 1 147 ? 5.139   2.585   12.124  1.00 23.79 ? 147 ILE A CD1 1 
ATOM   1160 N N   . THR A 1 148 ? 2.783   7.613   13.974  1.00 26.74 ? 148 THR A N   1 
ATOM   1161 C CA  . THR A 1 148 ? 2.935   9.063   13.718  1.00 27.88 ? 148 THR A CA  1 
ATOM   1162 C C   . THR A 1 148 ? 4.164   9.577   14.460  1.00 28.35 ? 148 THR A C   1 
ATOM   1163 O O   . THR A 1 148 ? 4.740   8.906   15.357  1.00 27.95 ? 148 THR A O   1 
ATOM   1164 C CB  . THR A 1 148 ? 1.729   9.880   14.224  1.00 26.40 ? 148 THR A CB  1 
ATOM   1165 O OG1 . THR A 1 148 ? 1.527   9.585   15.597  1.00 26.62 ? 148 THR A OG1 1 
ATOM   1166 C CG2 . THR A 1 148 ? 0.484   9.543   13.477  1.00 26.77 ? 148 THR A CG2 1 
ATOM   1167 N N   . GLY A 1 149 ? 4.600   10.764  14.063  1.00 28.93 ? 149 GLY A N   1 
ATOM   1168 C CA  . GLY A 1 149 ? 5.800   11.346  14.643  1.00 30.08 ? 149 GLY A CA  1 
ATOM   1169 C C   . GLY A 1 149 ? 7.079   11.049  13.915  1.00 26.84 ? 149 GLY A C   1 
ATOM   1170 O O   . GLY A 1 149 ? 7.084   10.777  12.718  1.00 26.90 ? 149 GLY A O   1 
ATOM   1171 N N   . GLN A 1 150 ? 8.177   11.061  14.664  1.00 28.93 ? 150 GLN A N   1 
ATOM   1172 C CA  . GLN A 1 150 ? 9.526   10.998  14.128  1.00 30.37 ? 150 GLN A CA  1 
ATOM   1173 C C   . GLN A 1 150 ? 9.806   9.817   13.186  1.00 28.41 ? 150 GLN A C   1 
ATOM   1174 O O   . GLN A 1 150 ? 10.445  9.985   12.114  1.00 28.64 ? 150 GLN A O   1 
ATOM   1175 C CB  . GLN A 1 150 ? 10.523  10.904  15.310  1.00 36.96 ? 150 GLN A CB  1 
ATOM   1176 C CG  . GLN A 1 150 ? 11.992  10.786  14.913  1.00 44.78 ? 150 GLN A CG  1 
ATOM   1177 C CD  . GLN A 1 150 ? 12.404  11.902  13.985  1.00 52.47 ? 150 GLN A CD  1 
ATOM   1178 O OE1 . GLN A 1 150 ? 12.133  13.073  14.267  1.00 67.14 ? 150 GLN A OE1 1 
ATOM   1179 N NE2 . GLN A 1 150 ? 13.035  11.553  12.855  1.00 58.51 ? 150 GLN A NE2 1 
ATOM   1180 N N   . LEU A 1 151 ? 9.354   8.624   13.600  1.00 25.26 ? 151 LEU A N   1 
ATOM   1181 C CA  . LEU A 1 151 ? 9.645   7.420   12.832  1.00 25.21 ? 151 LEU A CA  1 
ATOM   1182 C C   . LEU A 1 151 ? 9.018   7.481   11.405  1.00 25.88 ? 151 LEU A C   1 
ATOM   1183 O O   . LEU A 1 151 ? 9.511   6.825   10.484  1.00 25.69 ? 151 LEU A O   1 
ATOM   1184 C CB  . LEU A 1 151 ? 9.158   6.209   13.608  1.00 26.40 ? 151 LEU A CB  1 
ATOM   1185 C CG  . LEU A 1 151 ? 9.508   4.874   12.976  1.00 29.40 ? 151 LEU A CG  1 
ATOM   1186 C CD1 . LEU A 1 151 ? 10.995  4.737   12.756  1.00 27.42 ? 151 LEU A CD1 1 
ATOM   1187 C CD2 . LEU A 1 151 ? 8.930   3.786   13.854  1.00 31.14 ? 151 LEU A CD2 1 
ATOM   1188 N N   . VAL A 1 152 ? 7.995   8.308   11.206  1.00 24.78 ? 152 VAL A N   1 
ATOM   1189 C CA  . VAL A 1 152 ? 7.411   8.487   9.861   1.00 24.90 ? 152 VAL A CA  1 
ATOM   1190 C C   . VAL A 1 152 ? 8.454   8.912   8.862   1.00 26.74 ? 152 VAL A C   1 
ATOM   1191 O O   . VAL A 1 152 ? 8.418   8.483   7.686   1.00 26.77 ? 152 VAL A O   1 
ATOM   1192 C CB  . VAL A 1 152 ? 6.173   9.406   9.859   1.00 24.80 ? 152 VAL A CB  1 
ATOM   1193 C CG1 . VAL A 1 152 ? 5.677   9.701   8.455   1.00 26.65 ? 152 VAL A CG1 1 
ATOM   1194 C CG2 . VAL A 1 152 ? 5.033   8.806   10.660  1.00 25.14 ? 152 VAL A CG2 1 
ATOM   1195 N N   . GLU A 1 153 ? 9.436   9.721   9.305   1.00 28.30 ? 153 GLU A N   1 
ATOM   1196 C CA  . GLU A 1 153 ? 10.491  10.169  8.399   1.00 27.88 ? 153 GLU A CA  1 
ATOM   1197 C C   . GLU A 1 153 ? 11.324  9.015   7.922   1.00 26.38 ? 153 GLU A C   1 
ATOM   1198 O O   . GLU A 1 153 ? 11.827  9.037   6.819   1.00 25.10 ? 153 GLU A O   1 
ATOM   1199 C CB  . GLU A 1 153 ? 11.442  11.194  9.056   1.00 35.03 ? 153 GLU A CB  1 
ATOM   1200 C CG  . GLU A 1 153 ? 10.720  12.420  9.594   1.00 41.79 ? 153 GLU A CG  1 
ATOM   1201 C CD  . GLU A 1 153 ? 11.632  13.393  10.329  1.00 50.07 ? 153 GLU A CD  1 
ATOM   1202 O OE1 . GLU A 1 153 ? 12.877  13.311  10.177  1.00 47.99 ? 153 GLU A OE1 1 
ATOM   1203 O OE2 . GLU A 1 153 ? 11.064  14.226  11.077  1.00 55.99 ? 153 GLU A OE2 1 
ATOM   1204 N N   . SER A 1 154 ? 11.539  7.999   8.746   1.00 24.04 ? 154 SER A N   1 
ATOM   1205 C CA  . SER A 1 154 ? 12.323  6.850   8.259   1.00 24.72 ? 154 SER A CA  1 
ATOM   1206 C C   . SER A 1 154 ? 11.536  6.049   7.210   1.00 26.91 ? 154 SER A C   1 
ATOM   1207 O O   . SER A 1 154 ? 12.142  5.409   6.335   1.00 26.64 ? 154 SER A O   1 
ATOM   1208 C CB  . SER A 1 154 ? 12.700  5.955   9.406   1.00 27.56 ? 154 SER A CB  1 
ATOM   1209 O OG  . SER A 1 154 ? 13.276  6.746   10.422  1.00 29.48 ? 154 SER A OG  1 
ATOM   1210 N N   . PHE A 1 155 ? 10.204  6.069   7.312   1.00 25.61 ? 155 PHE A N   1 
ATOM   1211 C CA  . PHE A 1 155 ? 9.371   5.433   6.301   1.00 25.17 ? 155 PHE A CA  1 
ATOM   1212 C C   . PHE A 1 155 ? 9.408   6.188   4.974   1.00 27.88 ? 155 PHE A C   1 
ATOM   1213 O O   . PHE A 1 155 ? 9.438   5.571   3.896   1.00 27.58 ? 155 PHE A O   1 
ATOM   1214 C CB  . PHE A 1 155 ? 7.956   5.172   6.824   1.00 26.07 ? 155 PHE A CB  1 
ATOM   1215 C CG  . PHE A 1 155 ? 7.865   3.926   7.673   1.00 24.69 ? 155 PHE A CG  1 
ATOM   1216 C CD1 . PHE A 1 155 ? 7.576   2.702   7.089   1.00 24.83 ? 155 PHE A CD1 1 
ATOM   1217 C CD2 . PHE A 1 155 ? 8.078   3.969   9.041   1.00 25.96 ? 155 PHE A CD2 1 
ATOM   1218 C CE1 . PHE A 1 155 ? 7.531   1.534   7.830   1.00 25.05 ? 155 PHE A CE1 1 
ATOM   1219 C CE2 . PHE A 1 155 ? 8.022   2.796   9.788   1.00 26.68 ? 155 PHE A CE2 1 
ATOM   1220 C CZ  . PHE A 1 155 ? 7.745   1.565   9.180   1.00 24.61 ? 155 PHE A CZ  1 
ATOM   1221 N N   . ASP A 1 156 ? 9.397   7.508   5.042   1.00 28.41 ? 156 ASP A N   1 
ATOM   1222 C CA  . ASP A 1 156 ? 9.558   8.306   3.836   1.00 29.73 ? 156 ASP A CA  1 
ATOM   1223 C C   . ASP A 1 156 ? 10.878  7.984   3.139   1.00 29.93 ? 156 ASP A C   1 
ATOM   1224 O O   . ASP A 1 156 ? 10.925  7.775   1.919   1.00 26.79 ? 156 ASP A O   1 
ATOM   1225 C CB  . ASP A 1 156 ? 9.462   9.785   4.172   1.00 33.20 ? 156 ASP A CB  1 
ATOM   1226 C CG  . ASP A 1 156 ? 9.570   10.640  2.924   1.00 40.24 ? 156 ASP A CG  1 
ATOM   1227 O OD1 . ASP A 1 156 ? 8.609   10.698  2.145   1.00 47.40 ? 156 ASP A OD1 1 
ATOM   1228 O OD2 . ASP A 1 156 ? 10.636  11.184  2.689   1.00 44.14 ? 156 ASP A OD2 1 
ATOM   1229 N N   . GLU A 1 157 ? 11.954  7.940   3.919   1.00 27.08 ? 157 GLU A N   1 
ATOM   1230 C CA  . GLU A 1 157 ? 13.264  7.632   3.382   1.00 30.44 ? 157 GLU A CA  1 
ATOM   1231 C C   . GLU A 1 157 ? 13.329  6.202   2.777   1.00 30.41 ? 157 GLU A C   1 
ATOM   1232 O O   . GLU A 1 157 ? 13.943  6.004   1.724   1.00 29.81 ? 157 GLU A O   1 
ATOM   1233 C CB  . GLU A 1 157 ? 14.343  7.848   4.472   1.00 35.09 ? 157 GLU A CB  1 
ATOM   1234 C CG  . GLU A 1 157 ? 15.769  7.436   4.144   1.00 38.38 ? 157 GLU A CG  1 
ATOM   1235 C CD  . GLU A 1 157 ? 16.711  7.702   5.355   1.00 48.83 ? 157 GLU A CD  1 
ATOM   1236 O OE1 . GLU A 1 157 ? 16.877  8.868   5.764   1.00 52.07 ? 157 GLU A OE1 1 
ATOM   1237 O OE2 . GLU A 1 157 ? 17.260  6.748   5.942   1.00 54.78 ? 157 GLU A OE2 1 
ATOM   1238 N N   . GLU A 1 158 ? 12.678  5.227   3.416   1.00 27.74 ? 158 GLU A N   1 
ATOM   1239 C CA  . GLU A 1 158 ? 12.626  3.868   2.858   1.00 27.19 ? 158 GLU A CA  1 
ATOM   1240 C C   . GLU A 1 158 ? 11.808  3.845   1.560   1.00 26.39 ? 158 GLU A C   1 
ATOM   1241 O O   . GLU A 1 158 ? 12.169  3.139   0.629   1.00 27.72 ? 158 GLU A O   1 
ATOM   1242 C CB  . GLU A 1 158 ? 12.051  2.905   3.869   1.00 30.77 ? 158 GLU A CB  1 
ATOM   1243 C CG  . GLU A 1 158 ? 11.642  1.523   3.355   1.00 35.10 ? 158 GLU A CG  1 
ATOM   1244 C CD  . GLU A 1 158 ? 12.779  0.607   2.976   1.00 39.06 ? 158 GLU A CD  1 
ATOM   1245 O OE1 . GLU A 1 158 ? 13.946  1.047   2.864   1.00 37.44 ? 158 GLU A OE1 1 
ATOM   1246 O OE2 . GLU A 1 158 ? 12.470  -0.601  2.788   1.00 49.08 ? 158 GLU A OE2 1 
ATOM   1247 N N   . PHE A 1 159 ? 10.733  4.614   1.503   1.00 25.28 ? 159 PHE A N   1 
ATOM   1248 C CA  . PHE A 1 159 ? 9.900   4.651   0.298   1.00 26.44 ? 159 PHE A CA  1 
ATOM   1249 C C   . PHE A 1 159 ? 10.714  5.175   -0.884  1.00 26.88 ? 159 PHE A C   1 
ATOM   1250 O O   . PHE A 1 159 ? 10.674  4.620   -1.971  1.00 25.31 ? 159 PHE A O   1 
ATOM   1251 C CB  . PHE A 1 159 ? 8.662   5.499   0.477   1.00 26.07 ? 159 PHE A CB  1 
ATOM   1252 C CG  . PHE A 1 159 ? 7.754   5.381   -0.685  1.00 27.64 ? 159 PHE A CG  1 
ATOM   1253 C CD1 . PHE A 1 159 ? 6.985   4.235   -0.850  1.00 27.12 ? 159 PHE A CD1 1 
ATOM   1254 C CD2 . PHE A 1 159 ? 7.781   6.341   -1.701  1.00 28.06 ? 159 PHE A CD2 1 
ATOM   1255 C CE1 . PHE A 1 159 ? 6.197   4.066   -1.986  1.00 28.16 ? 159 PHE A CE1 1 
ATOM   1256 C CE2 . PHE A 1 159 ? 7.016   6.164   -2.834  1.00 27.63 ? 159 PHE A CE2 1 
ATOM   1257 C CZ  . PHE A 1 159 ? 6.210   5.051   -2.967  1.00 26.42 ? 159 PHE A CZ  1 
ATOM   1258 N N   . ARG A 1 160 ? 11.491  6.223   -0.631  1.00 29.05 ? 160 ARG A N   1 
ATOM   1259 C CA  . ARG A 1 160 ? 12.341  6.823   -1.650  1.00 29.48 ? 160 ARG A CA  1 
ATOM   1260 C C   . ARG A 1 160 ? 13.408  5.888   -2.125  1.00 27.71 ? 160 ARG A C   1 
ATOM   1261 O O   . ARG A 1 160 ? 13.653  5.810   -3.315  1.00 29.35 ? 160 ARG A O   1 
ATOM   1262 C CB  . ARG A 1 160 ? 12.952  8.123   -1.130  1.00 33.04 ? 160 ARG A CB  1 
ATOM   1263 C CG  . ARG A 1 160 ? 11.955  9.244   -1.043  1.00 35.02 ? 160 ARG A CG  1 
ATOM   1264 C CD  . ARG A 1 160 ? 12.681  10.507  -0.588  1.00 42.01 ? 160 ARG A CD  1 
ATOM   1265 N NE  . ARG A 1 160 ? 11.754  11.363  0.111   1.00 45.54 ? 160 ARG A NE  1 
ATOM   1266 C CZ  . ARG A 1 160 ? 10.921  12.242  -0.450  1.00 55.87 ? 160 ARG A CZ  1 
ATOM   1267 N NH1 . ARG A 1 160 ? 10.111  12.951  0.339   1.00 61.00 ? 160 ARG A NH1 1 
ATOM   1268 N NH2 . ARG A 1 160 ? 10.880  12.435  -1.774  1.00 60.24 ? 160 ARG A NH2 1 
ATOM   1269 N N   . THR A 1 161 ? 14.021  5.169   -1.195  1.00 26.96 ? 161 THR A N   1 
ATOM   1270 C CA  . THR A 1 161 ? 15.010  4.158   -1.503  1.00 29.63 ? 161 THR A CA  1 
ATOM   1271 C C   . THR A 1 161 ? 14.432  3.024   -2.391  1.00 27.63 ? 161 THR A C   1 
ATOM   1272 O O   . THR A 1 161 ? 15.030  2.613   -3.391  1.00 28.22 ? 161 THR A O   1 
ATOM   1273 C CB  . THR A 1 161 ? 15.523  3.576   -0.170  1.00 30.42 ? 161 THR A CB  1 
ATOM   1274 O OG1 . THR A 1 161 ? 16.001  4.657   0.643   1.00 34.89 ? 161 THR A OG1 1 
ATOM   1275 C CG2 . THR A 1 161 ? 16.623  2.613   -0.395  1.00 33.85 ? 161 THR A CG2 1 
ATOM   1276 N N   . LEU A 1 162 ? 13.260  2.526   -2.016  1.00 27.20 ? 162 LEU A N   1 
ATOM   1277 C CA  . LEU A 1 162 ? 12.619  1.489   -2.805  1.00 27.30 ? 162 LEU A CA  1 
ATOM   1278 C C   . LEU A 1 162 ? 12.233  2.036   -4.172  1.00 22.77 ? 162 LEU A C   1 
ATOM   1279 O O   . LEU A 1 162 ? 12.371  1.326   -5.162  1.00 26.61 ? 162 LEU A O   1 
ATOM   1280 C CB  . LEU A 1 162 ? 11.365  0.929   -2.091  1.00 27.52 ? 162 LEU A CB  1 
ATOM   1281 C CG  . LEU A 1 162 ? 11.644  0.159   -0.806  1.00 29.98 ? 162 LEU A CG  1 
ATOM   1282 C CD1 . LEU A 1 162 ? 10.388  -0.054  0.046   1.00 31.39 ? 162 LEU A CD1 1 
ATOM   1283 C CD2 . LEU A 1 162 ? 12.330  -1.166  -1.137  1.00 29.90 ? 162 LEU A CD2 1 
ATOM   1284 N N   . TYR A 1 163 ? 11.737  3.266   -4.194  1.00 24.36 ? 163 TYR A N   1 
ATOM   1285 C CA  . TYR A 1 163 ? 11.294  3.892   -5.418  1.00 27.61 ? 163 TYR A CA  1 
ATOM   1286 C C   . TYR A 1 163 ? 12.489  3.993   -6.361  1.00 29.00 ? 163 TYR A C   1 
ATOM   1287 O O   . TYR A 1 163 ? 12.381  3.687   -7.566  1.00 27.09 ? 163 TYR A O   1 
ATOM   1288 C CB  . TYR A 1 163 ? 10.705  5.282   -5.188  1.00 28.01 ? 163 TYR A CB  1 
ATOM   1289 C CG  . TYR A 1 163 ? 9.810   5.744   -6.331  1.00 32.99 ? 163 TYR A CG  1 
ATOM   1290 C CD1 . TYR A 1 163 ? 10.316  6.416   -7.463  1.00 38.72 ? 163 TYR A CD1 1 
ATOM   1291 C CD2 . TYR A 1 163 ? 8.455   5.454   -6.300  1.00 35.48 ? 163 TYR A CD2 1 
ATOM   1292 C CE1 . TYR A 1 163 ? 9.456   6.812   -8.512  1.00 39.94 ? 163 TYR A CE1 1 
ATOM   1293 C CE2 . TYR A 1 163 ? 7.605   5.840   -7.317  1.00 40.04 ? 163 TYR A CE2 1 
ATOM   1294 C CZ  . TYR A 1 163 ? 8.088   6.517   -8.418  1.00 40.83 ? 163 TYR A CZ  1 
ATOM   1295 O OH  . TYR A 1 163 ? 7.140   6.850   -9.369  1.00 43.81 ? 163 TYR A OH  1 
ATOM   1296 N N   . ALA A 1 164 ? 13.638  4.363   -5.792  1.00 29.64 ? 164 ALA A N   1 
ATOM   1297 C CA  . ALA A 1 164 ? 14.880  4.446   -6.594  1.00 32.46 ? 164 ALA A CA  1 
ATOM   1298 C C   . ALA A 1 164 ? 15.283  3.104   -7.227  1.00 34.50 ? 164 ALA A C   1 
ATOM   1299 O O   . ALA A 1 164 ? 15.856  3.075   -8.295  1.00 38.73 ? 164 ALA A O   1 
ATOM   1300 C CB  . ALA A 1 164 ? 16.028  4.974   -5.766  1.00 33.18 ? 164 ALA A CB  1 
ATOM   1301 N N   . ARG A 1 165 ? 14.967  1.995   -6.573  1.00 31.25 ? 165 ARG A N   1 
ATOM   1302 C CA  . ARG A 1 165 ? 15.266  0.713   -7.147  1.00 31.20 ? 165 ARG A CA  1 
ATOM   1303 C C   . ARG A 1 165 ? 14.085  -0.006  -7.862  1.00 30.61 ? 165 ARG A C   1 
ATOM   1304 O O   . ARG A 1 165 ? 14.128  -1.221  -8.090  1.00 32.29 ? 165 ARG A O   1 
ATOM   1305 C CB  . ARG A 1 165 ? 15.920  -0.158  -6.097  1.00 33.12 ? 165 ARG A CB  1 
ATOM   1306 C CG  . ARG A 1 165 ? 15.058  -0.574  -4.951  1.00 35.52 ? 165 ARG A CG  1 
ATOM   1307 C CD  . ARG A 1 165 ? 15.287  -2.028  -4.635  1.00 40.42 ? 165 ARG A CD  1 
ATOM   1308 N NE  . ARG A 1 165 ? 16.521  -2.281  -3.946  1.00 41.10 ? 165 ARG A NE  1 
ATOM   1309 C CZ  . ARG A 1 165 ? 17.272  -3.375  -4.024  1.00 40.39 ? 165 ARG A CZ  1 
ATOM   1310 N NH1 . ARG A 1 165 ? 16.980  -4.423  -4.797  1.00 42.26 ? 165 ARG A NH1 1 
ATOM   1311 N NH2 . ARG A 1 165 ? 18.362  -3.418  -3.262  1.00 46.79 ? 165 ARG A NH2 1 
ATOM   1312 N N   . SER A 1 166 ? 13.047  0.741   -8.204  1.00 27.40 ? 166 SER A N   1 
ATOM   1313 C CA  . SER A 1 166 ? 11.874  0.139   -8.850  1.00 26.02 ? 166 SER A CA  1 
ATOM   1314 C C   . SER A 1 166 ? 12.000  0.236   -10.374 1.00 27.85 ? 166 SER A C   1 
ATOM   1315 O O   . SER A 1 166 ? 12.786  1.042   -10.874 1.00 27.70 ? 166 SER A O   1 
ATOM   1316 C CB  . SER A 1 166 ? 10.609  0.804   -8.362  1.00 24.89 ? 166 SER A CB  1 
ATOM   1317 O OG  . SER A 1 166 ? 10.496  2.123   -8.806  1.00 24.84 ? 166 SER A OG  1 
ATOM   1318 N N   . CYS A 1 167 ? 11.220  -0.567  -11.090 1.00 27.23 ? 167 CYS A N   1 
ATOM   1319 C CA  . CYS A 1 167 ? 11.232  -0.597  -12.562 1.00 28.70 ? 167 CYS A CA  1 
ATOM   1320 C C   . CYS A 1 167 ? 9.837   -0.269  -13.065 1.00 30.45 ? 167 CYS A C   1 
ATOM   1321 O O   . CYS A 1 167 ? 8.838   -0.500  -12.378 1.00 25.93 ? 167 CYS A O   1 
ATOM   1322 C CB  . CYS A 1 167 ? 11.666  -1.974  -13.057 1.00 29.67 ? 167 CYS A CB  1 
ATOM   1323 S SG  . CYS A 1 167 ? 13.269  -2.513  -12.383 1.00 29.68 ? 167 CYS A SG  1 
ATOM   1324 N N   . VAL A 1 168 ? 9.763   0.255   -14.283 1.00 31.92 ? 168 VAL A N   1 
ATOM   1325 C CA  . VAL A 1 168 ? 8.471   0.420   -14.974 1.00 35.21 ? 168 VAL A CA  1 
ATOM   1326 C C   . VAL A 1 168 ? 7.972   -0.973  -15.266 1.00 35.10 ? 168 VAL A C   1 
ATOM   1327 O O   . VAL A 1 168 ? 8.737   -1.807  -15.674 1.00 35.86 ? 168 VAL A O   1 
ATOM   1328 C CB  . VAL A 1 168 ? 8.626   1.252   -16.281 1.00 40.68 ? 168 VAL A CB  1 
ATOM   1329 C CG1 . VAL A 1 168 ? 7.337   1.234   -17.105 1.00 40.50 ? 168 VAL A CG1 1 
ATOM   1330 C CG2 . VAL A 1 168 ? 9.022   2.699   -15.939 1.00 40.65 ? 168 VAL A CG2 1 
ATOM   1331 N N   . PRO A 1 169 ? 6.702   -1.276  -14.979 1.00 34.81 ? 169 PRO A N   1 
ATOM   1332 C CA  . PRO A 1 169 ? 6.286   -2.650  -15.295 1.00 39.13 ? 169 PRO A CA  1 
ATOM   1333 C C   . PRO A 1 169 ? 6.307   -2.954  -16.811 1.00 41.81 ? 169 PRO A C   1 
ATOM   1334 O O   . PRO A 1 169 ? 6.008   -2.070  -17.626 1.00 40.59 ? 169 PRO A O   1 
ATOM   1335 C CB  . PRO A 1 169 ? 4.856   -2.750  -14.733 1.00 39.86 ? 169 PRO A CB  1 
ATOM   1336 C CG  . PRO A 1 169 ? 4.642   -1.533  -13.917 1.00 36.72 ? 169 PRO A CG  1 
ATOM   1337 C CD  . PRO A 1 169 ? 5.648   -0.498  -14.303 1.00 36.90 ? 169 PRO A CD  1 
ATOM   1338 N N   . SER A 1 170 ? 6.662   -4.196  -17.139 1.00 45.15 ? 170 SER A N   1 
ATOM   1339 C CA  . SER A 1 170 ? 6.801   -4.686  -18.516 1.00 53.39 ? 170 SER A CA  1 
ATOM   1340 C C   . SER A 1 170 ? 5.630   -4.309  -19.414 1.00 55.84 ? 170 SER A C   1 
ATOM   1341 O O   . SER A 1 170 ? 5.833   -3.884  -20.530 1.00 63.54 ? 170 SER A O   1 
ATOM   1342 C CB  . SER A 1 170 ? 6.948   -6.212  -18.501 1.00 58.99 ? 170 SER A CB  1 
ATOM   1343 O OG  . SER A 1 170 ? 7.279   -6.669  -17.193 1.00 61.00 ? 170 SER A OG  1 
ATOM   1344 N N   . SER A 1 171 ? 4.412   -4.469  -18.902 1.00 62.93 ? 171 SER A N   1 
ATOM   1345 C CA  . SER A 1 171 ? 3.177   -4.062  -19.583 1.00 65.89 ? 171 SER A CA  1 
ATOM   1346 C C   . SER A 1 171 ? 3.126   -2.626  -20.057 1.00 71.58 ? 171 SER A C   1 
ATOM   1347 O O   . SER A 1 171 ? 2.574   -2.359  -21.111 1.00 76.52 ? 171 SER A O   1 
ATOM   1348 C CB  . SER A 1 171 ? 1.977   -4.266  -18.657 1.00 68.65 ? 171 SER A CB  1 
ATOM   1349 O OG  . SER A 1 171 ? 1.849   -5.634  -18.329 1.00 75.34 ? 171 SER A OG  1 
ATOM   1350 N N   . PHE A 1 172 ? 3.677   -1.701  -19.276 1.00 73.73 ? 172 PHE A N   1 
ATOM   1351 C CA  . PHE A 1 172 ? 3.455   -0.259  -19.508 1.00 74.49 ? 172 PHE A CA  1 
ATOM   1352 C C   . PHE A 1 172 ? 4.365   0.347   -20.609 1.00 83.75 ? 172 PHE A C   1 
ATOM   1353 O O   . PHE A 1 172 ? 5.597   0.219   -20.548 1.00 84.85 ? 172 PHE A O   1 
ATOM   1354 C CB  . PHE A 1 172 ? 3.619   0.507   -18.188 1.00 66.56 ? 172 PHE A CB  1 
ATOM   1355 C CG  . PHE A 1 172 ? 2.582   0.170   -17.124 1.00 61.64 ? 172 PHE A CG  1 
ATOM   1356 C CD1 . PHE A 1 172 ? 1.644   -0.869  -17.268 1.00 60.96 ? 172 PHE A CD1 1 
ATOM   1357 C CD2 . PHE A 1 172 ? 2.552   0.911   -15.941 1.00 58.03 ? 172 PHE A CD2 1 
ATOM   1358 C CE1 . PHE A 1 172 ? 0.712   -1.135  -16.273 1.00 57.26 ? 172 PHE A CE1 1 
ATOM   1359 C CE2 . PHE A 1 172 ? 1.630   0.633   -14.945 1.00 52.81 ? 172 PHE A CE2 1 
ATOM   1360 C CZ  . PHE A 1 172 ? 0.710   -0.390  -15.109 1.00 53.67 ? 172 PHE A CZ  1 
ATOM   1361 N N   . ALA A 1 173 ? 3.737   0.993   -21.604 1.00 90.43 ? 173 ALA A N   1 
ATOM   1362 C CA  . ALA A 1 173 ? 4.429   1.638   -22.738 1.00 88.30 ? 173 ALA A CA  1 
ATOM   1363 C C   . ALA A 1 173 ? 3.793   2.991   -23.042 1.00 85.97 ? 173 ALA A C   1 
ATOM   1364 O O   . ALA A 1 173 ? 4.418   4.034   -22.862 1.00 85.07 ? 173 ALA A O   1 
ATOM   1365 C CB  . ALA A 1 173 ? 4.381   0.743   -23.972 1.00 84.94 ? 173 ALA A CB  1 
HETATM 1366 C C1  . EDO B 2 .   ? -1.212  -0.643  22.092  1.00 54.37 ? 201 EDO A C1  1 
HETATM 1367 O O1  . EDO B 2 .   ? -1.658  0.007   20.900  1.00 44.13 ? 201 EDO A O1  1 
HETATM 1368 C C2  . EDO B 2 .   ? -0.519  0.406   22.952  1.00 57.51 ? 201 EDO A C2  1 
HETATM 1369 O O2  . EDO B 2 .   ? 0.383   1.137   22.118  1.00 54.44 ? 201 EDO A O2  1 
HETATM 1370 C C1  . EDO C 2 .   ? -6.977  6.596   10.803  1.00 44.14 ? 202 EDO A C1  1 
HETATM 1371 O O1  . EDO C 2 .   ? -8.099  6.989   11.585  1.00 45.78 ? 202 EDO A O1  1 
HETATM 1372 C C2  . EDO C 2 .   ? -6.050  5.868   11.744  1.00 44.65 ? 202 EDO A C2  1 
HETATM 1373 O O2  . EDO C 2 .   ? -5.363  6.861   12.511  1.00 45.74 ? 202 EDO A O2  1 
HETATM 1374 N N1  B GQA D 3 .   ? 5.104   -8.585  9.356   0.50 36.61 ? 203 GQA A N1  1 
HETATM 1375 C C4  B GQA D 3 .   ? 5.472   -6.315  9.818   0.50 36.07 ? 203 GQA A C4  1 
HETATM 1376 C C5  B GQA D 3 .   ? 5.313   -7.601  10.240  0.50 37.67 ? 203 GQA A C5  1 
HETATM 1377 C C6  B GQA D 3 .   ? 4.879   -9.949  9.839   0.50 39.58 ? 203 GQA A C6  1 
HETATM 1378 S S1  B GQA D 3 .   ? 4.817   -9.551  6.907   0.50 43.35 ? 203 GQA A S1  1 
HETATM 1379 C C1  B GQA D 3 .   ? 5.093   -8.333  8.018   0.50 35.64 ? 203 GQA A C1  1 
HETATM 1380 C C2  B GQA D 3 .   ? 5.312   -7.061  7.563   0.50 35.44 ? 203 GQA A C2  1 
HETATM 1381 O O1  B GQA D 3 .   ? 5.310   -6.860  6.250   0.50 38.42 ? 203 GQA A O1  1 
HETATM 1382 C C3  B GQA D 3 .   ? 5.528   -6.037  8.467   0.50 36.83 ? 203 GQA A C3  1 
HETATM 1383 O O   B HOH E 4 .   ? 8.948   -5.460  7.868   0.56 74.23 ? 301 HOH A O   1 
HETATM 1384 O O   . HOH E 4 .   ? 14.835  -3.423  2.317   1.00 53.81 ? 302 HOH A O   1 
HETATM 1385 O O   . HOH E 4 .   ? 13.006  8.503   11.949  1.00 48.31 ? 303 HOH A O   1 
HETATM 1386 O O   . HOH E 4 .   ? 2.144   -13.815 -10.014 1.00 61.52 ? 304 HOH A O   1 
HETATM 1387 O O   . HOH E 4 .   ? -5.971  -3.240  21.289  1.00 54.12 ? 305 HOH A O   1 
HETATM 1388 O O   . HOH E 4 .   ? -5.191  -6.405  -21.567 1.00 60.86 ? 306 HOH A O   1 
HETATM 1389 O O   . HOH E 4 .   ? 15.061  1.905   -11.326 1.00 35.95 ? 307 HOH A O   1 
HETATM 1390 O O   . HOH E 4 .   ? -5.102  5.928   14.797  1.00 46.02 ? 308 HOH A O   1 
HETATM 1391 O O   . HOH E 4 .   ? 6.812   -14.824 0.179   1.00 44.87 ? 309 HOH A O   1 
HETATM 1392 O O   . HOH E 4 .   ? -13.552 -4.307  7.518   1.00 37.46 ? 310 HOH A O   1 
HETATM 1393 O O   . HOH E 4 .   ? -1.787  -0.494  4.853   1.00 35.15 ? 311 HOH A O   1 
HETATM 1394 O O   . HOH E 4 .   ? 3.655   12.219  11.823  1.00 32.26 ? 312 HOH A O   1 
HETATM 1395 O O   . HOH E 4 .   ? 20.099  -5.029  -4.203  1.00 38.40 ? 313 HOH A O   1 
HETATM 1396 O O   . HOH E 4 .   ? 8.896   -4.786  6.577   1.00 24.60 ? 314 HOH A O   1 
HETATM 1397 O O   . HOH E 4 .   ? 13.156  -6.286  -12.623 1.00 47.97 ? 315 HOH A O   1 
HETATM 1398 O O   . HOH E 4 .   ? -9.843  -8.569  -6.905  1.00 42.64 ? 316 HOH A O   1 
HETATM 1399 O O   . HOH E 4 .   ? -8.680  -9.610  -3.071  1.00 32.07 ? 317 HOH A O   1 
HETATM 1400 O O   . HOH E 4 .   ? -15.517 -1.989  13.060  1.00 46.24 ? 318 HOH A O   1 
HETATM 1401 O O   . HOH E 4 .   ? -6.092  -12.037 -4.231  1.00 46.41 ? 319 HOH A O   1 
HETATM 1402 O O   . HOH E 4 .   ? -15.891 -0.484  -2.672  1.00 53.06 ? 320 HOH A O   1 
HETATM 1403 O O   . HOH E 4 .   ? -15.159 -4.864  3.262   1.00 51.98 ? 321 HOH A O   1 
HETATM 1404 O O   . HOH E 4 .   ? 0.886   -11.504 1.843   1.00 39.81 ? 322 HOH A O   1 
HETATM 1405 O O   . HOH E 4 .   ? 7.866   8.822   -10.912 1.00 65.57 ? 323 HOH A O   1 
HETATM 1406 O O   . HOH E 4 .   ? 1.240   10.391  -9.030  1.00 62.71 ? 324 HOH A O   1 
HETATM 1407 O O   . HOH E 4 .   ? -5.953  -10.298 8.340   1.00 24.33 ? 325 HOH A O   1 
HETATM 1408 O O   . HOH E 4 .   ? 2.293   11.818  16.747  1.00 41.87 ? 326 HOH A O   1 
HETATM 1409 O O   . HOH E 4 .   ? -13.475 3.259   6.809   1.00 39.59 ? 327 HOH A O   1 
HETATM 1410 O O   . HOH E 4 .   ? -6.241  9.166   8.720   1.00 41.85 ? 328 HOH A O   1 
HETATM 1411 O O   . HOH E 4 .   ? 2.660   -7.209  -6.467  1.00 26.84 ? 329 HOH A O   1 
HETATM 1412 O O   . HOH E 4 .   ? -6.175  -10.488 -9.439  1.00 37.79 ? 330 HOH A O   1 
HETATM 1413 O O   . HOH E 4 .   ? -10.564 8.212   -1.242  1.00 35.63 ? 331 HOH A O   1 
HETATM 1414 O O   . HOH E 4 .   ? 14.941  -4.078  -6.676  1.00 32.79 ? 332 HOH A O   1 
HETATM 1415 O O   . HOH E 4 .   ? -16.764 -1.304  16.402  1.00 36.89 ? 333 HOH A O   1 
HETATM 1416 O O   . HOH E 4 .   ? -7.101  -10.666 16.886  1.00 34.80 ? 334 HOH A O   1 
HETATM 1417 O O   . HOH E 4 .   ? -6.707  16.912  -1.411  1.00 57.74 ? 335 HOH A O   1 
HETATM 1418 O O   . HOH E 4 .   ? 9.369   -10.048 -7.150  1.00 28.37 ? 336 HOH A O   1 
HETATM 1419 O O   . HOH E 4 .   ? -0.079  5.039   -14.244 1.00 71.45 ? 337 HOH A O   1 
HETATM 1420 O O   . HOH E 4 .   ? -9.387  -5.653  12.046  1.00 25.42 ? 338 HOH A O   1 
HETATM 1421 O O   . HOH E 4 .   ? 5.204   3.546   -13.847 1.00 44.34 ? 339 HOH A O   1 
HETATM 1422 O O   . HOH E 4 .   ? 10.905  -4.633  -10.707 1.00 30.04 ? 340 HOH A O   1 
HETATM 1423 O O   . HOH E 4 .   ? 14.740  4.643   6.702   1.00 33.67 ? 341 HOH A O   1 
HETATM 1424 O O   . HOH E 4 .   ? -8.267  -6.628  2.287   1.00 32.37 ? 342 HOH A O   1 
HETATM 1425 O O   . HOH E 4 .   ? -5.030  0.948   18.856  1.00 43.03 ? 343 HOH A O   1 
HETATM 1426 O O   . HOH E 4 .   ? -8.551  2.679   13.555  1.00 24.87 ? 344 HOH A O   1 
HETATM 1427 O O   . HOH E 4 .   ? -8.185  15.091  -0.583  1.00 43.23 ? 345 HOH A O   1 
HETATM 1428 O O   . HOH E 4 .   ? -3.599  -15.042 1.063   1.00 42.05 ? 346 HOH A O   1 
HETATM 1429 O O   . HOH E 4 .   ? 0.154   6.664   15.914  1.00 40.14 ? 347 HOH A O   1 
HETATM 1430 O O   . HOH E 4 .   ? 3.737   -10.351 -11.997 1.00 40.07 ? 348 HOH A O   1 
HETATM 1431 O O   . HOH E 4 .   ? 12.257  0.641   -15.547 1.00 28.92 ? 349 HOH A O   1 
HETATM 1432 O O   . HOH E 4 .   ? 7.067   5.323   -13.555 1.00 37.22 ? 350 HOH A O   1 
HETATM 1433 O O   . HOH E 4 .   ? -5.756  16.801  -3.772  1.00 83.39 ? 351 HOH A O   1 
HETATM 1434 O O   . HOH E 4 .   ? -10.196 1.708   15.505  1.00 28.57 ? 352 HOH A O   1 
HETATM 1435 O O   . HOH E 4 .   ? 9.449   8.451   20.754  1.00 51.75 ? 353 HOH A O   1 
HETATM 1436 O O   . HOH E 4 .   ? -10.756 2.606   18.093  1.00 30.28 ? 354 HOH A O   1 
HETATM 1437 O O   . HOH E 4 .   ? -11.667 -7.316  -3.654  1.00 47.79 ? 355 HOH A O   1 
HETATM 1438 O O   . HOH E 4 .   ? -0.114  -7.412  -6.684  1.00 25.79 ? 356 HOH A O   1 
HETATM 1439 O O   . HOH E 4 .   ? 13.119  -3.733  -9.090  1.00 36.71 ? 357 HOH A O   1 
HETATM 1440 O O   . HOH E 4 .   ? 8.332   12.287  -14.080 1.00 64.62 ? 358 HOH A O   1 
HETATM 1441 O O   . HOH E 4 .   ? 24.587  -9.171  -2.757  1.00 52.06 ? 359 HOH A O   1 
HETATM 1442 O O   . HOH E 4 .   ? -5.615  9.900   -11.142 1.00 52.73 ? 360 HOH A O   1 
HETATM 1443 O O   . HOH E 4 .   ? -9.567  5.412   13.545  1.00 48.03 ? 361 HOH A O   1 
HETATM 1444 O O   . HOH E 4 .   ? 10.742  9.181   18.329  1.00 65.10 ? 362 HOH A O   1 
HETATM 1445 O O   . HOH E 4 .   ? 3.568   4.937   21.412  1.00 42.78 ? 363 HOH A O   1 
HETATM 1446 O O   . HOH E 4 .   ? -9.721  -5.854  8.229   1.00 28.60 ? 364 HOH A O   1 
HETATM 1447 O O   . HOH E 4 .   ? 3.005   10.413  2.040   1.00 33.00 ? 365 HOH A O   1 
HETATM 1448 O O   . HOH E 4 .   ? 18.858  -10.746 -9.302  1.00 33.00 ? 366 HOH A O   1 
HETATM 1449 O O   . HOH E 4 .   ? -4.339  9.626   6.558   1.00 41.82 ? 367 HOH A O   1 
HETATM 1450 O O   . HOH E 4 .   ? -0.204  -2.940  5.920   1.00 42.93 ? 368 HOH A O   1 
HETATM 1451 O O   . HOH E 4 .   ? 10.250  15.656  13.649  1.00 54.51 ? 369 HOH A O   1 
HETATM 1452 O O   . HOH E 4 .   ? 20.133  -7.244  -2.963  1.00 47.47 ? 370 HOH A O   1 
HETATM 1453 O O   . HOH E 4 .   ? 2.327   4.097   -13.806 1.00 41.45 ? 371 HOH A O   1 
HETATM 1454 O O   . HOH E 4 .   ? 5.815   10.345  0.868   1.00 55.19 ? 372 HOH A O   1 
HETATM 1455 O O   B HOH E 4 .   ? 6.232   -9.172  3.660   0.56 37.81 ? 373 HOH A O   1 
HETATM 1456 O O   . HOH E 4 .   ? -15.080 3.583   2.776   1.00 71.76 ? 374 HOH A O   1 
HETATM 1457 O O   . HOH E 4 .   ? 19.402  4.806   7.405   1.00 60.41 ? 375 HOH A O   1 
HETATM 1458 O O   . HOH E 4 .   ? 12.788  5.275   -14.750 1.00 67.34 ? 376 HOH A O   1 
HETATM 1459 O O   . HOH E 4 .   ? -9.851  -14.394 10.697  1.00 41.26 ? 377 HOH A O   1 
HETATM 1460 O O   A HOH E 4 .   ? 6.034   -13.270 3.783   0.44 30.44 ? 378 HOH A O   1 
HETATM 1461 O O   A HOH E 4 .   ? 4.805   -12.401 3.683   0.44 25.08 ? 379 HOH A O   1 
HETATM 1462 O O   . HOH E 4 .   ? 4.528   -12.398 -1.480  1.00 55.34 ? 380 HOH A O   1 
HETATM 1463 O O   . HOH E 4 .   ? -4.358  18.801  -4.463  1.00 76.56 ? 381 HOH A O   1 
HETATM 1464 O O   . HOH E 4 .   ? -14.605 1.872   4.927   1.00 47.13 ? 382 HOH A O   1 
HETATM 1465 O O   . HOH E 4 .   ? -3.349  11.967  6.910   1.00 52.36 ? 383 HOH A O   1 
HETATM 1466 O O   . HOH E 4 .   ? 4.845   -14.199 1.864   1.00 75.99 ? 384 HOH A O   1 
HETATM 1467 O O   . HOH E 4 .   ? 2.510   11.457  -10.029 1.00 53.84 ? 385 HOH A O   1 
HETATM 1468 O O   . HOH E 4 .   ? -3.932  -13.499 -5.532  1.00 53.62 ? 386 HOH A O   1 
HETATM 1469 O O   . HOH E 4 .   ? -5.876  3.677   15.185  1.00 44.36 ? 387 HOH A O   1 
HETATM 1470 O O   . HOH E 4 .   ? -14.285 -2.644  5.207   1.00 44.72 ? 388 HOH A O   1 
HETATM 1471 O O   . HOH E 4 .   ? -12.237 1.283   -9.380  1.00 48.55 ? 389 HOH A O   1 
HETATM 1472 O O   . HOH E 4 .   ? 8.707   9.133   -5.199  1.00 47.08 ? 390 HOH A O   1 
# 
